data_9BBO
#
_entry.id   9BBO
#
_cell.length_a   101.377
_cell.length_b   102.435
_cell.length_c   127.598
_cell.angle_alpha   90.00
_cell.angle_beta   106.38
_cell.angle_gamma   90.00
#
_symmetry.space_group_name_H-M   'P 1 21 1'
#
loop_
_entity.id
_entity.type
_entity.pdbx_description
1 polymer 'Trifunctional transcriptional regulator/proline dehydrogenase/L-glutamate gamma-semialdehyde dehydrogenase'
2 non-polymer 'GAMMA-L-GLUTAMIC ACID'
3 non-polymer 'SULFATE ION'
4 non-polymer 'TRIETHYLENE GLYCOL'
5 non-polymer 'FLAVIN-ADENINE DINUCLEOTIDE'
6 non-polymer DI(HYDROXYETHYL)ETHER
7 water water
#
_entity_poly.entity_id   1
_entity_poly.type   'polypeptide(L)'
_entity_poly.pdbx_seq_one_letter_code
;SMMSPNPLQKPAIDAAPAPFADFAPPVRPQSTLRRAITAAYRRPETECLPPLVEAATQSKEIRDAAASTARKLIEALRGK
HSGSGVEGLVQEYSLSSQEGVALMCLAEALLRIPDTATRDALIRDKIADGNWKSHLGGSRSLFVNAATWGLVVTGKLTST
VNDRSLAAALTRLISRCGEPVIRRGVDMAMRMMGEQFVTGETIREALKRSKELEEKGFSYSYDMLGEAATTAADAERYYR
DYESAIHAIGKASAGRGIYEGPGISIKLSALHPRYSRAQAARVMGELLPRVKALALLAKNYDIGLNIDAEEADRLELSLD
LLEVLCLDGDLSGWNGMGFVVQAYGKRCPFVLDFIIDLARRSGRRIMVRLVKGAYWDAEIKRAQLDGLADFPVFTRKIHT
DVSYIACAAKLLAATDVVFPQFATHNAQTLAAIYHMAGKDFHVGKYEFQCLHGMGEPLYEEVVGRGKLDRPCRIYAPVGT
HETLLAYLVRRLLENGANSSFVHRINDPKVSIDELIADPVEVVRAMPVVGAKHDRIALPAELFGDARTNSAGLDLSNEET
LASLTEALRESAAMKWTALPQLATGPAAGETRTVLNPGDHRDVVGSVTETSEEDARRAVRLAADAAPDWAAVPPSERAAC
LDRAAELMQARMPTLLGLIIREAGKSALNAIAEVREAIDFLRYYAEQTRRTLGPGHGPLGPIVCISPWNFPLAIFTGQIA
AALVAGNPVLAKPAEETPLIAAEGVRILREAGIPASALQLLPGDGRVGAALVAAAETAGVMFTGSTEVARLIQAQLADRL
SPAGRPIPLIAETGGQNAMIVDSSALAEQVVGDVITSAFDSAGQRCSALRVLCLQEDVADRILTMLKGALHELHIGRTDR
LSVDVGPVITSEAKDNIEKHIERMRGLGRKVEQIGLASETGVGTFVPPTIIELEKLSDLQREVFGPVLHVIRYRRDDLDR
LVDDVNATGYGLTFGLHTRLDETIAHVTSRIKAGNLYINRNIIGAVVGVQPFGGRGLSGTGPKAGGPLYLGRLVTTAPVP
PQHSSVHTDPVLLDFAKWLDGKGARAEAEAARNAGSSSALGLDLELPGPVGERNLYTLHARGRILLVPATESGLYHQLAA
ALATGNSVAIDAASGLQASLKNLPQTVGLRVSWSKDWAADGPFAGALVEGDAERIRAVNKAIAALPGPLLLVQAASSGEI
ARNPDAYCLNWLVEEVSASINTAAAGGNASLMAIG
;
_entity_poly.pdbx_strand_id   A,B
#
loop_
_chem_comp.id
_chem_comp.type
_chem_comp.name
_chem_comp.formula
FAD non-polymer 'FLAVIN-ADENINE DINUCLEOTIDE' 'C27 H33 N9 O15 P2'
GGL L-gamma-peptide, C-delta linking 'GAMMA-L-GLUTAMIC ACID' 'C5 H9 N O4'
PEG non-polymer DI(HYDROXYETHYL)ETHER 'C4 H10 O3'
PGE non-polymer 'TRIETHYLENE GLYCOL' 'C6 H14 O4'
SO4 non-polymer 'SULFATE ION' 'O4 S -2'
#
# COMPACT_ATOMS: atom_id res chain seq x y z
N PRO A 17 -47.86 -30.42 13.29
CA PRO A 17 -47.25 -29.59 14.33
C PRO A 17 -47.47 -28.10 14.09
N ALA A 18 -47.88 -27.37 15.12
CA ALA A 18 -48.20 -25.96 14.96
C ALA A 18 -46.95 -25.20 14.53
N PRO A 19 -47.07 -24.22 13.64
CA PRO A 19 -45.88 -23.49 13.17
C PRO A 19 -45.22 -22.75 14.33
N PHE A 20 -43.92 -22.97 14.46
CA PHE A 20 -43.02 -22.28 15.38
C PHE A 20 -43.32 -22.56 16.84
N ALA A 21 -44.13 -23.58 17.14
CA ALA A 21 -44.41 -23.91 18.53
C ALA A 21 -43.19 -24.45 19.26
N ASP A 22 -42.15 -24.86 18.55
CA ASP A 22 -40.95 -25.40 19.15
C ASP A 22 -39.72 -24.76 18.55
N PHE A 23 -39.82 -23.46 18.24
CA PHE A 23 -38.76 -22.81 17.47
C PHE A 23 -37.43 -22.84 18.22
N ALA A 24 -37.40 -22.30 19.44
CA ALA A 24 -36.14 -22.23 20.17
C ALA A 24 -36.36 -22.13 21.68
N PRO A 25 -37.04 -23.10 22.29
CA PRO A 25 -37.29 -23.03 23.73
C PRO A 25 -35.99 -23.10 24.51
N PRO A 26 -35.84 -22.29 25.55
CA PRO A 26 -34.59 -22.32 26.32
C PRO A 26 -34.44 -23.61 27.10
N VAL A 27 -33.18 -23.89 27.47
CA VAL A 27 -32.85 -25.10 28.23
C VAL A 27 -33.63 -25.12 29.54
N ARG A 28 -33.79 -23.98 30.18
CA ARG A 28 -34.53 -23.86 31.42
C ARG A 28 -35.17 -22.48 31.45
N PRO A 29 -36.22 -22.29 32.26
CA PRO A 29 -36.74 -20.91 32.42
C PRO A 29 -35.64 -20.02 32.96
N GLN A 30 -35.60 -18.79 32.46
CA GLN A 30 -34.52 -17.88 32.80
C GLN A 30 -34.80 -17.20 34.14
N SER A 31 -33.93 -17.44 35.13
CA SER A 31 -34.07 -16.79 36.43
C SER A 31 -33.80 -15.29 36.30
N THR A 32 -34.10 -14.58 37.39
CA THR A 32 -33.79 -13.14 37.45
C THR A 32 -32.31 -12.90 37.19
N LEU A 33 -31.44 -13.70 37.81
CA LEU A 33 -30.01 -13.55 37.59
C LEU A 33 -29.63 -13.86 36.15
N ARG A 34 -30.22 -14.89 35.56
CA ARG A 34 -29.89 -15.20 34.17
C ARG A 34 -30.38 -14.09 33.24
N ARG A 35 -31.54 -13.49 33.53
CA ARG A 35 -32.03 -12.42 32.66
C ARG A 35 -31.17 -11.17 32.74
N ALA A 36 -30.58 -10.89 33.90
CA ALA A 36 -29.68 -9.74 34.01
C ALA A 36 -28.43 -9.94 33.15
N ILE A 37 -27.97 -11.18 33.02
CA ILE A 37 -26.87 -11.48 32.11
C ILE A 37 -27.28 -11.15 30.68
N THR A 38 -28.38 -11.72 30.22
CA THR A 38 -28.78 -11.53 28.83
C THR A 38 -29.02 -10.06 28.53
N ALA A 39 -29.57 -9.33 29.50
CA ALA A 39 -29.85 -7.92 29.30
C ALA A 39 -28.60 -7.08 29.03
N ALA A 40 -27.44 -7.55 29.47
CA ALA A 40 -26.19 -6.81 29.30
C ALA A 40 -25.41 -7.18 28.06
N TYR A 41 -25.89 -8.15 27.26
CA TYR A 41 -25.12 -8.75 26.18
C TYR A 41 -24.42 -7.71 25.31
N ARG A 42 -25.18 -6.74 24.83
CA ARG A 42 -24.62 -5.72 23.94
C ARG A 42 -24.93 -4.33 24.44
N ARG A 43 -24.92 -4.17 25.77
CA ARG A 43 -25.19 -2.88 26.38
C ARG A 43 -24.18 -1.85 25.92
N PRO A 44 -24.62 -0.63 25.60
CA PRO A 44 -23.66 0.41 25.17
C PRO A 44 -22.51 0.55 26.13
N GLU A 45 -21.31 0.76 25.57
CA GLU A 45 -20.11 0.86 26.38
C GLU A 45 -20.19 2.02 27.39
N THR A 46 -20.83 3.14 27.03
CA THR A 46 -20.96 4.24 27.98
C THR A 46 -21.85 3.91 29.17
N GLU A 47 -22.73 2.92 29.03
CA GLU A 47 -23.56 2.48 30.16
C GLU A 47 -22.84 1.45 31.03
N CYS A 48 -21.92 0.67 30.45
CA CYS A 48 -21.27 -0.38 31.21
C CYS A 48 -20.24 0.18 32.17
N LEU A 49 -19.50 1.21 31.76
CA LEU A 49 -18.31 1.60 32.52
C LEU A 49 -18.57 2.26 33.87
N PRO A 50 -19.54 3.18 34.02
CA PRO A 50 -19.68 3.88 35.32
C PRO A 50 -19.81 2.94 36.51
N PRO A 51 -20.66 1.90 36.46
CA PRO A 51 -20.72 1.00 37.62
C PRO A 51 -19.44 0.21 37.84
N LEU A 52 -18.68 -0.06 36.77
CA LEU A 52 -17.39 -0.73 36.94
C LEU A 52 -16.38 0.20 37.61
N VAL A 53 -16.33 1.47 37.18
CA VAL A 53 -15.44 2.44 37.81
C VAL A 53 -15.76 2.55 39.30
N GLU A 54 -17.05 2.64 39.65
CA GLU A 54 -17.41 2.72 41.06
C GLU A 54 -16.94 1.48 41.82
N ALA A 55 -17.20 0.29 41.26
CA ALA A 55 -16.84 -0.94 41.94
C ALA A 55 -15.33 -1.11 42.06
N ALA A 56 -14.56 -0.57 41.12
CA ALA A 56 -13.10 -0.72 41.10
C ALA A 56 -12.37 0.34 41.90
N THR A 57 -13.07 1.31 42.48
CA THR A 57 -12.40 2.40 43.18
C THR A 57 -11.75 1.89 44.46
N GLN A 58 -10.52 2.37 44.72
CA GLN A 58 -9.83 2.09 45.98
C GLN A 58 -9.33 3.41 46.55
N SER A 59 -8.98 3.38 47.84
CA SER A 59 -8.54 4.58 48.53
C SER A 59 -7.24 5.11 47.93
N LYS A 60 -6.95 6.39 48.19
CA LYS A 60 -5.71 6.97 47.72
C LYS A 60 -4.51 6.23 48.30
N GLU A 61 -4.59 5.84 49.57
CA GLU A 61 -3.49 5.12 50.20
C GLU A 61 -3.24 3.78 49.51
N ILE A 62 -4.29 3.05 49.18
CA ILE A 62 -4.10 1.74 48.52
C ILE A 62 -3.54 1.94 47.12
N ARG A 63 -4.03 2.93 46.38
CA ARG A 63 -3.54 3.18 45.04
C ARG A 63 -2.06 3.51 45.03
N ASP A 64 -1.61 4.33 45.99
CA ASP A 64 -0.18 4.60 46.10
C ASP A 64 0.59 3.33 46.43
N ALA A 65 0.07 2.52 47.37
CA ALA A 65 0.72 1.27 47.70
C ALA A 65 0.74 0.33 46.51
N ALA A 66 -0.35 0.31 45.72
CA ALA A 66 -0.41 -0.58 44.57
C ALA A 66 0.56 -0.14 43.49
N ALA A 67 0.63 1.17 43.22
CA ALA A 67 1.58 1.66 42.24
C ALA A 67 3.01 1.35 42.68
N SER A 68 3.30 1.47 43.98
CA SER A 68 4.62 1.14 44.47
C SER A 68 4.94 -0.34 44.25
N THR A 69 4.00 -1.23 44.56
CA THR A 69 4.22 -2.65 44.33
C THR A 69 4.39 -2.96 42.85
N ALA A 70 3.56 -2.33 42.00
CA ALA A 70 3.68 -2.55 40.56
C ALA A 70 5.03 -2.07 40.04
N ARG A 71 5.49 -0.92 40.51
CA ARG A 71 6.80 -0.43 40.10
C ARG A 71 7.90 -1.43 40.48
N LYS A 72 7.82 -1.96 41.71
CA LYS A 72 8.83 -2.92 42.17
C LYS A 72 8.84 -4.17 41.28
N LEU A 73 7.67 -4.70 40.96
CA LEU A 73 7.60 -5.88 40.09
C LEU A 73 8.17 -5.58 38.71
N ILE A 74 7.86 -4.41 38.15
CA ILE A 74 8.28 -4.08 36.80
C ILE A 74 9.78 -3.83 36.74
N GLU A 75 10.32 -3.17 37.77
CA GLU A 75 11.77 -2.99 37.83
C GLU A 75 12.49 -4.33 37.89
N ALA A 76 11.91 -5.31 38.60
CA ALA A 76 12.50 -6.64 38.63
C ALA A 76 12.41 -7.32 37.27
N LEU A 77 11.27 -7.19 36.59
CA LEU A 77 11.11 -7.81 35.27
C LEU A 77 12.11 -7.26 34.27
N ARG A 78 12.27 -5.94 34.24
CA ARG A 78 13.18 -5.32 33.29
C ARG A 78 14.64 -5.52 33.66
N GLY A 79 14.92 -5.78 34.94
CA GLY A 79 16.30 -5.96 35.37
C GLY A 79 16.87 -7.34 35.11
N LYS A 80 16.04 -8.36 35.01
CA LYS A 80 16.50 -9.70 34.74
C LYS A 80 16.20 -10.16 33.33
N HIS A 81 15.57 -9.31 32.51
CA HIS A 81 15.22 -9.71 31.16
C HIS A 81 16.46 -9.78 30.28
N SER A 82 16.63 -10.91 29.60
CA SER A 82 17.70 -11.11 28.63
C SER A 82 17.11 -11.28 27.24
N GLY A 83 17.99 -11.30 26.24
CA GLY A 83 17.54 -11.54 24.88
C GLY A 83 17.08 -12.98 24.70
N SER A 84 16.04 -13.16 23.90
CA SER A 84 15.49 -14.48 23.68
C SER A 84 16.47 -15.35 22.89
N GLY A 85 16.16 -16.64 22.81
CA GLY A 85 16.98 -17.55 22.04
C GLY A 85 16.95 -17.22 20.56
N VAL A 86 15.76 -16.92 20.02
CA VAL A 86 15.64 -16.63 18.59
C VAL A 86 16.41 -15.36 18.25
N GLU A 87 16.33 -14.34 19.10
CA GLU A 87 17.08 -13.12 18.87
C GLU A 87 18.57 -13.37 18.86
N GLY A 88 19.06 -14.21 19.77
CA GLY A 88 20.48 -14.52 19.79
C GLY A 88 20.92 -15.28 18.56
N LEU A 89 20.04 -16.11 18.02
CA LEU A 89 20.35 -16.84 16.79
C LEU A 89 20.41 -15.90 15.60
N VAL A 90 19.40 -15.03 15.48
CA VAL A 90 19.40 -14.01 14.45
C VAL A 90 20.66 -13.15 14.54
N GLN A 91 21.07 -12.79 15.75
CA GLN A 91 22.28 -11.99 15.93
C GLN A 91 23.52 -12.76 15.50
N GLU A 92 23.66 -14.00 15.97
CA GLU A 92 24.90 -14.74 15.74
C GLU A 92 25.17 -14.91 14.25
N TYR A 93 24.14 -15.21 13.46
CA TYR A 93 24.32 -15.52 12.05
C TYR A 93 23.89 -14.37 11.14
N SER A 94 23.66 -13.17 11.70
CA SER A 94 23.31 -11.97 10.92
C SER A 94 22.12 -12.24 10.01
N LEU A 95 21.10 -12.88 10.56
CA LEU A 95 19.92 -13.24 9.78
C LEU A 95 19.01 -12.04 9.57
N SER A 96 18.48 -11.91 8.36
CA SER A 96 17.34 -11.05 8.16
C SER A 96 16.09 -11.67 8.81
N SER A 97 15.02 -10.87 8.90
CA SER A 97 13.77 -11.40 9.43
C SER A 97 13.29 -12.59 8.61
N GLN A 98 13.29 -12.46 7.29
CA GLN A 98 12.79 -13.57 6.49
C GLN A 98 13.69 -14.79 6.62
N GLU A 99 15.01 -14.59 6.76
CA GLU A 99 15.90 -15.73 7.00
C GLU A 99 15.58 -16.39 8.33
N GLY A 100 15.32 -15.60 9.37
CA GLY A 100 14.97 -16.20 10.66
C GLY A 100 13.70 -17.02 10.57
N VAL A 101 12.68 -16.47 9.91
CA VAL A 101 11.43 -17.20 9.74
C VAL A 101 11.66 -18.48 8.95
N ALA A 102 12.38 -18.38 7.83
CA ALA A 102 12.64 -19.55 6.99
C ALA A 102 13.38 -20.62 7.75
N LEU A 103 14.38 -20.21 8.55
CA LEU A 103 15.16 -21.18 9.33
C LEU A 103 14.26 -21.91 10.30
N MET A 104 13.37 -21.19 10.99
CA MET A 104 12.50 -21.88 11.95
C MET A 104 11.51 -22.80 11.24
N CYS A 105 11.05 -22.42 10.04
CA CYS A 105 10.21 -23.33 9.26
C CYS A 105 10.97 -24.60 8.88
N LEU A 106 12.22 -24.45 8.44
CA LEU A 106 13.04 -25.63 8.13
C LEU A 106 13.22 -26.50 9.36
N ALA A 107 13.54 -25.87 10.50
CA ALA A 107 13.71 -26.63 11.72
C ALA A 107 12.44 -27.40 12.08
N GLU A 108 11.28 -26.73 11.97
CA GLU A 108 10.01 -27.41 12.20
C GLU A 108 9.86 -28.64 11.31
N ALA A 109 10.18 -28.50 10.02
CA ALA A 109 10.06 -29.62 9.08
C ALA A 109 11.02 -30.74 9.42
N LEU A 110 12.27 -30.41 9.78
CA LEU A 110 13.22 -31.44 10.17
C LEU A 110 12.77 -32.19 11.42
N LEU A 111 12.07 -31.51 12.32
CA LEU A 111 11.55 -32.17 13.52
C LEU A 111 10.33 -33.04 13.22
N ARG A 112 9.76 -32.96 12.01
CA ARG A 112 8.75 -33.93 11.62
C ARG A 112 9.36 -35.28 11.28
N ILE A 113 10.68 -35.36 11.15
CA ILE A 113 11.41 -36.62 10.99
C ILE A 113 11.63 -37.22 12.37
N PRO A 114 11.00 -38.36 12.70
CA PRO A 114 10.98 -38.81 14.10
C PRO A 114 12.33 -39.32 14.60
N ASP A 115 13.08 -40.02 13.76
CA ASP A 115 14.34 -40.61 14.21
C ASP A 115 15.46 -39.58 14.18
N THR A 116 16.17 -39.45 15.31
CA THR A 116 17.19 -38.42 15.42
C THR A 116 18.34 -38.64 14.46
N ALA A 117 18.89 -39.87 14.41
CA ALA A 117 20.03 -40.13 13.55
C ALA A 117 19.69 -39.89 12.08
N THR A 118 18.49 -40.27 11.66
CA THR A 118 18.07 -40.02 10.28
C THR A 118 18.05 -38.53 9.99
N ARG A 119 17.43 -37.76 10.89
CA ARG A 119 17.37 -36.30 10.73
C ARG A 119 18.77 -35.70 10.62
N ASP A 120 19.67 -36.09 11.53
CA ASP A 120 21.01 -35.53 11.53
C ASP A 120 21.78 -35.91 10.27
N ALA A 121 21.53 -37.11 9.73
CA ALA A 121 22.17 -37.50 8.48
C ALA A 121 21.66 -36.65 7.33
N LEU A 122 20.35 -36.38 7.30
CA LEU A 122 19.80 -35.55 6.24
C LEU A 122 20.38 -34.15 6.28
N ILE A 123 20.54 -33.59 7.48
CA ILE A 123 21.11 -32.25 7.62
C ILE A 123 22.55 -32.24 7.10
N ARG A 124 23.38 -33.18 7.57
CA ARG A 124 24.79 -33.14 7.24
C ARG A 124 25.04 -33.48 5.78
N ASP A 125 24.26 -34.41 5.22
CA ASP A 125 24.58 -34.98 3.92
C ASP A 125 23.74 -34.43 2.77
N LYS A 126 22.62 -33.77 3.06
CA LYS A 126 21.73 -33.33 1.98
C LYS A 126 21.34 -31.86 2.11
N ILE A 127 20.90 -31.45 3.31
CA ILE A 127 20.38 -30.10 3.48
C ILE A 127 21.50 -29.06 3.41
N ALA A 128 22.59 -29.31 4.14
CA ALA A 128 23.63 -28.28 4.30
C ALA A 128 24.41 -28.10 3.01
N ASP A 129 24.69 -29.20 2.30
CA ASP A 129 25.59 -29.18 1.15
C ASP A 129 24.94 -28.62 -0.11
N GLY A 130 23.63 -28.41 -0.11
CA GLY A 130 23.01 -27.80 -1.27
C GLY A 130 21.52 -27.58 -1.17
N ASN A 131 20.79 -28.13 -2.14
CA ASN A 131 19.37 -27.87 -2.28
C ASN A 131 18.58 -28.61 -1.21
N TRP A 132 17.94 -27.85 -0.33
CA TRP A 132 16.97 -28.41 0.60
C TRP A 132 15.69 -28.83 -0.09
N LYS A 133 15.42 -28.28 -1.28
CA LYS A 133 14.12 -28.50 -1.93
C LYS A 133 13.94 -29.95 -2.34
N SER A 134 15.00 -30.59 -2.83
CA SER A 134 14.90 -31.97 -3.28
C SER A 134 14.64 -32.96 -2.15
N HIS A 135 14.86 -32.55 -0.90
CA HIS A 135 14.79 -33.47 0.22
C HIS A 135 13.66 -33.20 1.19
N LEU A 136 13.05 -32.02 1.14
CA LEU A 136 11.95 -31.68 2.03
C LEU A 136 10.99 -30.75 1.30
N GLY A 137 9.80 -30.59 1.87
CA GLY A 137 8.87 -29.61 1.35
C GLY A 137 8.22 -29.96 0.04
N GLY A 138 8.07 -31.26 -0.25
CA GLY A 138 7.42 -31.68 -1.48
C GLY A 138 5.92 -31.46 -1.49
N SER A 139 5.17 -32.43 -0.98
CA SER A 139 3.71 -32.30 -0.93
C SER A 139 3.26 -31.20 0.01
N ARG A 140 4.08 -30.85 1.00
CA ARG A 140 3.73 -29.83 1.98
C ARG A 140 4.82 -28.77 1.96
N SER A 141 4.44 -27.53 1.71
CA SER A 141 5.40 -26.43 1.77
C SER A 141 6.11 -26.44 3.11
N LEU A 142 7.41 -26.15 3.09
CA LEU A 142 8.11 -25.94 4.35
CA LEU A 142 8.12 -25.93 4.35
C LEU A 142 7.50 -24.82 5.17
N PHE A 143 6.82 -23.89 4.53
CA PHE A 143 6.46 -22.62 5.14
C PHE A 143 5.00 -22.52 5.53
N VAL A 144 4.31 -23.66 5.70
CA VAL A 144 2.89 -23.69 6.03
CA VAL A 144 2.89 -23.63 5.99
C VAL A 144 2.60 -22.86 7.28
N ASN A 145 3.48 -22.94 8.28
CA ASN A 145 3.26 -22.24 9.53
C ASN A 145 4.10 -20.98 9.66
N ALA A 146 4.54 -20.40 8.54
CA ALA A 146 5.41 -19.24 8.62
C ALA A 146 4.72 -18.01 9.22
N ALA A 147 3.39 -17.92 9.21
CA ALA A 147 2.77 -16.78 9.90
C ALA A 147 3.02 -16.86 11.39
N THR A 148 3.03 -18.08 11.93
CA THR A 148 3.33 -18.28 13.34
C THR A 148 4.78 -17.93 13.64
N TRP A 149 5.71 -18.49 12.86
CA TRP A 149 7.11 -18.17 13.10
C TRP A 149 7.42 -16.71 12.83
N GLY A 150 6.67 -16.08 11.91
CA GLY A 150 6.81 -14.65 11.73
C GLY A 150 6.49 -13.88 13.00
N LEU A 151 5.43 -14.30 13.73
CA LEU A 151 5.15 -13.67 15.02
C LEU A 151 6.29 -13.89 16.00
N VAL A 152 6.84 -15.10 16.05
CA VAL A 152 7.92 -15.40 16.98
C VAL A 152 9.15 -14.56 16.68
N VAL A 153 9.49 -14.41 15.39
CA VAL A 153 10.73 -13.75 15.01
C VAL A 153 10.59 -12.23 15.03
N THR A 154 9.48 -11.71 14.50
CA THR A 154 9.33 -10.28 14.26
C THR A 154 8.35 -9.60 15.20
N GLY A 155 7.51 -10.36 15.89
CA GLY A 155 6.42 -9.77 16.65
C GLY A 155 5.26 -9.27 15.83
N LYS A 156 5.32 -9.41 14.51
CA LYS A 156 4.27 -8.92 13.62
C LYS A 156 3.58 -10.10 12.96
N LEU A 157 2.26 -9.98 12.81
CA LEU A 157 1.45 -10.98 12.15
C LEU A 157 1.25 -10.60 10.69
N THR A 158 1.65 -11.49 9.79
CA THR A 158 1.35 -11.41 8.36
C THR A 158 0.48 -12.62 8.01
N SER A 159 -0.76 -12.36 7.55
CA SER A 159 -1.79 -13.41 7.45
C SER A 159 -1.46 -14.50 6.44
N THR A 160 -0.80 -14.17 5.33
CA THR A 160 -0.40 -15.18 4.36
C THR A 160 1.11 -15.18 4.26
N VAL A 161 1.63 -16.24 3.65
CA VAL A 161 3.05 -16.57 3.67
C VAL A 161 3.66 -16.23 2.31
N ASN A 162 4.70 -15.40 2.28
CA ASN A 162 5.40 -15.19 1.02
C ASN A 162 6.40 -16.32 0.86
N ASP A 163 5.94 -17.44 0.29
CA ASP A 163 6.78 -18.62 0.26
C ASP A 163 7.93 -18.51 -0.74
N ARG A 164 7.83 -17.61 -1.72
CA ARG A 164 8.98 -17.42 -2.61
C ARG A 164 10.08 -16.63 -1.92
N SER A 165 9.69 -15.61 -1.13
CA SER A 165 10.66 -14.87 -0.33
C SER A 165 11.34 -15.78 0.69
N LEU A 166 10.56 -16.64 1.36
CA LEU A 166 11.16 -17.54 2.34
C LEU A 166 12.06 -18.58 1.69
N ALA A 167 11.68 -19.08 0.50
CA ALA A 167 12.56 -20.04 -0.17
C ALA A 167 13.88 -19.39 -0.54
N ALA A 168 13.82 -18.17 -1.08
CA ALA A 168 15.05 -17.45 -1.41
C ALA A 168 15.90 -17.22 -0.16
N ALA A 169 15.25 -16.84 0.94
CA ALA A 169 15.97 -16.58 2.18
C ALA A 169 16.62 -17.85 2.74
N LEU A 170 15.92 -18.98 2.63
CA LEU A 170 16.49 -20.22 3.16
C LEU A 170 17.68 -20.68 2.34
N THR A 171 17.56 -20.60 1.01
CA THR A 171 18.71 -20.89 0.14
C THR A 171 19.88 -19.99 0.48
N ARG A 172 19.60 -18.70 0.64
CA ARG A 172 20.68 -17.75 0.94
C ARG A 172 21.35 -18.07 2.26
N LEU A 173 20.57 -18.32 3.33
CA LEU A 173 21.21 -18.52 4.62
C LEU A 173 21.95 -19.85 4.68
N ILE A 174 21.42 -20.89 4.03
CA ILE A 174 22.14 -22.17 4.05
C ILE A 174 23.43 -22.07 3.24
N SER A 175 23.36 -21.43 2.07
CA SER A 175 24.57 -21.30 1.24
C SER A 175 25.60 -20.41 1.90
N ARG A 176 25.17 -19.50 2.78
CA ARG A 176 26.10 -18.61 3.47
C ARG A 176 26.69 -19.27 4.70
N CYS A 177 25.86 -19.95 5.51
CA CYS A 177 26.24 -20.37 6.84
C CYS A 177 26.28 -21.88 7.04
N GLY A 178 25.62 -22.66 6.19
CA GLY A 178 25.83 -24.10 6.25
C GLY A 178 25.18 -24.82 7.42
N GLU A 179 25.69 -26.03 7.65
CA GLU A 179 25.18 -26.89 8.72
C GLU A 179 25.13 -26.21 10.09
N PRO A 180 26.12 -25.43 10.54
CA PRO A 180 26.02 -24.84 11.87
C PRO A 180 24.75 -24.04 12.11
N VAL A 181 24.27 -23.29 11.13
CA VAL A 181 23.05 -22.53 11.39
C VAL A 181 21.82 -23.43 11.40
N ILE A 182 21.82 -24.49 10.57
CA ILE A 182 20.71 -25.45 10.58
C ILE A 182 20.66 -26.14 11.93
N ARG A 183 21.83 -26.54 12.44
CA ARG A 183 21.89 -27.19 13.75
C ARG A 183 21.30 -26.29 14.83
N ARG A 184 21.70 -25.02 14.85
CA ARG A 184 21.19 -24.12 15.87
C ARG A 184 19.69 -23.89 15.72
N GLY A 185 19.20 -23.80 14.47
CA GLY A 185 17.77 -23.65 14.26
C GLY A 185 16.97 -24.85 14.76
N VAL A 186 17.45 -26.05 14.47
CA VAL A 186 16.76 -27.27 14.90
C VAL A 186 16.72 -27.34 16.43
N ASP A 187 17.85 -27.07 17.07
CA ASP A 187 17.90 -27.13 18.53
C ASP A 187 16.99 -26.09 19.16
N MET A 188 16.92 -24.90 18.54
CA MET A 188 16.06 -23.84 19.07
C MET A 188 14.59 -24.21 18.92
N ALA A 189 14.19 -24.67 17.74
CA ALA A 189 12.80 -25.06 17.54
C ALA A 189 12.42 -26.22 18.45
N MET A 190 13.35 -27.16 18.66
CA MET A 190 13.08 -28.29 19.55
C MET A 190 12.79 -27.80 20.96
N ARG A 191 13.60 -26.88 21.48
CA ARG A 191 13.37 -26.34 22.81
C ARG A 191 12.05 -25.58 22.86
N MET A 192 11.81 -24.70 21.89
CA MET A 192 10.60 -23.88 21.94
C MET A 192 9.35 -24.74 21.85
N MET A 193 9.33 -25.69 20.94
CA MET A 193 8.12 -26.47 20.74
C MET A 193 7.97 -27.60 21.73
N GLY A 194 9.02 -27.94 22.48
CA GLY A 194 8.90 -29.01 23.46
C GLY A 194 8.85 -28.52 24.89
N GLU A 195 9.31 -27.30 25.14
CA GLU A 195 9.51 -26.81 26.51
C GLU A 195 8.96 -25.41 26.79
N GLN A 196 8.68 -24.60 25.76
CA GLN A 196 8.22 -23.23 25.97
C GLN A 196 6.75 -23.07 25.58
N PHE A 197 6.40 -23.41 24.35
CA PHE A 197 5.01 -23.31 23.95
C PHE A 197 4.15 -24.37 24.60
N VAL A 198 4.78 -25.44 25.08
CA VAL A 198 4.11 -26.44 25.90
C VAL A 198 5.00 -26.74 27.09
N THR A 199 4.37 -27.20 28.16
CA THR A 199 5.14 -27.72 29.29
C THR A 199 5.74 -29.06 28.95
N GLY A 200 5.02 -29.86 28.16
CA GLY A 200 5.55 -31.11 27.66
C GLY A 200 4.70 -31.59 26.50
N GLU A 201 5.28 -32.53 25.75
CA GLU A 201 4.58 -33.12 24.60
C GLU A 201 3.42 -34.00 25.05
N THR A 202 3.58 -34.66 26.18
CA THR A 202 2.60 -35.56 26.77
C THR A 202 2.36 -35.16 28.21
N ILE A 203 1.26 -35.65 28.77
CA ILE A 203 0.95 -35.28 30.15
C ILE A 203 2.01 -35.83 31.10
N ARG A 204 2.57 -37.01 30.80
CA ARG A 204 3.62 -37.56 31.66
C ARG A 204 4.87 -36.69 31.65
N GLU A 205 5.28 -36.23 30.47
CA GLU A 205 6.40 -35.32 30.37
C GLU A 205 6.12 -34.01 31.08
N ALA A 206 4.90 -33.48 30.91
CA ALA A 206 4.54 -32.22 31.54
C ALA A 206 4.57 -32.34 33.05
N LEU A 207 4.02 -33.44 33.57
CA LEU A 207 4.02 -33.64 35.02
C LEU A 207 5.44 -33.71 35.57
N LYS A 208 6.34 -34.42 34.87
CA LYS A 208 7.72 -34.55 35.33
C LYS A 208 8.39 -33.18 35.44
N ARG A 209 8.11 -32.29 34.49
CA ARG A 209 8.71 -30.97 34.47
C ARG A 209 8.03 -29.97 35.39
N SER A 210 6.95 -30.38 36.06
CA SER A 210 6.22 -29.47 36.93
C SER A 210 6.73 -29.46 38.36
N LYS A 211 7.51 -30.48 38.75
CA LYS A 211 7.91 -30.62 40.14
C LYS A 211 8.80 -29.46 40.60
N GLU A 212 9.62 -28.92 39.70
CA GLU A 212 10.56 -27.86 40.07
C GLU A 212 9.83 -26.65 40.64
N LEU A 213 8.83 -26.13 39.93
CA LEU A 213 8.13 -24.95 40.40
C LEU A 213 7.08 -25.28 41.46
N GLU A 214 6.57 -26.51 41.49
CA GLU A 214 5.68 -26.87 42.59
C GLU A 214 6.39 -26.81 43.93
N GLU A 215 7.66 -27.21 43.97
CA GLU A 215 8.44 -27.14 45.20
C GLU A 215 8.69 -25.70 45.63
N LYS A 216 8.53 -24.74 44.73
CA LYS A 216 8.68 -23.33 45.04
C LYS A 216 7.36 -22.66 45.42
N GLY A 217 6.24 -23.39 45.36
CA GLY A 217 4.95 -22.86 45.72
C GLY A 217 4.00 -22.60 44.57
N PHE A 218 4.39 -22.91 43.34
CA PHE A 218 3.46 -22.85 42.23
C PHE A 218 2.57 -24.09 42.22
N SER A 219 1.44 -23.98 41.54
CA SER A 219 0.59 -25.12 41.22
C SER A 219 0.37 -25.13 39.71
N TYR A 220 -0.34 -26.14 39.20
CA TYR A 220 -0.52 -26.31 37.77
C TYR A 220 -1.97 -26.63 37.41
N SER A 221 -2.38 -26.17 36.22
CA SER A 221 -3.60 -26.62 35.55
C SER A 221 -3.24 -26.96 34.12
N TYR A 222 -3.43 -28.20 33.71
CA TYR A 222 -2.95 -28.63 32.39
C TYR A 222 -4.00 -28.39 31.32
N ASP A 223 -3.57 -27.77 30.23
CA ASP A 223 -4.38 -27.42 29.06
C ASP A 223 -4.03 -28.41 27.96
N MET A 224 -4.95 -29.32 27.65
CA MET A 224 -4.66 -30.37 26.68
C MET A 224 -4.83 -29.89 25.23
N LEU A 225 -5.09 -28.60 25.00
CA LEU A 225 -4.96 -27.93 23.71
C LEU A 225 -6.02 -28.36 22.69
N GLY A 226 -6.98 -29.19 23.06
CA GLY A 226 -8.05 -29.54 22.13
C GLY A 226 -9.13 -28.48 22.09
N GLU A 227 -9.69 -28.27 20.91
CA GLU A 227 -10.83 -27.39 20.76
C GLU A 227 -11.47 -27.61 19.40
N ALA A 228 -12.71 -27.13 19.28
CA ALA A 228 -13.41 -27.05 18.00
C ALA A 228 -13.45 -28.41 17.30
N ALA A 229 -14.01 -29.40 18.00
CA ALA A 229 -14.29 -30.69 17.37
C ALA A 229 -15.14 -30.48 16.12
N THR A 230 -14.79 -31.17 15.04
CA THR A 230 -15.52 -31.09 13.77
C THR A 230 -16.40 -32.31 13.52
N THR A 231 -16.04 -33.47 14.10
CA THR A 231 -16.74 -34.72 13.90
C THR A 231 -16.96 -35.39 15.24
N ALA A 232 -17.86 -36.37 15.25
CA ALA A 232 -18.05 -37.18 16.44
C ALA A 232 -16.76 -37.87 16.84
N ALA A 233 -16.00 -38.35 15.86
CA ALA A 233 -14.74 -39.05 16.20
C ALA A 233 -13.74 -38.10 16.83
N ASP A 234 -13.67 -36.85 16.37
CA ASP A 234 -12.79 -35.86 16.99
C ASP A 234 -13.18 -35.67 18.45
N ALA A 235 -14.48 -35.51 18.69
CA ALA A 235 -14.93 -35.24 20.05
C ALA A 235 -14.61 -36.41 20.95
N GLU A 236 -14.78 -37.63 20.43
CA GLU A 236 -14.44 -38.81 21.22
C GLU A 236 -12.94 -38.89 21.48
N ARG A 237 -12.12 -38.48 20.51
CA ARG A 237 -10.67 -38.43 20.72
C ARG A 237 -10.32 -37.43 21.81
N TYR A 238 -10.89 -36.24 21.78
CA TYR A 238 -10.60 -35.26 22.83
C TYR A 238 -11.10 -35.77 24.18
N TYR A 239 -12.25 -36.45 24.20
CA TYR A 239 -12.76 -37.00 25.46
C TYR A 239 -11.78 -38.00 26.05
N ARG A 240 -11.37 -39.00 25.26
CA ARG A 240 -10.50 -40.02 25.87
C ARG A 240 -9.14 -39.42 26.22
N ASP A 241 -8.72 -38.36 25.53
CA ASP A 241 -7.50 -37.65 25.92
C ASP A 241 -7.66 -36.95 27.27
N TYR A 242 -8.79 -36.27 27.49
CA TYR A 242 -9.04 -35.67 28.80
C TYR A 242 -9.11 -36.74 29.89
N GLU A 243 -9.78 -37.85 29.61
CA GLU A 243 -9.91 -38.91 30.61
C GLU A 243 -8.54 -39.46 30.99
N SER A 244 -7.69 -39.73 29.98
CA SER A 244 -6.38 -40.25 30.31
C SER A 244 -5.53 -39.22 31.06
N ALA A 245 -5.66 -37.94 30.72
CA ALA A 245 -4.90 -36.91 31.43
C ALA A 245 -5.37 -36.79 32.88
N ILE A 246 -6.69 -36.87 33.13
CA ILE A 246 -7.16 -36.81 34.52
C ILE A 246 -6.55 -37.93 35.35
N HIS A 247 -6.50 -39.15 34.82
CA HIS A 247 -5.85 -40.23 35.56
C HIS A 247 -4.40 -39.88 35.86
N ALA A 248 -3.64 -39.41 34.87
CA ALA A 248 -2.24 -39.10 35.11
C ALA A 248 -2.09 -37.98 36.14
N ILE A 249 -2.90 -36.92 36.02
CA ILE A 249 -2.82 -35.80 36.94
C ILE A 249 -3.24 -36.22 38.34
N GLY A 250 -4.29 -37.03 38.43
CA GLY A 250 -4.76 -37.47 39.74
C GLY A 250 -3.79 -38.41 40.42
N LYS A 251 -3.19 -39.33 39.67
CA LYS A 251 -2.14 -40.17 40.25
C LYS A 251 -1.01 -39.32 40.81
N ALA A 252 -0.61 -38.29 40.05
CA ALA A 252 0.48 -37.41 40.48
C ALA A 252 0.07 -36.52 41.64
N SER A 253 -1.17 -36.04 41.63
CA SER A 253 -1.62 -35.20 42.74
C SER A 253 -1.45 -35.90 44.07
N ALA A 254 -1.78 -37.19 44.10
CA ALA A 254 -1.52 -38.05 45.26
C ALA A 254 -2.10 -37.46 46.53
N GLY A 255 -3.35 -37.00 46.45
CA GLY A 255 -4.04 -36.51 47.61
C GLY A 255 -3.71 -35.10 48.05
N ARG A 256 -3.01 -34.31 47.23
CA ARG A 256 -2.69 -32.94 47.61
C ARG A 256 -3.90 -32.03 47.61
N GLY A 257 -4.99 -32.44 46.97
CA GLY A 257 -6.18 -31.62 46.98
C GLY A 257 -6.21 -30.59 45.87
N ILE A 258 -7.31 -29.83 45.84
CA ILE A 258 -7.57 -28.99 44.67
C ILE A 258 -6.80 -27.68 44.68
N TYR A 259 -6.26 -27.24 45.82
CA TYR A 259 -5.51 -25.99 45.86
C TYR A 259 -4.01 -26.20 45.72
N GLU A 260 -3.42 -27.09 46.52
CA GLU A 260 -2.00 -27.36 46.37
C GLU A 260 -1.71 -28.19 45.13
N GLY A 261 -2.60 -29.13 44.82
CA GLY A 261 -2.33 -30.10 43.77
C GLY A 261 -2.79 -29.63 42.41
N PRO A 262 -2.34 -30.33 41.38
CA PRO A 262 -2.64 -29.93 40.00
C PRO A 262 -4.08 -30.25 39.61
N GLY A 263 -4.52 -29.58 38.55
CA GLY A 263 -5.81 -29.86 37.97
C GLY A 263 -5.78 -29.84 36.47
N ILE A 264 -6.95 -29.90 35.84
CA ILE A 264 -7.05 -29.91 34.39
C ILE A 264 -8.00 -28.81 33.93
N SER A 265 -7.78 -28.33 32.71
CA SER A 265 -8.68 -27.39 32.04
C SER A 265 -9.21 -28.06 30.78
N ILE A 266 -10.49 -27.82 30.48
CA ILE A 266 -11.14 -28.41 29.31
C ILE A 266 -11.85 -27.30 28.55
N LYS A 267 -12.06 -27.56 27.27
CA LYS A 267 -12.86 -26.68 26.42
C LYS A 267 -14.10 -27.44 25.97
N LEU A 268 -15.29 -26.88 26.21
CA LEU A 268 -16.50 -27.59 25.82
C LEU A 268 -16.57 -27.80 24.30
N SER A 269 -15.98 -26.90 23.51
CA SER A 269 -16.02 -27.09 22.06
C SER A 269 -15.24 -28.32 21.62
N ALA A 270 -14.35 -28.85 22.47
CA ALA A 270 -13.63 -30.06 22.13
C ALA A 270 -14.49 -31.30 22.27
N LEU A 271 -15.57 -31.22 23.06
CA LEU A 271 -16.29 -32.39 23.49
C LEU A 271 -17.57 -32.64 22.71
N HIS A 272 -17.90 -31.76 21.76
CA HIS A 272 -19.07 -32.00 20.91
C HIS A 272 -18.88 -31.23 19.61
N PRO A 273 -19.18 -31.83 18.46
CA PRO A 273 -19.00 -31.11 17.19
C PRO A 273 -20.05 -30.06 16.92
N ARG A 274 -21.15 -30.02 17.69
CA ARG A 274 -22.19 -29.01 17.48
C ARG A 274 -22.47 -28.25 18.78
N TYR A 275 -21.42 -27.70 19.36
CA TYR A 275 -21.54 -26.93 20.61
C TYR A 275 -21.98 -25.53 20.27
N SER A 276 -23.29 -25.29 20.32
CA SER A 276 -23.87 -24.01 19.96
C SER A 276 -25.27 -23.92 20.54
N ARG A 277 -25.73 -22.68 20.73
CA ARG A 277 -27.09 -22.46 21.22
C ARG A 277 -28.12 -23.07 20.28
N ALA A 278 -27.88 -23.04 18.97
CA ALA A 278 -28.84 -23.59 18.03
C ALA A 278 -29.04 -25.08 18.25
N GLN A 279 -28.02 -25.76 18.78
CA GLN A 279 -28.07 -27.18 19.06
C GLN A 279 -28.11 -27.46 20.57
N ALA A 280 -28.76 -26.56 21.32
CA ALA A 280 -28.72 -26.68 22.78
C ALA A 280 -29.26 -28.01 23.28
N ALA A 281 -30.32 -28.55 22.66
CA ALA A 281 -30.84 -29.82 23.12
C ALA A 281 -29.80 -30.93 22.97
N ARG A 282 -29.07 -30.95 21.87
CA ARG A 282 -28.02 -31.95 21.72
C ARG A 282 -26.89 -31.72 22.71
N VAL A 283 -26.56 -30.45 22.98
CA VAL A 283 -25.52 -30.16 23.96
C VAL A 283 -25.88 -30.71 25.33
N MET A 284 -27.10 -30.45 25.78
CA MET A 284 -27.49 -30.91 27.11
C MET A 284 -27.62 -32.43 27.14
N GLY A 285 -27.99 -33.05 26.03
CA GLY A 285 -28.24 -34.49 26.02
C GLY A 285 -26.98 -35.31 25.81
N GLU A 286 -26.02 -34.76 25.09
CA GLU A 286 -24.85 -35.50 24.64
C GLU A 286 -23.55 -34.97 25.21
N LEU A 287 -23.38 -33.65 25.30
CA LEU A 287 -22.15 -33.07 25.82
C LEU A 287 -22.13 -33.13 27.34
N LEU A 288 -23.23 -32.73 27.98
CA LEU A 288 -23.28 -32.74 29.44
C LEU A 288 -22.88 -34.07 30.08
N PRO A 289 -23.39 -35.23 29.64
CA PRO A 289 -22.95 -36.48 30.28
C PRO A 289 -21.45 -36.71 30.19
N ARG A 290 -20.82 -36.25 29.11
CA ARG A 290 -19.38 -36.39 28.99
C ARG A 290 -18.64 -35.56 30.01
N VAL A 291 -19.05 -34.29 30.18
CA VAL A 291 -18.43 -33.46 31.20
C VAL A 291 -18.66 -34.06 32.57
N LYS A 292 -19.87 -34.57 32.81
CA LYS A 292 -20.15 -35.18 34.11
C LYS A 292 -19.22 -36.35 34.38
N ALA A 293 -18.99 -37.20 33.37
CA ALA A 293 -18.11 -38.34 33.58
C ALA A 293 -16.68 -37.89 33.89
N LEU A 294 -16.19 -36.86 33.20
CA LEU A 294 -14.85 -36.35 33.51
C LEU A 294 -14.81 -35.74 34.91
N ALA A 295 -15.87 -35.01 35.28
CA ALA A 295 -15.92 -34.42 36.61
C ALA A 295 -15.97 -35.48 37.70
N LEU A 296 -16.71 -36.58 37.47
CA LEU A 296 -16.72 -37.67 38.45
C LEU A 296 -15.33 -38.23 38.68
N LEU A 297 -14.54 -38.34 37.59
CA LEU A 297 -13.17 -38.80 37.74
CA LEU A 297 -13.15 -38.77 37.70
C LEU A 297 -12.32 -37.78 38.50
N ALA A 298 -12.44 -36.50 38.16
CA ALA A 298 -11.72 -35.46 38.88
C ALA A 298 -12.09 -35.49 40.35
N LYS A 299 -13.37 -35.71 40.65
CA LYS A 299 -13.80 -35.81 42.04
CA LYS A 299 -13.80 -35.81 42.04
C LYS A 299 -13.10 -36.96 42.76
N ASN A 300 -12.97 -38.12 42.10
CA ASN A 300 -12.40 -39.26 42.81
C ASN A 300 -10.94 -39.01 43.17
N TYR A 301 -10.18 -38.35 42.30
CA TYR A 301 -8.82 -37.97 42.60
C TYR A 301 -8.69 -36.68 43.39
N ASP A 302 -9.79 -35.95 43.58
CA ASP A 302 -9.83 -34.63 44.24
C ASP A 302 -8.87 -33.64 43.57
N ILE A 303 -9.05 -33.45 42.27
CA ILE A 303 -8.32 -32.45 41.51
C ILE A 303 -9.29 -31.42 40.93
N GLY A 304 -8.75 -30.27 40.55
CA GLY A 304 -9.56 -29.27 39.89
C GLY A 304 -9.88 -29.66 38.45
N LEU A 305 -11.09 -29.28 38.02
CA LEU A 305 -11.51 -29.41 36.63
C LEU A 305 -12.14 -28.09 36.20
N ASN A 306 -11.46 -27.36 35.31
CA ASN A 306 -11.85 -26.01 34.92
C ASN A 306 -12.44 -26.01 33.52
N ILE A 307 -13.57 -25.32 33.35
CA ILE A 307 -14.17 -25.10 32.04
C ILE A 307 -13.67 -23.77 31.48
N ASP A 308 -12.85 -23.85 30.42
CA ASP A 308 -12.33 -22.65 29.78
C ASP A 308 -13.46 -21.88 29.09
N ALA A 309 -13.29 -20.56 28.96
CA ALA A 309 -14.25 -19.69 28.31
C ALA A 309 -13.85 -19.44 26.86
N GLU A 310 -14.83 -19.51 25.96
CA GLU A 310 -14.57 -19.40 24.53
C GLU A 310 -15.30 -18.20 23.93
N GLU A 311 -15.97 -18.40 22.79
CA GLU A 311 -16.58 -17.26 22.11
C GLU A 311 -17.79 -16.74 22.90
N ALA A 312 -18.11 -15.46 22.66
CA ALA A 312 -19.19 -14.83 23.43
C ALA A 312 -20.53 -15.54 23.22
N ASP A 313 -20.77 -16.11 22.03
CA ASP A 313 -22.06 -16.77 21.81
C ASP A 313 -22.14 -18.15 22.47
N ARG A 314 -21.12 -18.57 23.20
CA ARG A 314 -21.16 -19.80 23.97
C ARG A 314 -21.24 -19.56 25.48
N LEU A 315 -21.13 -18.31 25.93
CA LEU A 315 -21.09 -18.02 27.37
C LEU A 315 -22.35 -18.53 28.06
N GLU A 316 -23.51 -18.04 27.64
CA GLU A 316 -24.71 -18.38 28.40
C GLU A 316 -25.06 -19.86 28.28
N LEU A 317 -24.82 -20.47 27.11
CA LEU A 317 -25.01 -21.92 26.99
C LEU A 317 -24.17 -22.69 28.00
N SER A 318 -22.90 -22.27 28.18
CA SER A 318 -22.04 -22.97 29.13
C SER A 318 -22.57 -22.86 30.55
N LEU A 319 -23.30 -21.77 30.87
CA LEU A 319 -23.89 -21.63 32.22
C LEU A 319 -24.91 -22.72 32.50
N ASP A 320 -25.63 -23.19 31.47
CA ASP A 320 -26.59 -24.26 31.70
C ASP A 320 -25.89 -25.56 32.05
N LEU A 321 -24.71 -25.81 31.48
CA LEU A 321 -23.95 -26.99 31.90
C LEU A 321 -23.41 -26.82 33.31
N LEU A 322 -22.86 -25.63 33.63
CA LEU A 322 -22.36 -25.39 34.97
C LEU A 322 -23.46 -25.58 36.00
N GLU A 323 -24.66 -25.07 35.73
CA GLU A 323 -25.76 -25.20 36.68
C GLU A 323 -26.09 -26.67 36.95
N VAL A 324 -26.28 -27.47 35.89
CA VAL A 324 -26.67 -28.86 36.10
C VAL A 324 -25.58 -29.61 36.86
N LEU A 325 -24.32 -29.37 36.50
CA LEU A 325 -23.23 -30.07 37.17
C LEU A 325 -23.16 -29.71 38.65
N CYS A 326 -23.32 -28.43 38.97
CA CYS A 326 -23.20 -28.04 40.38
C CYS A 326 -24.37 -28.51 41.20
N LEU A 327 -25.51 -28.80 40.58
CA LEU A 327 -26.69 -29.28 41.30
C LEU A 327 -26.80 -30.79 41.31
N ASP A 328 -25.89 -31.49 40.61
CA ASP A 328 -25.94 -32.93 40.49
C ASP A 328 -25.37 -33.58 41.76
N GLY A 329 -26.21 -34.30 42.49
CA GLY A 329 -25.77 -34.92 43.73
C GLY A 329 -24.62 -35.90 43.58
N ASP A 330 -24.46 -36.51 42.40
CA ASP A 330 -23.35 -37.44 42.23
C ASP A 330 -21.98 -36.78 42.36
N LEU A 331 -21.91 -35.46 42.22
CA LEU A 331 -20.65 -34.73 42.31
C LEU A 331 -20.46 -34.07 43.66
N SER A 332 -21.37 -34.30 44.62
CA SER A 332 -21.28 -33.60 45.89
C SER A 332 -20.05 -34.05 46.66
N GLY A 333 -19.53 -33.13 47.47
CA GLY A 333 -18.36 -33.39 48.29
C GLY A 333 -17.06 -32.93 47.67
N TRP A 334 -17.11 -32.46 46.43
CA TRP A 334 -15.94 -32.06 45.66
C TRP A 334 -16.10 -30.60 45.28
N ASN A 335 -15.07 -29.80 45.57
CA ASN A 335 -15.07 -28.36 45.28
C ASN A 335 -14.16 -28.01 44.11
N GLY A 336 -13.77 -29.01 43.30
CA GLY A 336 -12.83 -28.77 42.23
C GLY A 336 -13.39 -28.24 40.92
N MET A 337 -14.71 -28.17 40.76
CA MET A 337 -15.27 -27.62 39.53
CA MET A 337 -15.26 -27.62 39.53
C MET A 337 -14.91 -26.14 39.40
N GLY A 338 -14.36 -25.77 38.24
CA GLY A 338 -13.96 -24.40 37.97
C GLY A 338 -14.54 -23.89 36.66
N PHE A 339 -14.55 -22.55 36.54
CA PHE A 339 -15.23 -21.89 35.44
C PHE A 339 -14.58 -20.54 35.18
N VAL A 340 -14.25 -20.26 33.90
CA VAL A 340 -13.63 -19.00 33.51
C VAL A 340 -14.70 -17.96 33.19
N VAL A 341 -14.46 -16.72 33.59
CA VAL A 341 -15.27 -15.58 33.15
CA VAL A 341 -15.27 -15.59 33.12
C VAL A 341 -14.33 -14.53 32.55
N GLN A 342 -14.73 -13.96 31.42
CA GLN A 342 -13.90 -13.03 30.67
C GLN A 342 -14.28 -11.58 30.96
N ALA A 343 -13.34 -10.83 31.53
CA ALA A 343 -13.59 -9.45 31.93
C ALA A 343 -13.73 -8.50 30.74
N TYR A 344 -13.26 -8.88 29.55
CA TYR A 344 -13.53 -8.01 28.41
C TYR A 344 -14.98 -8.06 27.96
N GLY A 345 -15.79 -8.92 28.58
CA GLY A 345 -17.18 -9.09 28.19
C GLY A 345 -18.11 -8.25 29.05
N LYS A 346 -19.12 -7.66 28.39
CA LYS A 346 -20.02 -6.74 29.09
C LYS A 346 -20.89 -7.44 30.12
N ARG A 347 -21.07 -8.75 30.00
CA ARG A 347 -21.89 -9.51 30.94
C ARG A 347 -21.12 -9.97 32.18
N CYS A 348 -19.80 -9.78 32.22
CA CYS A 348 -18.96 -10.39 33.26
C CYS A 348 -19.45 -10.19 34.69
N PRO A 349 -19.73 -8.97 35.18
CA PRO A 349 -20.18 -8.85 36.57
C PRO A 349 -21.48 -9.59 36.84
N PHE A 350 -22.35 -9.66 35.84
CA PHE A 350 -23.65 -10.32 36.02
C PHE A 350 -23.50 -11.83 35.99
N VAL A 351 -22.57 -12.31 35.17
CA VAL A 351 -22.23 -13.74 35.19
C VAL A 351 -21.69 -14.11 36.56
N LEU A 352 -20.82 -13.26 37.13
CA LEU A 352 -20.28 -13.53 38.46
C LEU A 352 -21.39 -13.55 39.50
N ASP A 353 -22.34 -12.62 39.43
CA ASP A 353 -23.49 -12.66 40.35
C ASP A 353 -24.20 -14.00 40.25
N PHE A 354 -24.41 -14.48 39.02
CA PHE A 354 -25.07 -15.78 38.85
C PHE A 354 -24.23 -16.90 39.45
N ILE A 355 -22.92 -16.91 39.19
CA ILE A 355 -22.04 -17.99 39.67
C ILE A 355 -21.97 -17.98 41.19
N ILE A 356 -21.83 -16.80 41.80
CA ILE A 356 -21.74 -16.73 43.26
C ILE A 356 -23.02 -17.24 43.89
N ASP A 357 -24.17 -16.89 43.31
CA ASP A 357 -25.45 -17.41 43.80
C ASP A 357 -25.55 -18.92 43.61
N LEU A 358 -25.09 -19.43 42.47
CA LEU A 358 -25.09 -20.88 42.25
C LEU A 358 -24.22 -21.59 43.27
N ALA A 359 -23.06 -21.01 43.59
CA ALA A 359 -22.20 -21.57 44.62
C ALA A 359 -22.91 -21.61 45.98
N ARG A 360 -23.66 -20.55 46.30
CA ARG A 360 -24.42 -20.53 47.55
C ARG A 360 -25.49 -21.61 47.55
N ARG A 361 -26.28 -21.70 46.47
CA ARG A 361 -27.35 -22.69 46.40
C ARG A 361 -26.82 -24.13 46.48
N SER A 362 -25.77 -24.42 45.72
CA SER A 362 -25.24 -25.77 45.61
C SER A 362 -24.34 -26.13 46.77
N GLY A 363 -23.81 -25.14 47.48
CA GLY A 363 -22.84 -25.43 48.51
C GLY A 363 -21.48 -25.83 47.99
N ARG A 364 -21.23 -25.67 46.68
CA ARG A 364 -19.95 -25.95 46.06
C ARG A 364 -19.14 -24.67 45.97
N ARG A 365 -17.88 -24.72 46.37
CA ARG A 365 -17.02 -23.54 46.34
C ARG A 365 -16.39 -23.45 44.94
N ILE A 366 -17.14 -22.84 44.01
CA ILE A 366 -16.75 -22.86 42.61
C ILE A 366 -15.44 -22.11 42.44
N MET A 367 -14.51 -22.72 41.70
CA MET A 367 -13.24 -22.08 41.38
C MET A 367 -13.47 -21.18 40.19
N VAL A 368 -13.32 -19.87 40.38
CA VAL A 368 -13.65 -18.91 39.33
C VAL A 368 -12.37 -18.29 38.81
N ARG A 369 -12.00 -18.60 37.57
CA ARG A 369 -10.83 -18.00 36.95
C ARG A 369 -11.28 -16.75 36.21
N LEU A 370 -10.82 -15.60 36.68
CA LEU A 370 -11.07 -14.34 36.02
C LEU A 370 -9.94 -14.07 35.04
N VAL A 371 -10.28 -13.95 33.75
CA VAL A 371 -9.34 -13.65 32.68
C VAL A 371 -9.82 -12.38 31.99
N LYS A 372 -8.96 -11.79 31.14
CA LYS A 372 -9.49 -10.67 30.35
C LYS A 372 -10.24 -11.17 29.12
N GLY A 373 -9.61 -12.02 28.30
CA GLY A 373 -10.32 -12.67 27.20
C GLY A 373 -9.47 -12.86 25.97
N ALA A 374 -9.61 -13.99 25.26
CA ALA A 374 -8.63 -14.35 24.23
C ALA A 374 -9.11 -14.15 22.80
N TYR A 375 -10.37 -13.74 22.59
CA TYR A 375 -10.97 -13.77 21.26
C TYR A 375 -11.39 -12.37 20.78
N TRP A 376 -10.69 -11.33 21.23
CA TRP A 376 -11.20 -9.97 21.04
C TRP A 376 -11.41 -9.64 19.57
N ASP A 377 -10.37 -9.82 18.74
CA ASP A 377 -10.53 -9.34 17.37
C ASP A 377 -11.57 -10.17 16.62
N ALA A 378 -11.76 -11.45 16.99
CA ALA A 378 -12.79 -12.25 16.35
C ALA A 378 -14.17 -11.78 16.76
N GLU A 379 -14.33 -11.32 18.01
CA GLU A 379 -15.62 -10.81 18.44
C GLU A 379 -15.98 -9.53 17.70
N ILE A 380 -14.98 -8.67 17.42
CA ILE A 380 -15.27 -7.45 16.65
C ILE A 380 -15.75 -7.81 15.26
N LYS A 381 -15.03 -8.71 14.59
CA LYS A 381 -15.39 -9.11 13.24
C LYS A 381 -16.79 -9.74 13.20
N ARG A 382 -17.09 -10.63 14.14
CA ARG A 382 -18.37 -11.34 14.10
CA ARG A 382 -18.36 -11.33 14.08
C ARG A 382 -19.54 -10.38 14.27
N ALA A 383 -19.43 -9.43 15.21
CA ALA A 383 -20.53 -8.48 15.41
C ALA A 383 -20.74 -7.61 14.18
N GLN A 384 -19.64 -7.24 13.51
CA GLN A 384 -19.79 -6.43 12.31
C GLN A 384 -20.44 -7.22 11.18
N LEU A 385 -19.99 -8.46 10.96
CA LEU A 385 -20.58 -9.29 9.91
C LEU A 385 -22.07 -9.49 10.13
N ASP A 386 -22.47 -9.68 11.39
CA ASP A 386 -23.86 -10.03 11.69
C ASP A 386 -24.74 -8.81 11.85
N GLY A 387 -24.18 -7.60 11.72
CA GLY A 387 -24.97 -6.37 11.79
C GLY A 387 -25.70 -6.17 13.09
N LEU A 388 -25.05 -6.48 14.20
CA LEU A 388 -25.70 -6.43 15.50
C LEU A 388 -25.56 -5.05 16.14
N ALA A 389 -26.33 -4.82 17.20
CA ALA A 389 -26.48 -3.47 17.72
C ALA A 389 -25.17 -2.93 18.29
N ASP A 390 -24.36 -3.80 18.87
CA ASP A 390 -23.14 -3.38 19.53
C ASP A 390 -22.29 -4.64 19.70
N PHE A 391 -21.13 -4.48 20.29
CA PHE A 391 -20.23 -5.59 20.55
C PHE A 391 -20.55 -6.24 21.89
N PRO A 392 -20.25 -7.52 22.03
CA PRO A 392 -20.37 -8.17 23.34
C PRO A 392 -19.12 -8.03 24.21
N VAL A 393 -18.14 -7.27 23.73
CA VAL A 393 -16.89 -7.01 24.44
C VAL A 393 -16.61 -5.51 24.37
N PHE A 394 -15.76 -5.06 25.28
CA PHE A 394 -15.30 -3.68 25.25
C PHE A 394 -14.43 -3.47 24.01
N THR A 395 -14.29 -2.19 23.61
CA THR A 395 -13.46 -1.84 22.47
C THR A 395 -12.22 -1.03 22.82
N ARG A 396 -12.10 -0.57 24.07
CA ARG A 396 -10.86 0.03 24.56
C ARG A 396 -10.25 -0.87 25.60
N LYS A 397 -8.95 -1.12 25.47
CA LYS A 397 -8.27 -2.04 26.37
C LYS A 397 -8.39 -1.58 27.83
N ILE A 398 -8.35 -0.27 28.07
CA ILE A 398 -8.44 0.22 29.44
C ILE A 398 -9.81 -0.10 30.04
N HIS A 399 -10.86 -0.20 29.22
CA HIS A 399 -12.16 -0.62 29.73
C HIS A 399 -12.11 -2.04 30.27
N THR A 400 -11.43 -2.94 29.55
CA THR A 400 -11.27 -4.31 30.05
C THR A 400 -10.50 -4.34 31.36
N ASP A 401 -9.49 -3.48 31.50
CA ASP A 401 -8.72 -3.44 32.74
C ASP A 401 -9.60 -3.01 33.91
N VAL A 402 -10.40 -1.96 33.73
CA VAL A 402 -11.31 -1.53 34.78
C VAL A 402 -12.33 -2.61 35.11
N SER A 403 -12.91 -3.23 34.07
CA SER A 403 -13.83 -4.34 34.27
C SER A 403 -13.18 -5.44 35.11
N TYR A 404 -11.95 -5.81 34.77
CA TYR A 404 -11.24 -6.84 35.53
C TYR A 404 -11.14 -6.49 37.01
N ILE A 405 -10.72 -5.26 37.32
CA ILE A 405 -10.54 -4.89 38.71
C ILE A 405 -11.88 -4.80 39.43
N ALA A 406 -12.92 -4.32 38.74
CA ALA A 406 -14.25 -4.28 39.34
C ALA A 406 -14.76 -5.68 39.67
N CYS A 407 -14.53 -6.63 38.77
CA CYS A 407 -14.97 -7.99 39.01
C CYS A 407 -14.13 -8.68 40.09
N ALA A 408 -12.86 -8.30 40.21
CA ALA A 408 -12.05 -8.82 41.31
C ALA A 408 -12.58 -8.36 42.66
N ALA A 409 -13.03 -7.11 42.75
CA ALA A 409 -13.64 -6.63 43.99
C ALA A 409 -14.87 -7.45 44.34
N LYS A 410 -15.69 -7.78 43.34
CA LYS A 410 -16.85 -8.64 43.59
C LYS A 410 -16.42 -10.02 44.07
N LEU A 411 -15.42 -10.61 43.42
CA LEU A 411 -14.98 -11.95 43.84
C LEU A 411 -14.33 -11.93 45.21
N LEU A 412 -13.55 -10.90 45.52
CA LEU A 412 -12.88 -10.84 46.82
C LEU A 412 -13.86 -10.66 47.97
N ALA A 413 -15.06 -10.14 47.71
CA ALA A 413 -16.11 -10.06 48.73
C ALA A 413 -16.83 -11.37 48.95
N ALA A 414 -16.51 -12.42 48.19
CA ALA A 414 -17.26 -13.68 48.26
C ALA A 414 -16.34 -14.89 48.40
N THR A 415 -15.14 -14.71 48.97
CA THR A 415 -14.20 -15.82 49.10
C THR A 415 -14.70 -16.92 50.03
N ASP A 416 -15.76 -16.69 50.81
CA ASP A 416 -16.30 -17.80 51.56
C ASP A 416 -17.09 -18.77 50.69
N VAL A 417 -17.62 -18.35 49.55
CA VAL A 417 -18.42 -19.23 48.72
C VAL A 417 -17.82 -19.55 47.36
N VAL A 418 -16.83 -18.78 46.89
CA VAL A 418 -16.10 -19.11 45.67
C VAL A 418 -14.61 -18.95 45.93
N PHE A 419 -13.82 -19.58 45.06
CA PHE A 419 -12.36 -19.50 45.10
C PHE A 419 -11.89 -18.66 43.92
N PRO A 420 -11.57 -17.37 44.11
CA PRO A 420 -11.14 -16.53 42.98
C PRO A 420 -9.73 -16.88 42.51
N GLN A 421 -9.57 -16.91 41.19
CA GLN A 421 -8.30 -17.22 40.53
C GLN A 421 -8.03 -16.11 39.53
N PHE A 422 -7.05 -15.26 39.82
CA PHE A 422 -6.83 -14.04 39.05
C PHE A 422 -5.74 -14.30 38.02
N ALA A 423 -6.16 -14.64 36.79
CA ALA A 423 -5.25 -14.96 35.70
C ALA A 423 -4.85 -13.68 34.98
N THR A 424 -3.59 -13.26 35.12
CA THR A 424 -3.12 -12.06 34.42
C THR A 424 -1.60 -12.03 34.43
N HIS A 425 -1.03 -11.49 33.35
CA HIS A 425 0.39 -11.17 33.28
C HIS A 425 0.70 -9.70 33.50
N ASN A 426 -0.32 -8.90 33.79
CA ASN A 426 -0.17 -7.45 33.93
C ASN A 426 0.14 -7.10 35.39
N ALA A 427 1.34 -6.55 35.63
CA ALA A 427 1.78 -6.27 37.00
C ALA A 427 0.94 -5.19 37.66
N GLN A 428 0.39 -4.26 36.88
CA GLN A 428 -0.49 -3.25 37.46
C GLN A 428 -1.79 -3.88 37.94
N THR A 429 -2.40 -4.72 37.11
CA THR A 429 -3.59 -5.45 37.51
C THR A 429 -3.32 -6.29 38.76
N LEU A 430 -2.21 -7.02 38.75
CA LEU A 430 -1.82 -7.85 39.89
C LEU A 430 -1.70 -7.03 41.16
N ALA A 431 -0.95 -5.92 41.10
CA ALA A 431 -0.72 -5.11 42.30
C ALA A 431 -2.04 -4.56 42.85
N ALA A 432 -2.93 -4.11 41.96
CA ALA A 432 -4.20 -3.55 42.41
C ALA A 432 -4.99 -4.57 43.21
N ILE A 433 -5.00 -5.81 42.75
CA ILE A 433 -5.77 -6.87 43.40
C ILE A 433 -5.07 -7.35 44.67
N TYR A 434 -3.75 -7.46 44.64
CA TYR A 434 -3.00 -7.82 45.83
C TYR A 434 -3.30 -6.88 46.99
N HIS A 435 -3.34 -5.57 46.74
CA HIS A 435 -3.64 -4.66 47.83
C HIS A 435 -5.14 -4.61 48.14
N MET A 436 -5.98 -4.83 47.12
CA MET A 436 -7.42 -4.88 47.35
C MET A 436 -7.79 -6.02 48.29
N ALA A 437 -7.10 -7.16 48.18
CA ALA A 437 -7.42 -8.32 49.00
C ALA A 437 -7.00 -8.14 50.46
N GLY A 438 -6.11 -7.20 50.75
CA GLY A 438 -5.78 -6.90 52.11
C GLY A 438 -4.76 -7.85 52.72
N LYS A 439 -4.62 -7.74 54.04
CA LYS A 439 -3.53 -8.36 54.77
C LYS A 439 -3.77 -9.82 55.15
N ASP A 440 -5.02 -10.22 55.37
CA ASP A 440 -5.30 -11.59 55.81
C ASP A 440 -5.27 -12.52 54.61
N PHE A 441 -4.40 -13.52 54.65
CA PHE A 441 -4.35 -14.49 53.57
C PHE A 441 -4.06 -15.88 54.11
N HIS A 442 -4.63 -16.88 53.45
CA HIS A 442 -4.30 -18.28 53.67
C HIS A 442 -4.46 -19.01 52.35
N VAL A 443 -3.66 -20.06 52.14
CA VAL A 443 -3.80 -20.84 50.92
C VAL A 443 -5.20 -21.42 50.86
N GLY A 444 -5.88 -21.21 49.74
CA GLY A 444 -7.28 -21.54 49.60
C GLY A 444 -8.20 -20.34 49.59
N LYS A 445 -7.71 -19.16 49.94
CA LYS A 445 -8.57 -17.98 49.92
C LYS A 445 -8.75 -17.47 48.50
N TYR A 446 -7.64 -17.25 47.79
CA TYR A 446 -7.64 -16.96 46.36
C TYR A 446 -6.25 -17.28 45.85
N GLU A 447 -6.07 -17.20 44.54
CA GLU A 447 -4.74 -17.39 43.96
C GLU A 447 -4.65 -16.53 42.71
N PHE A 448 -3.43 -16.35 42.23
CA PHE A 448 -3.19 -15.82 40.90
C PHE A 448 -2.94 -16.98 39.94
N GLN A 449 -2.99 -16.69 38.65
CA GLN A 449 -2.66 -17.67 37.63
C GLN A 449 -1.90 -17.01 36.49
N CYS A 450 -1.12 -17.83 35.78
CA CYS A 450 -0.33 -17.32 34.66
C CYS A 450 -0.13 -18.45 33.66
N LEU A 451 0.39 -18.08 32.50
CA LEU A 451 0.66 -19.02 31.42
C LEU A 451 2.08 -19.56 31.50
N HIS A 452 2.23 -20.87 31.33
CA HIS A 452 3.56 -21.47 31.22
C HIS A 452 4.41 -20.78 30.17
N GLY A 453 5.69 -20.60 30.49
CA GLY A 453 6.60 -19.99 29.53
C GLY A 453 6.27 -18.56 29.18
N MET A 454 5.67 -17.83 30.10
CA MET A 454 5.27 -16.45 29.86
C MET A 454 5.16 -15.69 31.17
N GLY A 455 4.44 -16.25 32.14
CA GLY A 455 4.21 -15.54 33.38
C GLY A 455 5.20 -15.81 34.50
N GLU A 456 6.09 -16.78 34.36
CA GLU A 456 7.00 -17.11 35.46
C GLU A 456 7.91 -15.95 35.86
N PRO A 457 8.45 -15.13 34.95
CA PRO A 457 9.27 -14.00 35.41
C PRO A 457 8.54 -13.07 36.37
N LEU A 458 7.26 -12.79 36.09
CA LEU A 458 6.47 -11.97 36.99
C LEU A 458 6.17 -12.70 38.30
N TYR A 459 5.70 -13.94 38.21
CA TYR A 459 5.20 -14.56 39.43
C TYR A 459 6.31 -15.14 40.30
N GLU A 460 7.54 -15.25 39.81
CA GLU A 460 8.67 -15.50 40.70
C GLU A 460 8.98 -14.31 41.58
N GLU A 461 8.42 -13.14 41.28
CA GLU A 461 8.46 -11.99 42.19
C GLU A 461 7.24 -11.92 43.10
N VAL A 462 6.37 -12.96 43.05
CA VAL A 462 5.11 -12.98 43.79
C VAL A 462 5.07 -14.16 44.76
N VAL A 463 5.34 -15.37 44.26
CA VAL A 463 5.23 -16.59 45.06
C VAL A 463 6.37 -16.65 46.07
N GLY A 464 6.04 -17.07 47.28
CA GLY A 464 7.07 -17.33 48.26
C GLY A 464 7.11 -16.29 49.36
N ARG A 465 7.58 -16.71 50.54
CA ARG A 465 7.59 -15.82 51.70
C ARG A 465 8.51 -14.62 51.48
N GLY A 466 9.55 -14.77 50.68
CA GLY A 466 10.44 -13.67 50.38
C GLY A 466 9.93 -12.69 49.35
N LYS A 467 8.71 -12.90 48.85
CA LYS A 467 8.13 -12.02 47.84
C LYS A 467 6.80 -11.51 48.38
N LEU A 468 5.70 -11.70 47.66
CA LEU A 468 4.38 -11.30 48.14
C LEU A 468 3.66 -12.42 48.87
N ASP A 469 4.19 -13.65 48.84
CA ASP A 469 3.61 -14.80 49.55
C ASP A 469 2.17 -15.05 49.12
N ARG A 470 1.94 -14.98 47.80
CA ARG A 470 0.68 -15.38 47.20
C ARG A 470 0.93 -16.45 46.16
N PRO A 471 0.08 -17.47 46.09
CA PRO A 471 0.31 -18.59 45.16
C PRO A 471 -0.10 -18.25 43.74
N CYS A 472 0.45 -19.01 42.81
CA CYS A 472 0.16 -18.84 41.40
C CYS A 472 0.02 -20.21 40.78
N ARG A 473 -1.07 -20.43 40.06
CA ARG A 473 -1.28 -21.64 39.29
C ARG A 473 -0.87 -21.42 37.84
N ILE A 474 -0.01 -22.29 37.33
CA ILE A 474 0.51 -22.20 35.97
C ILE A 474 -0.39 -22.99 35.04
N TYR A 475 -0.95 -22.31 34.05
CA TYR A 475 -1.74 -22.91 32.98
C TYR A 475 -0.77 -23.49 31.96
N ALA A 476 -0.72 -24.82 31.87
CA ALA A 476 0.38 -25.55 31.24
C ALA A 476 -0.11 -26.27 30.01
N PRO A 477 0.15 -25.75 28.81
CA PRO A 477 -0.26 -26.47 27.60
C PRO A 477 0.52 -27.77 27.46
N VAL A 478 -0.16 -28.78 26.92
CA VAL A 478 0.41 -30.10 26.76
C VAL A 478 0.00 -30.60 25.37
N GLY A 479 0.97 -30.99 24.56
CA GLY A 479 0.61 -31.49 23.25
C GLY A 479 1.79 -31.57 22.29
N THR A 480 1.54 -32.27 21.20
CA THR A 480 2.51 -32.44 20.13
C THR A 480 2.67 -31.14 19.34
N HIS A 481 3.67 -31.14 18.46
CA HIS A 481 3.88 -29.99 17.58
C HIS A 481 2.61 -29.63 16.80
N GLU A 482 1.96 -30.65 16.23
CA GLU A 482 0.76 -30.40 15.43
C GLU A 482 -0.32 -29.73 16.26
N THR A 483 -0.54 -30.23 17.47
CA THR A 483 -1.60 -29.70 18.32
C THR A 483 -1.28 -28.28 18.78
N LEU A 484 -0.02 -28.01 19.12
CA LEU A 484 0.28 -26.69 19.64
C LEU A 484 0.29 -25.64 18.53
N LEU A 485 0.62 -26.02 17.30
CA LEU A 485 0.68 -25.04 16.23
C LEU A 485 -0.71 -24.61 15.74
N ALA A 486 -1.75 -25.39 16.03
CA ALA A 486 -3.07 -25.13 15.45
C ALA A 486 -3.58 -23.74 15.80
N TYR A 487 -3.51 -23.35 17.08
CA TYR A 487 -4.03 -22.05 17.50
C TYR A 487 -2.96 -21.25 18.27
N LEU A 488 -1.68 -21.44 17.92
CA LEU A 488 -0.62 -20.71 18.60
C LEU A 488 -0.67 -19.21 18.30
N VAL A 489 -1.18 -18.83 17.12
CA VAL A 489 -1.25 -17.41 16.79
C VAL A 489 -2.15 -16.68 17.78
N ARG A 490 -3.33 -17.25 18.08
CA ARG A 490 -4.22 -16.62 19.06
C ARG A 490 -3.54 -16.47 20.41
N ARG A 491 -2.76 -17.47 20.82
CA ARG A 491 -2.08 -17.42 22.11
C ARG A 491 -0.99 -16.36 22.10
N LEU A 492 -0.26 -16.22 20.99
CA LEU A 492 0.79 -15.21 20.92
C LEU A 492 0.22 -13.81 21.00
N LEU A 493 -0.95 -13.59 20.38
CA LEU A 493 -1.55 -12.26 20.39
C LEU A 493 -2.05 -11.85 21.77
N GLU A 494 -2.29 -12.82 22.67
CA GLU A 494 -2.73 -12.47 24.02
C GLU A 494 -1.75 -11.52 24.68
N ASN A 495 -0.45 -11.80 24.55
CA ASN A 495 0.58 -11.03 25.21
C ASN A 495 1.47 -10.27 24.22
N GLY A 496 1.12 -10.28 22.93
CA GLY A 496 1.99 -9.70 21.91
C GLY A 496 1.44 -8.54 21.10
N ALA A 497 0.25 -8.06 21.43
CA ALA A 497 -0.30 -6.90 20.74
C ALA A 497 0.28 -5.61 21.33
N ASN A 498 0.08 -4.51 20.60
CA ASN A 498 0.64 -3.22 21.02
C ASN A 498 0.17 -2.82 22.41
N SER A 499 -1.07 -3.15 22.75
CA SER A 499 -1.62 -2.79 24.06
C SER A 499 -1.32 -3.82 25.13
N SER A 500 -0.72 -4.97 24.78
CA SER A 500 -0.45 -6.01 25.76
C SER A 500 0.65 -5.59 26.72
N PHE A 501 0.45 -5.90 28.01
CA PHE A 501 1.45 -5.59 29.02
C PHE A 501 2.81 -6.17 28.68
N VAL A 502 2.85 -7.45 28.28
CA VAL A 502 4.12 -8.11 28.05
C VAL A 502 4.87 -7.42 26.91
N HIS A 503 4.15 -7.01 25.86
CA HIS A 503 4.78 -6.29 24.77
C HIS A 503 5.30 -4.93 25.22
N ARG A 504 4.51 -4.22 26.03
CA ARG A 504 4.91 -2.89 26.47
C ARG A 504 6.09 -2.93 27.42
N ILE A 505 6.16 -3.94 28.30
CA ILE A 505 7.30 -3.97 29.22
C ILE A 505 8.60 -4.25 28.47
N ASN A 506 8.53 -4.89 27.31
CA ASN A 506 9.69 -5.09 26.46
C ASN A 506 9.94 -3.93 25.51
N ASP A 507 9.10 -2.90 25.54
CA ASP A 507 9.30 -1.71 24.73
C ASP A 507 10.11 -0.70 25.54
N PRO A 508 11.36 -0.43 25.18
CA PRO A 508 12.15 0.56 25.95
C PRO A 508 11.57 1.96 25.91
N LYS A 509 10.72 2.26 24.93
CA LYS A 509 10.08 3.57 24.86
C LYS A 509 8.85 3.70 25.76
N VAL A 510 8.51 2.64 26.49
CA VAL A 510 7.42 2.68 27.46
C VAL A 510 8.03 2.81 28.85
N SER A 511 7.70 3.89 29.55
CA SER A 511 8.25 4.13 30.87
C SER A 511 7.50 3.34 31.92
N ILE A 512 8.14 3.16 33.07
CA ILE A 512 7.50 2.46 34.18
C ILE A 512 6.30 3.26 34.68
N ASP A 513 6.41 4.59 34.68
CA ASP A 513 5.28 5.41 35.08
C ASP A 513 4.06 5.14 34.20
N GLU A 514 4.28 4.99 32.89
CA GLU A 514 3.19 4.66 32.00
C GLU A 514 2.61 3.28 32.30
N LEU A 515 3.45 2.35 32.76
CA LEU A 515 2.99 0.98 33.00
C LEU A 515 2.20 0.86 34.30
N ILE A 516 2.49 1.72 35.27
CA ILE A 516 1.79 1.66 36.55
C ILE A 516 0.62 2.64 36.60
N ALA A 517 0.32 3.31 35.49
CA ALA A 517 -0.87 4.13 35.37
C ALA A 517 -2.10 3.35 35.79
N ASP A 518 -2.99 4.01 36.52
CA ASP A 518 -4.18 3.39 37.08
C ASP A 518 -5.32 3.46 36.07
N PRO A 519 -5.75 2.34 35.48
CA PRO A 519 -6.85 2.40 34.50
C PRO A 519 -8.13 2.98 35.08
N VAL A 520 -8.39 2.73 36.36
CA VAL A 520 -9.64 3.17 36.97
C VAL A 520 -9.69 4.70 36.99
N GLU A 521 -8.61 5.34 37.43
CA GLU A 521 -8.59 6.80 37.48
C GLU A 521 -8.52 7.42 36.09
N VAL A 522 -7.83 6.77 35.15
CA VAL A 522 -7.75 7.31 33.79
C VAL A 522 -9.12 7.28 33.12
N VAL A 523 -9.87 6.19 33.30
CA VAL A 523 -11.21 6.11 32.73
C VAL A 523 -12.13 7.14 33.39
N ARG A 524 -12.01 7.32 34.71
CA ARG A 524 -12.89 8.25 35.41
C ARG A 524 -12.74 9.66 34.87
N ALA A 525 -11.52 10.05 34.50
CA ALA A 525 -11.23 11.42 34.10
C ALA A 525 -11.50 11.69 32.63
N MET A 526 -11.84 10.67 31.84
CA MET A 526 -12.17 10.89 30.44
CA MET A 526 -12.17 10.89 30.44
C MET A 526 -13.40 11.80 30.34
N PRO A 527 -13.49 12.60 29.27
CA PRO A 527 -14.66 13.48 29.13
C PRO A 527 -15.96 12.70 29.04
N VAL A 528 -16.01 11.71 28.16
CA VAL A 528 -17.14 10.78 28.06
C VAL A 528 -16.67 9.44 28.60
N VAL A 529 -17.13 9.08 29.79
CA VAL A 529 -16.73 7.82 30.40
C VAL A 529 -17.27 6.66 29.57
N GLY A 530 -16.39 5.74 29.19
CA GLY A 530 -16.82 4.54 28.50
C GLY A 530 -17.06 4.68 27.01
N ALA A 531 -16.56 5.73 26.38
CA ALA A 531 -16.77 5.90 24.94
C ALA A 531 -16.13 4.75 24.14
N LYS A 532 -16.85 4.32 23.09
CA LYS A 532 -16.33 3.36 22.13
C LYS A 532 -15.01 3.85 21.55
N HIS A 533 -14.13 2.91 21.23
CA HIS A 533 -12.90 3.25 20.53
C HIS A 533 -13.19 4.00 19.24
N ASP A 534 -12.47 5.11 19.03
CA ASP A 534 -12.69 5.93 17.84
C ASP A 534 -12.47 5.18 16.53
N ARG A 535 -11.61 4.15 16.53
CA ARG A 535 -11.20 3.52 15.29
C ARG A 535 -11.90 2.19 15.02
N ILE A 536 -12.94 1.86 15.78
CA ILE A 536 -13.72 0.64 15.57
C ILE A 536 -15.16 1.05 15.27
N ALA A 537 -15.64 0.65 14.10
CA ALA A 537 -16.98 1.04 13.67
C ALA A 537 -18.03 0.14 14.30
N LEU A 538 -19.07 0.73 14.86
CA LEU A 538 -20.25 -0.06 15.19
C LEU A 538 -20.77 -0.72 13.92
N PRO A 539 -21.36 -1.92 14.02
CA PRO A 539 -21.85 -2.58 12.80
C PRO A 539 -22.75 -1.69 11.95
N ALA A 540 -23.63 -0.88 12.56
CA ALA A 540 -24.51 -0.03 11.78
C ALA A 540 -23.75 1.03 10.98
N GLU A 541 -22.53 1.37 11.39
CA GLU A 541 -21.77 2.45 10.78
C GLU A 541 -20.63 1.97 9.89
N LEU A 542 -20.68 0.69 9.47
CA LEU A 542 -19.61 0.11 8.66
C LEU A 542 -19.31 0.91 7.40
N PHE A 543 -20.32 1.54 6.82
CA PHE A 543 -20.17 2.25 5.56
C PHE A 543 -20.16 3.76 5.74
N GLY A 544 -20.06 4.23 6.99
CA GLY A 544 -19.94 5.65 7.25
C GLY A 544 -21.08 6.45 6.67
N ASP A 545 -20.74 7.56 6.02
CA ASP A 545 -21.72 8.49 5.48
C ASP A 545 -22.43 7.99 4.24
N ALA A 546 -21.92 6.92 3.61
CA ALA A 546 -22.50 6.48 2.34
C ALA A 546 -23.89 5.89 2.54
N ARG A 547 -24.05 5.03 3.53
CA ARG A 547 -25.36 4.43 3.79
CA ARG A 547 -25.33 4.34 3.74
C ARG A 547 -25.33 3.74 5.14
N THR A 548 -26.52 3.46 5.63
CA THR A 548 -26.69 2.79 6.92
C THR A 548 -26.72 1.28 6.67
N ASN A 549 -25.87 0.55 7.39
CA ASN A 549 -25.86 -0.89 7.31
C ASN A 549 -27.20 -1.44 7.79
N SER A 550 -27.66 -2.50 7.14
CA SER A 550 -28.80 -3.24 7.67
C SER A 550 -28.45 -3.87 9.00
N ALA A 551 -29.45 -4.09 9.83
CA ALA A 551 -29.26 -4.73 11.13
C ALA A 551 -29.79 -6.16 11.10
N GLY A 552 -29.06 -7.06 11.74
CA GLY A 552 -29.49 -8.43 11.89
C GLY A 552 -30.09 -8.69 13.26
N LEU A 553 -30.10 -9.97 13.63
CA LEU A 553 -30.67 -10.41 14.89
C LEU A 553 -29.74 -11.46 15.49
N ASP A 554 -29.59 -11.44 16.81
CA ASP A 554 -28.66 -12.35 17.49
C ASP A 554 -29.42 -13.59 17.94
N LEU A 555 -29.23 -14.70 17.23
CA LEU A 555 -29.95 -15.93 17.57
C LEU A 555 -29.30 -16.68 18.72
N SER A 556 -28.32 -16.08 19.40
CA SER A 556 -27.84 -16.60 20.68
C SER A 556 -28.41 -15.84 21.87
N ASN A 557 -29.22 -14.82 21.63
CA ASN A 557 -29.78 -13.97 22.67
C ASN A 557 -31.18 -14.49 23.03
N GLU A 558 -31.36 -14.89 24.29
CA GLU A 558 -32.65 -15.46 24.68
C GLU A 558 -33.79 -14.47 24.56
N GLU A 559 -33.56 -13.18 24.81
CA GLU A 559 -34.62 -12.19 24.61
C GLU A 559 -35.03 -12.17 23.15
N THR A 560 -34.04 -12.17 22.24
CA THR A 560 -34.33 -12.19 20.82
C THR A 560 -35.07 -13.46 20.42
N LEU A 561 -34.63 -14.61 20.91
CA LEU A 561 -35.29 -15.85 20.55
C LEU A 561 -36.74 -15.86 21.03
N ALA A 562 -36.99 -15.30 22.21
CA ALA A 562 -38.34 -15.33 22.75
C ALA A 562 -39.25 -14.40 21.96
N SER A 563 -38.75 -13.21 21.61
CA SER A 563 -39.59 -12.29 20.86
C SER A 563 -39.78 -12.77 19.43
N LEU A 564 -38.74 -13.35 18.82
CA LEU A 564 -38.88 -13.92 17.50
CA LEU A 564 -38.87 -13.94 17.50
C LEU A 564 -39.88 -15.07 17.50
N THR A 565 -39.84 -15.94 18.52
CA THR A 565 -40.80 -17.02 18.60
C THR A 565 -42.22 -16.49 18.48
N GLU A 566 -42.51 -15.39 19.17
CA GLU A 566 -43.87 -14.86 19.15
C GLU A 566 -44.19 -14.21 17.80
N ALA A 567 -43.23 -13.49 17.23
CA ALA A 567 -43.49 -12.84 15.94
C ALA A 567 -43.64 -13.86 14.83
N LEU A 568 -42.85 -14.95 14.89
CA LEU A 568 -42.99 -15.99 13.89
C LEU A 568 -44.35 -16.69 13.99
N ARG A 569 -44.77 -17.04 15.21
CA ARG A 569 -46.08 -17.63 15.42
C ARG A 569 -47.18 -16.73 14.89
N GLU A 570 -47.07 -15.43 15.16
CA GLU A 570 -48.08 -14.49 14.68
C GLU A 570 -48.07 -14.39 13.15
N SER A 571 -46.88 -14.49 12.54
CA SER A 571 -46.82 -14.45 11.07
C SER A 571 -47.53 -15.64 10.44
N ALA A 572 -47.54 -16.79 11.13
CA ALA A 572 -48.16 -17.98 10.57
C ALA A 572 -49.68 -17.96 10.69
N ALA A 573 -50.22 -17.09 11.53
CA ALA A 573 -51.65 -16.92 11.69
C ALA A 573 -52.24 -15.93 10.70
N MET A 574 -51.42 -15.35 9.83
CA MET A 574 -51.89 -14.33 8.90
C MET A 574 -52.33 -14.97 7.59
N LYS A 575 -53.30 -14.30 6.93
CA LYS A 575 -53.82 -14.74 5.64
C LYS A 575 -53.08 -14.02 4.53
N TRP A 576 -51.91 -14.55 4.19
CA TRP A 576 -51.08 -13.97 3.15
C TRP A 576 -51.68 -14.21 1.77
N THR A 577 -51.68 -13.17 0.93
CA THR A 577 -52.17 -13.32 -0.43
C THR A 577 -51.27 -12.57 -1.40
N ALA A 578 -51.35 -12.97 -2.67
CA ALA A 578 -50.67 -12.30 -3.76
C ALA A 578 -51.65 -12.21 -4.92
N LEU A 579 -51.80 -11.01 -5.47
CA LEU A 579 -52.78 -10.73 -6.50
C LEU A 579 -52.09 -10.05 -7.67
N PRO A 580 -52.68 -10.13 -8.87
CA PRO A 580 -52.19 -9.29 -9.96
C PRO A 580 -52.53 -7.84 -9.65
N GLN A 581 -51.53 -7.06 -9.25
CA GLN A 581 -51.72 -5.68 -8.83
C GLN A 581 -51.37 -4.78 -10.00
N LEU A 582 -52.38 -4.46 -10.80
CA LEU A 582 -52.18 -3.58 -11.95
C LEU A 582 -52.24 -2.12 -11.52
N ALA A 583 -51.90 -1.23 -12.45
CA ALA A 583 -51.95 0.20 -12.15
C ALA A 583 -53.36 0.63 -11.77
N THR A 584 -54.37 -0.02 -12.35
CA THR A 584 -55.78 0.29 -12.16
C THR A 584 -56.36 -0.33 -10.89
N GLY A 585 -55.61 -1.23 -10.25
CA GLY A 585 -56.09 -1.94 -9.09
C GLY A 585 -55.84 -3.44 -9.23
N PRO A 586 -56.24 -4.21 -8.22
CA PRO A 586 -56.10 -5.66 -8.30
C PRO A 586 -56.97 -6.24 -9.40
N ALA A 587 -56.52 -7.34 -9.98
CA ALA A 587 -57.20 -8.00 -11.08
C ALA A 587 -57.65 -9.39 -10.66
N ALA A 588 -58.72 -9.87 -11.31
CA ALA A 588 -59.19 -11.23 -11.06
C ALA A 588 -58.37 -12.24 -11.83
N GLY A 589 -58.41 -13.48 -11.37
CA GLY A 589 -57.66 -14.54 -12.03
C GLY A 589 -57.88 -15.87 -11.35
N GLU A 590 -57.12 -16.88 -11.80
CA GLU A 590 -57.17 -18.20 -11.20
C GLU A 590 -56.41 -18.19 -9.87
N THR A 591 -57.07 -18.66 -8.82
CA THR A 591 -56.54 -18.61 -7.46
C THR A 591 -56.19 -20.01 -6.98
N ARG A 592 -55.01 -20.17 -6.39
CA ARG A 592 -54.61 -21.45 -5.81
C ARG A 592 -53.79 -21.18 -4.55
N THR A 593 -53.63 -22.22 -3.73
CA THR A 593 -52.92 -22.07 -2.47
C THR A 593 -51.41 -22.22 -2.66
N VAL A 594 -50.67 -21.72 -1.67
CA VAL A 594 -49.21 -21.79 -1.63
C VAL A 594 -48.85 -22.64 -0.43
N LEU A 595 -48.10 -23.72 -0.67
CA LEU A 595 -47.79 -24.70 0.36
C LEU A 595 -46.37 -24.56 0.86
N ASN A 596 -46.17 -24.90 2.13
CA ASN A 596 -44.84 -24.93 2.75
C ASN A 596 -44.02 -26.06 2.15
N PRO A 597 -42.86 -25.79 1.53
CA PRO A 597 -42.07 -26.89 0.96
C PRO A 597 -41.61 -27.91 1.98
N GLY A 598 -41.54 -27.55 3.26
CA GLY A 598 -41.13 -28.49 4.28
C GLY A 598 -42.24 -29.32 4.87
N ASP A 599 -43.48 -29.02 4.50
CA ASP A 599 -44.67 -29.71 5.01
C ASP A 599 -45.87 -29.22 4.21
N HIS A 600 -46.26 -29.98 3.18
CA HIS A 600 -47.31 -29.54 2.26
C HIS A 600 -48.67 -29.41 2.93
N ARG A 601 -48.80 -29.85 4.18
CA ARG A 601 -50.04 -29.65 4.93
C ARG A 601 -50.18 -28.22 5.41
N ASP A 602 -49.10 -27.47 5.45
CA ASP A 602 -49.09 -26.10 5.96
C ASP A 602 -49.37 -25.17 4.79
N VAL A 603 -50.62 -24.70 4.70
CA VAL A 603 -50.99 -23.71 3.69
C VAL A 603 -50.51 -22.34 4.16
N VAL A 604 -49.60 -21.74 3.40
CA VAL A 604 -49.05 -20.44 3.78
C VAL A 604 -49.93 -19.29 3.29
N GLY A 605 -50.55 -19.43 2.14
CA GLY A 605 -51.39 -18.37 1.64
C GLY A 605 -52.02 -18.73 0.32
N SER A 606 -52.53 -17.71 -0.35
CA SER A 606 -53.24 -17.88 -1.61
CA SER A 606 -53.24 -17.88 -1.61
C SER A 606 -52.69 -16.92 -2.64
N VAL A 607 -52.55 -17.39 -3.87
CA VAL A 607 -52.07 -16.57 -4.97
C VAL A 607 -53.11 -16.57 -6.08
N THR A 608 -53.43 -15.38 -6.59
CA THR A 608 -54.23 -15.22 -7.80
C THR A 608 -53.28 -14.87 -8.94
N GLU A 609 -53.25 -15.71 -9.96
CA GLU A 609 -52.26 -15.56 -11.02
C GLU A 609 -52.80 -14.75 -12.20
N THR A 610 -51.87 -14.19 -12.96
CA THR A 610 -52.17 -13.22 -14.00
C THR A 610 -52.49 -13.90 -15.32
N SER A 611 -53.54 -13.44 -15.99
CA SER A 611 -53.79 -13.87 -17.36
C SER A 611 -52.80 -13.22 -18.31
N GLU A 612 -52.56 -13.88 -19.44
CA GLU A 612 -51.67 -13.28 -20.45
C GLU A 612 -52.21 -11.95 -20.94
N GLU A 613 -53.54 -11.82 -20.99
CA GLU A 613 -54.14 -10.56 -21.43
C GLU A 613 -53.85 -9.44 -20.44
N ASP A 614 -53.96 -9.72 -19.13
CA ASP A 614 -53.68 -8.68 -18.14
C ASP A 614 -52.19 -8.37 -18.05
N ALA A 615 -51.34 -9.34 -18.36
CA ALA A 615 -49.91 -9.04 -18.42
C ALA A 615 -49.62 -8.06 -19.55
N ARG A 616 -50.23 -8.27 -20.72
CA ARG A 616 -50.07 -7.31 -21.81
C ARG A 616 -50.68 -5.95 -21.45
N ARG A 617 -51.83 -5.96 -20.77
CA ARG A 617 -52.42 -4.71 -20.30
C ARG A 617 -51.47 -3.96 -19.37
N ALA A 618 -50.83 -4.69 -18.46
CA ALA A 618 -49.95 -4.04 -17.48
C ALA A 618 -48.79 -3.32 -18.16
N VAL A 619 -48.21 -3.92 -19.21
CA VAL A 619 -47.14 -3.24 -19.92
C VAL A 619 -47.65 -1.95 -20.55
N ARG A 620 -48.84 -1.99 -21.15
CA ARG A 620 -49.39 -0.77 -21.74
C ARG A 620 -49.62 0.30 -20.67
N LEU A 621 -50.14 -0.10 -19.50
CA LEU A 621 -50.33 0.86 -18.41
C LEU A 621 -49.00 1.43 -17.94
N ALA A 622 -47.96 0.60 -17.85
CA ALA A 622 -46.64 1.08 -17.44
C ALA A 622 -46.08 2.06 -18.46
N ALA A 623 -46.27 1.78 -19.75
CA ALA A 623 -45.80 2.72 -20.76
C ALA A 623 -46.53 4.05 -20.65
N ASP A 624 -47.85 4.00 -20.40
CA ASP A 624 -48.63 5.23 -20.24
C ASP A 624 -48.11 6.07 -19.07
N ALA A 625 -47.74 5.40 -17.98
CA ALA A 625 -47.33 6.05 -16.75
C ALA A 625 -45.84 6.34 -16.68
N ALA A 626 -45.07 5.96 -17.71
CA ALA A 626 -43.61 6.13 -17.63
C ALA A 626 -43.20 7.59 -17.51
N PRO A 627 -43.74 8.54 -18.26
CA PRO A 627 -43.30 9.94 -18.08
C PRO A 627 -43.51 10.47 -16.66
N ASP A 628 -44.61 10.06 -16.00
CA ASP A 628 -44.89 10.60 -14.68
C ASP A 628 -43.89 10.07 -13.64
N TRP A 629 -43.41 8.85 -13.82
CA TRP A 629 -42.42 8.32 -12.88
C TRP A 629 -41.04 8.86 -13.20
N ALA A 630 -40.70 8.98 -14.48
CA ALA A 630 -39.41 9.57 -14.85
C ALA A 630 -39.29 11.00 -14.34
N ALA A 631 -40.42 11.71 -14.22
CA ALA A 631 -40.42 13.08 -13.74
C ALA A 631 -40.22 13.20 -12.24
N VAL A 632 -40.33 12.12 -11.49
CA VAL A 632 -39.98 12.21 -10.07
C VAL A 632 -38.47 12.34 -9.96
N PRO A 633 -37.94 13.37 -9.29
CA PRO A 633 -36.50 13.58 -9.29
C PRO A 633 -35.77 12.39 -8.73
N PRO A 634 -34.57 12.08 -9.25
CA PRO A 634 -33.82 10.93 -8.71
C PRO A 634 -33.69 10.94 -7.20
N SER A 635 -33.45 12.10 -6.58
CA SER A 635 -33.30 12.15 -5.12
C SER A 635 -34.58 11.68 -4.43
N GLU A 636 -35.73 12.01 -4.99
CA GLU A 636 -37.00 11.58 -4.39
C GLU A 636 -37.27 10.11 -4.66
N ARG A 637 -36.92 9.62 -5.86
CA ARG A 637 -37.00 8.18 -6.09
C ARG A 637 -36.11 7.43 -5.11
N ALA A 638 -34.90 7.94 -4.88
CA ALA A 638 -34.02 7.30 -3.90
C ALA A 638 -34.62 7.36 -2.50
N ALA A 639 -35.31 8.46 -2.18
CA ALA A 639 -35.97 8.57 -0.87
C ALA A 639 -37.02 7.50 -0.68
N CYS A 640 -37.74 7.14 -1.76
CA CYS A 640 -38.68 6.02 -1.68
C CYS A 640 -37.96 4.74 -1.28
N LEU A 641 -36.84 4.44 -1.93
CA LEU A 641 -36.10 3.23 -1.61
C LEU A 641 -35.66 3.24 -0.15
N ASP A 642 -35.16 4.39 0.33
CA ASP A 642 -34.72 4.47 1.72
C ASP A 642 -35.88 4.27 2.69
N ARG A 643 -37.05 4.82 2.36
CA ARG A 643 -38.22 4.57 3.19
C ARG A 643 -38.60 3.09 3.18
N ALA A 644 -38.54 2.44 2.01
CA ALA A 644 -38.85 1.01 1.95
C ALA A 644 -37.89 0.20 2.78
N ALA A 645 -36.61 0.59 2.79
CA ALA A 645 -35.62 -0.12 3.61
C ALA A 645 -35.95 -0.01 5.09
N GLU A 646 -36.38 1.18 5.53
CA GLU A 646 -36.79 1.34 6.92
C GLU A 646 -37.97 0.44 7.25
N LEU A 647 -38.92 0.34 6.33
CA LEU A 647 -40.10 -0.50 6.57
C LEU A 647 -39.73 -1.97 6.62
N MET A 648 -38.83 -2.41 5.75
CA MET A 648 -38.43 -3.81 5.79
C MET A 648 -37.65 -4.11 7.05
N GLN A 649 -36.82 -3.18 7.50
CA GLN A 649 -36.09 -3.40 8.75
C GLN A 649 -37.05 -3.54 9.93
N ALA A 650 -38.07 -2.68 9.98
CA ALA A 650 -39.05 -2.76 11.06
C ALA A 650 -39.85 -4.05 10.99
N ARG A 651 -40.13 -4.53 9.79
CA ARG A 651 -40.98 -5.69 9.58
C ARG A 651 -40.20 -6.99 9.50
N MET A 652 -38.89 -6.95 9.76
CA MET A 652 -38.06 -8.14 9.55
C MET A 652 -38.60 -9.40 10.23
N PRO A 653 -39.03 -9.38 11.49
CA PRO A 653 -39.48 -10.64 12.10
C PRO A 653 -40.66 -11.27 11.39
N THR A 654 -41.64 -10.46 10.97
CA THR A 654 -42.75 -11.00 10.18
C THR A 654 -42.28 -11.49 8.83
N LEU A 655 -41.40 -10.73 8.16
CA LEU A 655 -40.87 -11.19 6.88
C LEU A 655 -40.13 -12.51 7.02
N LEU A 656 -39.39 -12.69 8.13
CA LEU A 656 -38.71 -13.97 8.37
C LEU A 656 -39.68 -15.13 8.35
N GLY A 657 -40.81 -14.97 9.06
CA GLY A 657 -41.77 -16.05 9.13
C GLY A 657 -42.30 -16.44 7.77
N LEU A 658 -42.55 -15.44 6.91
CA LEU A 658 -43.07 -15.74 5.60
C LEU A 658 -42.02 -16.41 4.72
N ILE A 659 -40.76 -15.96 4.80
CA ILE A 659 -39.72 -16.59 4.00
C ILE A 659 -39.47 -18.01 4.47
N ILE A 660 -39.46 -18.24 5.79
CA ILE A 660 -39.27 -19.59 6.32
C ILE A 660 -40.33 -20.54 5.77
N ARG A 661 -41.60 -20.12 5.80
CA ARG A 661 -42.68 -21.03 5.46
C ARG A 661 -42.94 -21.10 3.97
N GLU A 662 -42.86 -19.97 3.24
CA GLU A 662 -43.14 -20.05 1.80
C GLU A 662 -41.95 -20.61 1.03
N ALA A 663 -40.74 -20.24 1.41
CA ALA A 663 -39.56 -20.55 0.62
C ALA A 663 -38.74 -21.69 1.21
N GLY A 664 -39.10 -22.19 2.38
CA GLY A 664 -38.40 -23.31 2.99
C GLY A 664 -37.07 -22.98 3.62
N LYS A 665 -36.84 -21.73 3.99
CA LYS A 665 -35.54 -21.29 4.48
C LYS A 665 -35.45 -21.37 5.99
N SER A 666 -34.23 -21.52 6.50
CA SER A 666 -33.95 -21.37 7.92
C SER A 666 -34.06 -19.91 8.36
N ALA A 667 -34.29 -19.72 9.66
CA ALA A 667 -34.37 -18.35 10.18
C ALA A 667 -33.06 -17.60 9.94
N LEU A 668 -31.92 -18.28 10.14
CA LEU A 668 -30.63 -17.65 9.90
C LEU A 668 -30.52 -17.13 8.48
N ASN A 669 -30.88 -17.96 7.50
CA ASN A 669 -30.78 -17.52 6.12
C ASN A 669 -31.86 -16.49 5.78
N ALA A 670 -33.02 -16.56 6.43
CA ALA A 670 -34.04 -15.55 6.18
C ALA A 670 -33.60 -14.18 6.69
N ILE A 671 -32.94 -14.15 7.84
CA ILE A 671 -32.43 -12.87 8.35
C ILE A 671 -31.47 -12.25 7.34
N ALA A 672 -30.52 -13.06 6.85
CA ALA A 672 -29.54 -12.57 5.89
C ALA A 672 -30.21 -12.11 4.61
N GLU A 673 -31.32 -12.75 4.21
CA GLU A 673 -32.00 -12.34 2.99
C GLU A 673 -32.72 -11.00 3.18
N VAL A 674 -33.41 -10.81 4.31
CA VAL A 674 -34.03 -9.52 4.56
C VAL A 674 -32.97 -8.43 4.65
N ARG A 675 -31.84 -8.72 5.31
CA ARG A 675 -30.73 -7.77 5.32
C ARG A 675 -30.32 -7.39 3.91
N GLU A 676 -30.18 -8.39 3.03
CA GLU A 676 -29.73 -8.12 1.66
C GLU A 676 -30.74 -7.24 0.92
N ALA A 677 -32.04 -7.49 1.13
CA ALA A 677 -33.05 -6.64 0.50
C ALA A 677 -32.90 -5.19 0.96
N ILE A 678 -32.74 -5.01 2.27
CA ILE A 678 -32.52 -3.67 2.83
C ILE A 678 -31.28 -3.04 2.22
N ASP A 679 -30.21 -3.84 2.10
CA ASP A 679 -28.93 -3.33 1.57
C ASP A 679 -29.06 -2.91 0.12
N PHE A 680 -29.77 -3.69 -0.71
CA PHE A 680 -30.02 -3.29 -2.08
C PHE A 680 -30.72 -1.94 -2.14
N LEU A 681 -31.77 -1.78 -1.35
CA LEU A 681 -32.54 -0.54 -1.35
C LEU A 681 -31.66 0.64 -1.01
N ARG A 682 -30.87 0.52 0.07
CA ARG A 682 -30.04 1.66 0.49
C ARG A 682 -28.87 1.88 -0.44
N TYR A 683 -28.32 0.81 -1.01
CA TYR A 683 -27.18 0.94 -1.90
C TYR A 683 -27.59 1.57 -3.22
N TYR A 684 -28.68 1.09 -3.83
CA TYR A 684 -29.07 1.73 -5.08
C TYR A 684 -29.57 3.15 -4.84
N ALA A 685 -30.14 3.44 -3.67
CA ALA A 685 -30.50 4.82 -3.34
C ALA A 685 -29.26 5.71 -3.30
N GLU A 686 -28.20 5.24 -2.63
CA GLU A 686 -26.99 6.06 -2.54
C GLU A 686 -26.34 6.22 -3.91
N GLN A 687 -26.26 5.12 -4.68
CA GLN A 687 -25.67 5.21 -6.02
C GLN A 687 -26.44 6.20 -6.89
N THR A 688 -27.76 6.24 -6.72
CA THR A 688 -28.57 7.21 -7.45
C THR A 688 -28.20 8.64 -7.06
N ARG A 689 -28.13 8.91 -5.75
CA ARG A 689 -27.75 10.23 -5.27
C ARG A 689 -26.37 10.65 -5.77
N ARG A 690 -25.47 9.67 -6.02
CA ARG A 690 -24.13 9.97 -6.54
CA ARG A 690 -24.14 9.99 -6.54
C ARG A 690 -24.11 10.23 -8.04
N THR A 691 -25.13 9.80 -8.79
CA THR A 691 -24.93 9.79 -10.24
C THR A 691 -26.02 10.41 -11.10
N LEU A 692 -27.30 10.11 -10.87
CA LEU A 692 -28.30 10.30 -11.92
C LEU A 692 -28.71 11.76 -12.08
N GLY A 693 -28.66 12.24 -13.32
CA GLY A 693 -29.04 13.58 -13.64
C GLY A 693 -30.01 13.60 -14.80
N PRO A 694 -30.35 14.79 -15.29
CA PRO A 694 -31.39 14.88 -16.32
C PRO A 694 -31.02 14.20 -17.62
N GLY A 695 -29.72 14.07 -17.92
CA GLY A 695 -29.29 13.42 -19.14
C GLY A 695 -29.27 11.92 -19.12
N HIS A 696 -29.59 11.29 -17.99
CA HIS A 696 -29.58 9.83 -17.86
C HIS A 696 -31.02 9.37 -17.87
N GLY A 697 -31.63 9.38 -19.05
CA GLY A 697 -33.03 9.11 -19.17
C GLY A 697 -33.34 7.64 -19.01
N PRO A 698 -34.49 7.32 -18.45
CA PRO A 698 -34.87 5.92 -18.27
C PRO A 698 -35.05 5.20 -19.61
N LEU A 699 -34.87 3.88 -19.57
CA LEU A 699 -35.19 3.05 -20.73
C LEU A 699 -36.68 3.04 -21.03
N GLY A 700 -37.51 2.89 -19.99
CA GLY A 700 -38.93 2.67 -20.16
C GLY A 700 -39.36 1.49 -19.31
N PRO A 701 -40.52 0.90 -19.60
CA PRO A 701 -41.00 -0.22 -18.78
C PRO A 701 -39.99 -1.36 -18.76
N ILE A 702 -39.65 -1.81 -17.55
CA ILE A 702 -38.69 -2.90 -17.38
CA ILE A 702 -38.68 -2.89 -17.35
C ILE A 702 -39.42 -4.08 -16.76
N VAL A 703 -39.22 -5.25 -17.35
CA VAL A 703 -39.78 -6.50 -16.83
C VAL A 703 -38.73 -7.13 -15.93
N CYS A 704 -39.08 -7.34 -14.66
CA CYS A 704 -38.20 -7.96 -13.68
C CYS A 704 -38.72 -9.35 -13.36
N ILE A 705 -37.93 -10.37 -13.69
CA ILE A 705 -38.27 -11.76 -13.45
C ILE A 705 -37.30 -12.28 -12.40
N SER A 706 -37.84 -12.70 -11.26
CA SER A 706 -37.05 -13.02 -10.08
C SER A 706 -37.19 -14.49 -9.71
N PRO A 707 -36.23 -15.03 -8.97
CA PRO A 707 -36.16 -16.46 -8.71
C PRO A 707 -36.81 -16.84 -7.39
N TRP A 708 -36.99 -18.14 -7.14
CA TRP A 708 -37.61 -18.59 -5.89
C TRP A 708 -36.60 -18.78 -4.78
N ASN A 709 -35.31 -18.78 -5.09
CA ASN A 709 -34.31 -19.09 -4.08
C ASN A 709 -33.90 -17.87 -3.27
N PHE A 710 -34.10 -16.66 -3.80
CA PHE A 710 -33.98 -15.43 -3.03
C PHE A 710 -35.21 -14.59 -3.35
N PRO A 711 -36.36 -15.02 -2.83
CA PRO A 711 -37.64 -14.46 -3.28
C PRO A 711 -37.94 -13.09 -2.74
N LEU A 712 -37.20 -12.60 -1.75
CA LEU A 712 -37.28 -11.21 -1.35
C LEU A 712 -36.08 -10.41 -1.82
N ALA A 713 -34.87 -10.93 -1.65
CA ALA A 713 -33.69 -10.10 -1.87
C ALA A 713 -33.47 -9.82 -3.36
N ILE A 714 -33.46 -10.86 -4.19
CA ILE A 714 -33.19 -10.59 -5.61
C ILE A 714 -34.42 -9.94 -6.25
N PHE A 715 -35.61 -10.34 -5.81
CA PHE A 715 -36.84 -9.63 -6.20
C PHE A 715 -36.71 -8.13 -5.95
N THR A 716 -36.36 -7.76 -4.72
CA THR A 716 -36.24 -6.34 -4.36
C THR A 716 -35.10 -5.67 -5.11
N GLY A 717 -33.96 -6.35 -5.23
CA GLY A 717 -32.80 -5.72 -5.86
C GLY A 717 -33.07 -5.29 -7.30
N GLN A 718 -33.63 -6.20 -8.10
CA GLN A 718 -33.87 -5.87 -9.51
C GLN A 718 -34.87 -4.73 -9.61
N ILE A 719 -35.99 -4.83 -8.87
CA ILE A 719 -37.04 -3.84 -8.95
C ILE A 719 -36.57 -2.48 -8.45
N ALA A 720 -35.84 -2.45 -7.33
CA ALA A 720 -35.37 -1.18 -6.78
C ALA A 720 -34.45 -0.46 -7.75
N ALA A 721 -33.54 -1.20 -8.37
CA ALA A 721 -32.63 -0.62 -9.35
C ALA A 721 -33.41 -0.03 -10.52
N ALA A 722 -34.32 -0.82 -11.10
CA ALA A 722 -35.08 -0.32 -12.24
C ALA A 722 -35.90 0.91 -11.86
N LEU A 723 -36.59 0.85 -10.71
CA LEU A 723 -37.42 1.97 -10.27
C LEU A 723 -36.60 3.23 -10.03
N VAL A 724 -35.46 3.10 -9.35
CA VAL A 724 -34.76 4.31 -8.95
C VAL A 724 -34.06 4.94 -10.15
N ALA A 725 -33.73 4.12 -11.17
CA ALA A 725 -33.25 4.67 -12.43
C ALA A 725 -34.35 5.33 -13.24
N GLY A 726 -35.59 5.39 -12.74
CA GLY A 726 -36.65 6.11 -13.41
C GLY A 726 -37.58 5.30 -14.30
N ASN A 727 -37.50 3.97 -14.25
CA ASN A 727 -38.30 3.08 -15.07
C ASN A 727 -39.48 2.54 -14.30
N PRO A 728 -40.67 2.48 -14.89
CA PRO A 728 -41.75 1.70 -14.27
C PRO A 728 -41.47 0.22 -14.45
N VAL A 729 -41.95 -0.60 -13.51
CA VAL A 729 -41.57 -2.00 -13.40
C VAL A 729 -42.80 -2.90 -13.48
N LEU A 730 -42.68 -3.97 -14.27
CA LEU A 730 -43.56 -5.12 -14.21
C LEU A 730 -42.80 -6.21 -13.47
N ALA A 731 -43.25 -6.55 -12.26
CA ALA A 731 -42.57 -7.52 -11.42
C ALA A 731 -43.26 -8.87 -11.56
N LYS A 732 -42.54 -9.84 -12.13
CA LYS A 732 -43.02 -11.21 -12.28
C LYS A 732 -42.27 -12.11 -11.31
N PRO A 733 -42.84 -12.44 -10.16
CA PRO A 733 -42.12 -13.29 -9.20
C PRO A 733 -42.21 -14.76 -9.61
N ALA A 734 -41.26 -15.53 -9.08
CA ALA A 734 -41.28 -16.98 -9.30
C ALA A 734 -42.62 -17.58 -8.91
N GLU A 735 -43.06 -18.57 -9.69
CA GLU A 735 -44.35 -19.21 -9.43
C GLU A 735 -44.44 -19.75 -8.00
N GLU A 736 -43.31 -20.19 -7.44
CA GLU A 736 -43.28 -20.86 -6.15
C GLU A 736 -43.36 -19.90 -4.96
N THR A 737 -43.00 -18.64 -5.13
CA THR A 737 -42.84 -17.71 -4.01
C THR A 737 -43.50 -16.36 -4.29
N PRO A 738 -44.80 -16.35 -4.61
CA PRO A 738 -45.48 -15.06 -4.85
C PRO A 738 -45.81 -14.27 -3.60
N LEU A 739 -45.93 -14.89 -2.42
CA LEU A 739 -46.46 -14.17 -1.26
C LEU A 739 -45.46 -13.14 -0.75
N ILE A 740 -44.20 -13.52 -0.62
CA ILE A 740 -43.20 -12.56 -0.15
C ILE A 740 -43.00 -11.47 -1.19
N ALA A 741 -43.23 -11.78 -2.46
CA ALA A 741 -43.16 -10.75 -3.49
C ALA A 741 -44.29 -9.74 -3.34
N ALA A 742 -45.52 -10.23 -3.10
CA ALA A 742 -46.64 -9.32 -2.88
C ALA A 742 -46.39 -8.44 -1.66
N GLU A 743 -45.77 -8.99 -0.62
CA GLU A 743 -45.47 -8.20 0.56
C GLU A 743 -44.39 -7.15 0.26
N GLY A 744 -43.40 -7.54 -0.54
CA GLY A 744 -42.40 -6.57 -0.97
C GLY A 744 -43.01 -5.43 -1.77
N VAL A 745 -43.97 -5.73 -2.65
CA VAL A 745 -44.62 -4.68 -3.43
C VAL A 745 -45.47 -3.79 -2.52
N ARG A 746 -46.15 -4.39 -1.53
CA ARG A 746 -46.92 -3.58 -0.59
C ARG A 746 -46.01 -2.58 0.13
N ILE A 747 -44.82 -3.04 0.54
CA ILE A 747 -43.88 -2.17 1.26
C ILE A 747 -43.38 -1.05 0.36
N LEU A 748 -43.00 -1.38 -0.88
CA LEU A 748 -42.51 -0.34 -1.79
C LEU A 748 -43.60 0.68 -2.11
N ARG A 749 -44.83 0.21 -2.26
CA ARG A 749 -45.93 1.15 -2.50
C ARG A 749 -46.18 2.01 -1.27
N GLU A 750 -46.12 1.42 -0.08
CA GLU A 750 -46.26 2.22 1.13
C GLU A 750 -45.18 3.27 1.23
N ALA A 751 -43.97 2.94 0.77
CA ALA A 751 -42.83 3.83 0.80
C ALA A 751 -42.94 4.97 -0.23
N GLY A 752 -43.93 4.93 -1.11
CA GLY A 752 -44.19 5.99 -2.05
C GLY A 752 -44.10 5.63 -3.51
N ILE A 753 -43.74 4.40 -3.88
CA ILE A 753 -43.73 4.01 -5.29
C ILE A 753 -45.17 3.99 -5.79
N PRO A 754 -45.52 4.79 -6.79
CA PRO A 754 -46.90 4.79 -7.28
C PRO A 754 -47.29 3.43 -7.87
N ALA A 755 -48.59 3.12 -7.75
CA ALA A 755 -49.09 1.85 -8.26
C ALA A 755 -48.81 1.68 -9.75
N SER A 756 -48.84 2.78 -10.50
CA SER A 756 -48.54 2.71 -11.93
C SER A 756 -47.07 2.46 -12.20
N ALA A 757 -46.19 2.72 -11.22
CA ALA A 757 -44.77 2.50 -11.41
C ALA A 757 -44.32 1.10 -11.01
N LEU A 758 -45.15 0.37 -10.26
CA LEU A 758 -44.76 -0.95 -9.78
C LEU A 758 -45.99 -1.84 -9.77
N GLN A 759 -46.07 -2.74 -10.74
CA GLN A 759 -47.18 -3.66 -10.89
C GLN A 759 -46.69 -5.09 -10.66
N LEU A 760 -47.45 -5.86 -9.89
CA LEU A 760 -47.09 -7.23 -9.56
C LEU A 760 -47.94 -8.17 -10.41
N LEU A 761 -47.27 -9.12 -11.09
CA LEU A 761 -47.94 -10.06 -11.99
C LEU A 761 -47.56 -11.49 -11.62
N PRO A 762 -48.22 -12.06 -10.62
CA PRO A 762 -47.90 -13.45 -10.24
C PRO A 762 -48.29 -14.42 -11.34
N GLY A 763 -47.58 -15.55 -11.38
CA GLY A 763 -47.94 -16.61 -12.31
C GLY A 763 -46.70 -17.37 -12.75
N ASP A 764 -46.91 -18.19 -13.77
CA ASP A 764 -45.88 -19.09 -14.29
C ASP A 764 -45.07 -18.38 -15.38
N GLY A 765 -44.37 -19.16 -16.22
CA GLY A 765 -43.45 -18.59 -17.18
C GLY A 765 -44.08 -17.93 -18.37
N ARG A 766 -45.33 -18.26 -18.70
CA ARG A 766 -45.98 -17.60 -19.82
C ARG A 766 -46.39 -16.18 -19.47
N VAL A 767 -46.58 -15.87 -18.19
CA VAL A 767 -46.71 -14.47 -17.79
C VAL A 767 -45.42 -13.73 -18.08
N GLY A 768 -44.28 -14.30 -17.66
CA GLY A 768 -43.00 -13.68 -17.98
C GLY A 768 -42.78 -13.57 -19.48
N ALA A 769 -43.17 -14.60 -20.23
CA ALA A 769 -42.96 -14.57 -21.68
C ALA A 769 -43.82 -13.50 -22.33
N ALA A 770 -45.08 -13.37 -21.90
CA ALA A 770 -45.95 -12.33 -22.44
C ALA A 770 -45.41 -10.94 -22.14
N LEU A 771 -44.88 -10.75 -20.94
CA LEU A 771 -44.27 -9.47 -20.59
C LEU A 771 -43.06 -9.18 -21.45
N VAL A 772 -42.19 -10.17 -21.66
CA VAL A 772 -40.97 -9.94 -22.42
C VAL A 772 -41.29 -9.59 -23.86
N ALA A 773 -42.31 -10.22 -24.42
CA ALA A 773 -42.67 -10.01 -25.82
C ALA A 773 -43.39 -8.70 -26.08
N ALA A 774 -43.87 -8.01 -25.05
CA ALA A 774 -44.72 -6.84 -25.28
C ALA A 774 -43.91 -5.71 -25.89
N ALA A 775 -44.51 -5.05 -26.89
CA ALA A 775 -43.76 -4.08 -27.68
C ALA A 775 -43.23 -2.92 -26.84
N GLU A 776 -43.90 -2.59 -25.74
CA GLU A 776 -43.47 -1.45 -24.94
C GLU A 776 -42.43 -1.82 -23.90
N THR A 777 -42.08 -3.10 -23.77
CA THR A 777 -41.04 -3.51 -22.84
C THR A 777 -39.69 -3.01 -23.32
N ALA A 778 -39.02 -2.23 -22.47
CA ALA A 778 -37.80 -1.55 -22.85
C ALA A 778 -36.56 -2.18 -22.26
N GLY A 779 -36.70 -3.17 -21.39
CA GLY A 779 -35.55 -3.84 -20.82
C GLY A 779 -36.07 -4.97 -19.95
N VAL A 780 -35.19 -5.96 -19.74
CA VAL A 780 -35.53 -7.15 -18.98
C VAL A 780 -34.41 -7.43 -18.00
N MET A 781 -34.78 -7.66 -16.75
CA MET A 781 -33.87 -8.13 -15.71
C MET A 781 -34.32 -9.53 -15.30
N PHE A 782 -33.46 -10.52 -15.52
CA PHE A 782 -33.78 -11.91 -15.29
C PHE A 782 -32.74 -12.56 -14.40
N THR A 783 -33.18 -13.27 -13.39
CA THR A 783 -32.30 -14.15 -12.62
C THR A 783 -32.95 -15.52 -12.55
N GLY A 784 -32.23 -16.54 -13.03
CA GLY A 784 -32.80 -17.87 -13.17
C GLY A 784 -31.90 -18.74 -14.02
N SER A 785 -32.49 -19.74 -14.65
CA SER A 785 -31.70 -20.74 -15.37
C SER A 785 -31.15 -20.20 -16.69
N THR A 786 -30.03 -20.78 -17.14
CA THR A 786 -29.45 -20.39 -18.43
CA THR A 786 -29.46 -20.37 -18.42
C THR A 786 -30.40 -20.70 -19.58
N GLU A 787 -31.13 -21.82 -19.49
CA GLU A 787 -32.02 -22.22 -20.55
C GLU A 787 -33.14 -21.20 -20.74
N VAL A 788 -33.71 -20.72 -19.64
CA VAL A 788 -34.79 -19.74 -19.75
C VAL A 788 -34.24 -18.39 -20.18
N ALA A 789 -33.08 -17.99 -19.65
CA ALA A 789 -32.45 -16.76 -20.12
C ALA A 789 -32.22 -16.82 -21.63
N ARG A 790 -31.82 -17.98 -22.15
CA ARG A 790 -31.59 -18.12 -23.58
C ARG A 790 -32.88 -17.96 -24.37
N LEU A 791 -33.99 -18.49 -23.86
CA LEU A 791 -35.28 -18.30 -24.52
C LEU A 791 -35.71 -16.82 -24.49
N ILE A 792 -35.42 -16.13 -23.38
CA ILE A 792 -35.71 -14.69 -23.32
C ILE A 792 -34.86 -13.93 -24.32
N GLN A 793 -33.57 -14.25 -24.41
CA GLN A 793 -32.69 -13.60 -25.37
C GLN A 793 -33.21 -13.75 -26.80
N ALA A 794 -33.75 -14.93 -27.14
CA ALA A 794 -34.30 -15.12 -28.48
C ALA A 794 -35.54 -14.27 -28.70
N GLN A 795 -36.42 -14.19 -27.70
CA GLN A 795 -37.56 -13.28 -27.76
C GLN A 795 -37.11 -11.86 -28.06
N LEU A 796 -36.13 -11.36 -27.31
CA LEU A 796 -35.72 -9.97 -27.44
C LEU A 796 -35.03 -9.69 -28.76
N ALA A 797 -34.33 -10.68 -29.32
CA ALA A 797 -33.65 -10.44 -30.59
C ALA A 797 -34.64 -10.19 -31.72
N ASP A 798 -35.91 -10.56 -31.53
CA ASP A 798 -36.94 -10.18 -32.49
C ASP A 798 -37.24 -8.69 -32.48
N ARG A 799 -36.87 -7.97 -31.41
CA ARG A 799 -37.38 -6.63 -31.20
C ARG A 799 -36.24 -5.60 -31.18
N LEU A 800 -36.63 -4.36 -31.45
CA LEU A 800 -35.76 -3.20 -31.29
C LEU A 800 -36.54 -2.14 -30.50
N SER A 801 -35.78 -1.26 -29.85
CA SER A 801 -36.37 -0.10 -29.21
C SER A 801 -36.95 0.84 -30.28
N PRO A 802 -37.77 1.82 -29.89
CA PRO A 802 -38.20 2.82 -30.88
C PRO A 802 -37.05 3.50 -31.60
N ALA A 803 -35.90 3.62 -30.96
CA ALA A 803 -34.71 4.17 -31.58
C ALA A 803 -33.98 3.18 -32.48
N GLY A 804 -34.44 1.93 -32.54
CA GLY A 804 -33.81 0.94 -33.40
C GLY A 804 -32.56 0.29 -32.82
N ARG A 805 -32.51 0.09 -31.52
CA ARG A 805 -31.39 -0.50 -30.83
C ARG A 805 -31.85 -1.68 -30.00
N PRO A 806 -30.93 -2.60 -29.65
CA PRO A 806 -31.34 -3.78 -28.89
C PRO A 806 -31.93 -3.42 -27.52
N ILE A 807 -32.88 -4.24 -27.09
CA ILE A 807 -33.49 -4.15 -25.76
C ILE A 807 -32.51 -4.74 -24.73
N PRO A 808 -32.07 -3.97 -23.72
CA PRO A 808 -31.08 -4.50 -22.78
C PRO A 808 -31.63 -5.65 -21.95
N LEU A 809 -30.77 -6.65 -21.76
CA LEU A 809 -31.06 -7.81 -20.94
C LEU A 809 -29.95 -7.97 -19.91
N ILE A 810 -30.32 -7.94 -18.64
CA ILE A 810 -29.41 -8.32 -17.56
C ILE A 810 -29.86 -9.70 -17.11
N ALA A 811 -29.01 -10.71 -17.34
CA ALA A 811 -29.35 -12.09 -17.01
C ALA A 811 -28.25 -12.69 -16.14
N GLU A 812 -28.62 -13.06 -14.92
CA GLU A 812 -27.72 -13.73 -13.99
C GLU A 812 -28.16 -15.19 -13.91
N THR A 813 -27.24 -16.13 -14.18
N THR A 813 -27.25 -16.09 -14.22
CA THR A 813 -27.66 -17.50 -14.54
CA THR A 813 -27.58 -17.50 -14.25
C THR A 813 -26.79 -18.60 -13.93
C THR A 813 -26.67 -18.25 -13.28
N GLY A 814 -26.28 -18.43 -12.71
N GLY A 814 -26.55 -19.57 -13.45
CA GLY A 814 -25.74 -19.58 -11.98
CA GLY A 814 -25.90 -20.39 -12.47
C GLY A 814 -24.29 -19.92 -12.29
C GLY A 814 -24.39 -20.46 -12.63
N GLY A 815 -23.89 -21.14 -11.91
N GLY A 815 -23.79 -21.23 -11.74
CA GLY A 815 -22.51 -21.56 -12.15
CA GLY A 815 -22.35 -21.42 -11.73
C GLY A 815 -22.27 -23.00 -11.74
C GLY A 815 -22.00 -22.80 -11.25
N GLN A 816 -21.01 -23.41 -11.90
CA GLN A 816 -20.52 -24.73 -11.47
C GLN A 816 -19.30 -24.49 -10.58
N ASN A 817 -19.58 -23.98 -9.38
CA ASN A 817 -18.58 -23.28 -8.61
C ASN A 817 -17.65 -24.26 -7.91
N ALA A 818 -16.35 -23.97 -7.99
CA ALA A 818 -15.29 -24.80 -7.43
C ALA A 818 -14.61 -24.13 -6.26
N MET A 819 -14.03 -24.97 -5.40
CA MET A 819 -13.12 -24.52 -4.37
C MET A 819 -11.88 -25.39 -4.45
N ILE A 820 -10.70 -24.77 -4.50
CA ILE A 820 -9.44 -25.48 -4.54
C ILE A 820 -8.77 -25.38 -3.18
N VAL A 821 -8.29 -26.51 -2.65
CA VAL A 821 -7.72 -26.58 -1.31
C VAL A 821 -6.35 -27.24 -1.44
N ASP A 822 -5.31 -26.60 -0.93
CA ASP A 822 -3.99 -27.23 -1.00
C ASP A 822 -3.58 -27.73 0.38
N SER A 823 -2.38 -28.31 0.45
CA SER A 823 -1.95 -28.95 1.68
C SER A 823 -1.54 -27.99 2.79
N SER A 824 -1.55 -26.67 2.55
CA SER A 824 -1.25 -25.68 3.58
C SER A 824 -2.49 -25.20 4.32
N ALA A 825 -3.67 -25.52 3.82
CA ALA A 825 -4.91 -25.08 4.45
C ALA A 825 -5.15 -25.87 5.74
N LEU A 826 -5.88 -25.24 6.66
CA LEU A 826 -6.23 -25.87 7.93
C LEU A 826 -7.53 -26.65 7.73
N ALA A 827 -7.48 -27.96 7.94
CA ALA A 827 -8.59 -28.83 7.56
C ALA A 827 -9.91 -28.40 8.22
N GLU A 828 -9.87 -28.06 9.52
CA GLU A 828 -11.09 -27.68 10.22
C GLU A 828 -11.74 -26.43 9.61
N GLN A 829 -10.92 -25.45 9.22
CA GLN A 829 -11.44 -24.26 8.54
C GLN A 829 -12.07 -24.63 7.21
N VAL A 830 -11.35 -25.42 6.42
CA VAL A 830 -11.84 -25.87 5.13
C VAL A 830 -13.20 -26.53 5.30
N VAL A 831 -13.29 -27.48 6.22
CA VAL A 831 -14.50 -28.29 6.33
C VAL A 831 -15.68 -27.41 6.71
N GLY A 832 -15.49 -26.48 7.64
CA GLY A 832 -16.57 -25.56 7.99
C GLY A 832 -17.03 -24.75 6.80
N ASP A 833 -16.09 -24.23 6.02
CA ASP A 833 -16.48 -23.41 4.87
C ASP A 833 -17.10 -24.26 3.76
N VAL A 834 -16.70 -25.53 3.64
CA VAL A 834 -17.29 -26.40 2.63
C VAL A 834 -18.71 -26.79 3.01
N ILE A 835 -18.91 -27.21 4.26
CA ILE A 835 -20.24 -27.59 4.72
C ILE A 835 -21.22 -26.43 4.53
N THR A 836 -20.80 -25.22 4.90
CA THR A 836 -21.63 -24.04 4.68
C THR A 836 -21.86 -23.79 3.20
N SER A 837 -20.79 -23.80 2.40
CA SER A 837 -20.93 -23.36 1.01
C SER A 837 -21.74 -24.35 0.19
N ALA A 838 -21.64 -25.65 0.48
CA ALA A 838 -22.33 -26.64 -0.32
C ALA A 838 -23.76 -26.87 0.11
N PHE A 839 -24.06 -26.78 1.41
CA PHE A 839 -25.33 -27.29 1.93
C PHE A 839 -26.22 -26.24 2.57
N ASP A 840 -25.70 -25.04 2.87
CA ASP A 840 -26.56 -23.93 3.28
C ASP A 840 -27.68 -23.75 2.26
N SER A 841 -28.89 -23.49 2.75
CA SER A 841 -30.04 -23.26 1.87
C SER A 841 -30.31 -24.46 0.96
N ALA A 842 -29.95 -25.65 1.42
CA ALA A 842 -30.13 -26.90 0.65
C ALA A 842 -29.41 -26.81 -0.69
N GLY A 843 -28.30 -26.08 -0.71
CA GLY A 843 -27.54 -25.93 -1.95
C GLY A 843 -28.26 -25.17 -3.02
N GLN A 844 -29.33 -24.46 -2.67
CA GLN A 844 -30.13 -23.71 -3.65
C GLN A 844 -29.65 -22.28 -3.80
N ARG A 845 -28.35 -22.05 -3.73
CA ARG A 845 -27.76 -20.78 -4.08
C ARG A 845 -27.05 -20.93 -5.41
N CYS A 846 -27.18 -19.93 -6.28
CA CYS A 846 -26.38 -19.97 -7.49
C CYS A 846 -24.88 -19.93 -7.20
N SER A 847 -24.50 -19.39 -6.04
CA SER A 847 -23.13 -19.31 -5.55
C SER A 847 -22.64 -20.59 -4.89
N ALA A 848 -23.50 -21.58 -4.70
CA ALA A 848 -23.14 -22.72 -3.85
C ALA A 848 -21.94 -23.49 -4.38
N LEU A 849 -21.21 -24.10 -3.46
CA LEU A 849 -20.05 -24.90 -3.82
C LEU A 849 -20.51 -26.22 -4.44
N ARG A 850 -20.10 -26.47 -5.69
CA ARG A 850 -20.48 -27.68 -6.41
C ARG A 850 -19.35 -28.68 -6.55
N VAL A 851 -18.10 -28.23 -6.69
CA VAL A 851 -16.95 -29.12 -6.89
CA VAL A 851 -16.98 -29.14 -6.84
C VAL A 851 -15.83 -28.69 -5.93
N LEU A 852 -15.50 -29.55 -4.99
CA LEU A 852 -14.37 -29.34 -4.08
C LEU A 852 -13.18 -30.08 -4.64
N CYS A 853 -12.03 -29.38 -4.74
CA CYS A 853 -10.82 -29.94 -5.34
C CYS A 853 -9.73 -30.01 -4.28
N LEU A 854 -9.33 -31.21 -3.91
CA LEU A 854 -8.44 -31.45 -2.78
C LEU A 854 -7.08 -31.92 -3.29
N GLN A 855 -6.02 -31.25 -2.83
CA GLN A 855 -4.69 -31.73 -3.17
C GLN A 855 -4.52 -33.15 -2.64
N GLU A 856 -3.93 -34.01 -3.48
CA GLU A 856 -3.95 -35.46 -3.21
C GLU A 856 -3.42 -35.80 -1.82
N ASP A 857 -2.35 -35.13 -1.38
CA ASP A 857 -1.70 -35.50 -0.13
C ASP A 857 -2.59 -35.31 1.09
N VAL A 858 -3.57 -34.40 1.04
CA VAL A 858 -4.44 -34.13 2.18
C VAL A 858 -5.86 -34.58 1.91
N ALA A 859 -6.14 -35.17 0.76
CA ALA A 859 -7.52 -35.44 0.37
C ALA A 859 -8.20 -36.44 1.31
N ASP A 860 -7.50 -37.50 1.70
CA ASP A 860 -8.15 -38.50 2.52
C ASP A 860 -8.49 -37.96 3.89
N ARG A 861 -7.59 -37.18 4.50
CA ARG A 861 -7.87 -36.64 5.82
C ARG A 861 -9.02 -35.64 5.78
N ILE A 862 -9.04 -34.77 4.77
CA ILE A 862 -10.11 -33.78 4.69
C ILE A 862 -11.44 -34.46 4.36
N LEU A 863 -11.42 -35.45 3.46
CA LEU A 863 -12.65 -36.17 3.14
C LEU A 863 -13.23 -36.86 4.36
N THR A 864 -12.38 -37.51 5.17
CA THR A 864 -12.88 -38.12 6.41
C THR A 864 -13.55 -37.10 7.31
N MET A 865 -12.90 -35.94 7.49
CA MET A 865 -13.47 -34.91 8.33
C MET A 865 -14.77 -34.36 7.74
N LEU A 866 -14.79 -34.19 6.42
CA LEU A 866 -15.98 -33.67 5.76
C LEU A 866 -17.18 -34.61 5.93
N LYS A 867 -16.96 -35.93 5.73
CA LYS A 867 -18.06 -36.86 5.93
C LYS A 867 -18.54 -36.85 7.37
N GLY A 868 -17.60 -36.77 8.32
CA GLY A 868 -18.00 -36.69 9.72
C GLY A 868 -18.83 -35.46 10.02
N ALA A 869 -18.45 -34.31 9.44
CA ALA A 869 -19.21 -33.09 9.65
C ALA A 869 -20.58 -33.18 8.99
N LEU A 870 -20.64 -33.83 7.83
CA LEU A 870 -21.91 -34.00 7.14
C LEU A 870 -22.94 -34.65 8.03
N HIS A 871 -22.55 -35.67 8.78
CA HIS A 871 -23.50 -36.43 9.58
C HIS A 871 -23.93 -35.71 10.84
N GLU A 872 -23.39 -34.53 11.12
CA GLU A 872 -23.83 -33.71 12.24
C GLU A 872 -24.90 -32.70 11.85
N LEU A 873 -25.33 -32.69 10.60
CA LEU A 873 -26.33 -31.73 10.15
C LEU A 873 -27.74 -32.23 10.46
N HIS A 874 -28.60 -31.30 10.86
CA HIS A 874 -30.00 -31.59 11.15
C HIS A 874 -30.85 -31.07 9.98
N ILE A 875 -31.58 -31.98 9.35
CA ILE A 875 -32.44 -31.66 8.21
C ILE A 875 -33.90 -31.77 8.66
N GLY A 876 -34.71 -30.76 8.35
CA GLY A 876 -36.12 -30.86 8.65
C GLY A 876 -36.85 -29.55 8.37
N ARG A 877 -38.14 -29.54 8.74
CA ARG A 877 -38.94 -28.33 8.57
C ARG A 877 -38.29 -27.17 9.31
N THR A 878 -38.23 -26.00 8.66
CA THR A 878 -37.34 -24.95 9.12
C THR A 878 -37.95 -24.02 10.15
N ASP A 879 -39.03 -24.42 10.81
CA ASP A 879 -39.53 -23.62 11.91
C ASP A 879 -38.93 -24.04 13.25
N ARG A 880 -37.74 -24.65 13.24
CA ARG A 880 -36.96 -24.94 14.44
C ARG A 880 -35.56 -24.40 14.24
N LEU A 881 -35.05 -23.67 15.25
CA LEU A 881 -33.69 -23.15 15.21
C LEU A 881 -32.64 -24.24 15.01
N SER A 882 -32.92 -25.46 15.46
CA SER A 882 -31.94 -26.53 15.36
C SER A 882 -31.75 -27.06 13.94
N VAL A 883 -32.59 -26.66 12.99
CA VAL A 883 -32.47 -27.21 11.64
C VAL A 883 -31.38 -26.47 10.88
N ASP A 884 -30.47 -27.24 10.29
CA ASP A 884 -29.37 -26.69 9.50
C ASP A 884 -29.71 -26.61 8.01
N VAL A 885 -30.44 -27.59 7.51
CA VAL A 885 -30.76 -27.70 6.10
C VAL A 885 -32.24 -27.98 5.96
N GLY A 886 -32.94 -27.14 5.20
CA GLY A 886 -34.36 -27.29 4.98
C GLY A 886 -34.68 -28.07 3.72
N PRO A 887 -35.92 -27.95 3.26
CA PRO A 887 -36.33 -28.68 2.05
C PRO A 887 -35.85 -28.00 0.78
N VAL A 888 -35.91 -28.74 -0.32
CA VAL A 888 -35.79 -28.10 -1.63
C VAL A 888 -37.19 -27.62 -2.03
N ILE A 889 -37.24 -26.77 -3.06
CA ILE A 889 -38.42 -25.92 -3.25
C ILE A 889 -39.64 -26.71 -3.72
N THR A 890 -39.47 -27.76 -4.53
CA THR A 890 -40.61 -28.49 -5.10
C THR A 890 -40.28 -29.97 -5.25
N SER A 891 -41.32 -30.76 -5.49
CA SER A 891 -41.10 -32.18 -5.79
CA SER A 891 -41.13 -32.19 -5.80
C SER A 891 -40.35 -32.36 -7.10
N GLU A 892 -40.56 -31.47 -8.07
CA GLU A 892 -39.83 -31.59 -9.33
C GLU A 892 -38.34 -31.34 -9.11
N ALA A 893 -38.01 -30.33 -8.30
CA ALA A 893 -36.60 -30.10 -7.96
C ALA A 893 -36.01 -31.32 -7.26
N LYS A 894 -36.74 -31.86 -6.29
CA LYS A 894 -36.29 -33.06 -5.59
C LYS A 894 -36.04 -34.21 -6.56
N ASP A 895 -36.97 -34.45 -7.48
CA ASP A 895 -36.82 -35.57 -8.41
C ASP A 895 -35.62 -35.37 -9.31
N ASN A 896 -35.39 -34.13 -9.77
CA ASN A 896 -34.26 -33.85 -10.65
C ASN A 896 -32.94 -34.11 -9.92
N ILE A 897 -32.83 -33.66 -8.67
CA ILE A 897 -31.59 -33.83 -7.93
C ILE A 897 -31.35 -35.31 -7.63
N GLU A 898 -32.39 -36.03 -7.21
CA GLU A 898 -32.23 -37.43 -6.88
C GLU A 898 -31.87 -38.28 -8.10
N LYS A 899 -32.40 -37.93 -9.28
CA LYS A 899 -32.00 -38.65 -10.48
C LYS A 899 -30.50 -38.52 -10.73
N HIS A 900 -29.94 -37.34 -10.49
CA HIS A 900 -28.50 -37.15 -10.66
C HIS A 900 -27.73 -38.03 -9.68
N ILE A 901 -28.12 -38.00 -8.41
CA ILE A 901 -27.41 -38.79 -7.39
C ILE A 901 -27.42 -40.27 -7.77
N GLU A 902 -28.57 -40.77 -8.21
CA GLU A 902 -28.66 -42.19 -8.53
C GLU A 902 -27.85 -42.53 -9.78
N ARG A 903 -27.79 -41.63 -10.76
CA ARG A 903 -26.95 -41.86 -11.92
C ARG A 903 -25.49 -41.99 -11.52
N MET A 904 -25.00 -41.08 -10.67
CA MET A 904 -23.65 -41.17 -10.14
C MET A 904 -23.43 -42.47 -9.38
N ARG A 905 -24.40 -42.84 -8.54
CA ARG A 905 -24.28 -44.08 -7.79
C ARG A 905 -24.19 -45.27 -8.73
N GLY A 906 -25.04 -45.28 -9.76
CA GLY A 906 -25.03 -46.37 -10.73
C GLY A 906 -23.74 -46.49 -11.51
N LEU A 907 -23.00 -45.39 -11.65
CA LEU A 907 -21.69 -45.42 -12.31
C LEU A 907 -20.58 -45.87 -11.38
N GLY A 908 -20.89 -46.19 -10.13
CA GLY A 908 -19.91 -46.69 -9.20
C GLY A 908 -19.19 -45.64 -8.38
N ARG A 909 -19.64 -44.40 -8.41
CA ARG A 909 -18.99 -43.35 -7.63
C ARG A 909 -19.43 -43.43 -6.17
N LYS A 910 -18.50 -43.12 -5.26
CA LYS A 910 -18.79 -43.20 -3.85
C LYS A 910 -19.73 -42.06 -3.46
N VAL A 911 -20.87 -42.43 -2.88
CA VAL A 911 -21.91 -41.48 -2.49
C VAL A 911 -22.11 -41.56 -0.98
N GLU A 912 -21.98 -40.42 -0.30
CA GLU A 912 -22.23 -40.30 1.13
C GLU A 912 -23.47 -39.45 1.34
N GLN A 913 -24.42 -39.94 2.14
CA GLN A 913 -25.65 -39.20 2.42
C GLN A 913 -26.02 -39.34 3.88
N ILE A 914 -26.61 -38.28 4.44
CA ILE A 914 -27.15 -38.39 5.79
C ILE A 914 -28.54 -39.01 5.72
N GLY A 915 -28.92 -39.74 6.76
CA GLY A 915 -30.26 -40.29 6.80
C GLY A 915 -31.26 -39.22 7.21
N LEU A 916 -32.42 -39.24 6.56
CA LEU A 916 -33.49 -38.29 6.82
C LEU A 916 -34.47 -38.87 7.83
N ALA A 917 -34.97 -38.01 8.71
CA ALA A 917 -36.00 -38.45 9.66
C ALA A 917 -37.33 -38.65 8.94
N SER A 918 -38.19 -39.45 9.56
CA SER A 918 -39.49 -39.77 8.96
C SER A 918 -40.35 -38.52 8.77
N GLU A 919 -40.16 -37.50 9.62
CA GLU A 919 -40.93 -36.27 9.52
C GLU A 919 -40.73 -35.55 8.18
N THR A 920 -39.63 -35.82 7.48
CA THR A 920 -39.40 -35.14 6.20
C THR A 920 -40.37 -35.61 5.11
N GLY A 921 -41.09 -36.71 5.33
CA GLY A 921 -41.92 -37.27 4.27
C GLY A 921 -43.04 -36.37 3.81
N VAL A 922 -43.52 -35.47 4.67
CA VAL A 922 -44.62 -34.58 4.30
C VAL A 922 -44.17 -33.38 3.47
N GLY A 923 -42.86 -33.20 3.29
CA GLY A 923 -42.32 -32.15 2.44
C GLY A 923 -41.41 -32.70 1.36
N THR A 924 -40.61 -31.84 0.74
CA THR A 924 -39.73 -32.24 -0.36
C THR A 924 -38.26 -32.01 0.06
N PHE A 925 -37.62 -33.06 0.56
CA PHE A 925 -36.26 -32.97 1.09
C PHE A 925 -35.31 -33.83 0.28
N VAL A 926 -34.09 -33.34 0.11
CA VAL A 926 -32.96 -34.09 -0.41
C VAL A 926 -31.89 -34.09 0.68
N PRO A 927 -31.37 -35.24 1.11
CA PRO A 927 -30.32 -35.22 2.13
C PRO A 927 -29.04 -34.63 1.56
N PRO A 928 -28.32 -33.83 2.35
CA PRO A 928 -26.95 -33.46 1.96
C PRO A 928 -26.15 -34.67 1.53
N THR A 929 -25.41 -34.53 0.43
CA THR A 929 -24.79 -35.63 -0.28
C THR A 929 -23.38 -35.23 -0.74
N ILE A 930 -22.43 -36.16 -0.61
CA ILE A 930 -21.07 -36.00 -1.13
C ILE A 930 -20.84 -37.09 -2.16
N ILE A 931 -20.40 -36.70 -3.35
CA ILE A 931 -20.16 -37.63 -4.45
C ILE A 931 -18.70 -37.47 -4.88
N GLU A 932 -17.95 -38.56 -4.87
CA GLU A 932 -16.54 -38.52 -5.24
C GLU A 932 -16.39 -38.81 -6.73
N LEU A 933 -15.80 -37.87 -7.46
CA LEU A 933 -15.62 -38.01 -8.90
C LEU A 933 -14.14 -38.22 -9.23
N GLU A 934 -13.90 -38.83 -10.38
CA GLU A 934 -12.52 -39.01 -10.86
C GLU A 934 -11.94 -37.71 -11.42
N LYS A 935 -12.70 -36.99 -12.22
CA LYS A 935 -12.22 -35.74 -12.79
C LYS A 935 -13.38 -34.76 -12.94
N LEU A 936 -13.03 -33.47 -13.10
CA LEU A 936 -14.06 -32.44 -13.16
C LEU A 936 -15.02 -32.64 -14.32
N SER A 937 -14.52 -33.17 -15.45
CA SER A 937 -15.39 -33.39 -16.61
C SER A 937 -16.45 -34.45 -16.36
N ASP A 938 -16.38 -35.19 -15.23
CA ASP A 938 -17.44 -36.12 -14.90
C ASP A 938 -18.75 -35.42 -14.54
N LEU A 939 -18.70 -34.14 -14.21
CA LEU A 939 -19.89 -33.39 -13.82
C LEU A 939 -20.34 -32.53 -14.99
N GLN A 940 -21.52 -32.81 -15.53
CA GLN A 940 -21.92 -32.24 -16.82
C GLN A 940 -23.05 -31.24 -16.76
N ARG A 941 -23.94 -31.31 -15.77
CA ARG A 941 -25.00 -30.33 -15.62
C ARG A 941 -24.96 -29.72 -14.23
N GLU A 942 -25.57 -28.55 -14.10
CA GLU A 942 -25.71 -27.92 -12.78
C GLU A 942 -26.80 -28.64 -12.01
N VAL A 943 -26.46 -29.07 -10.78
CA VAL A 943 -27.38 -29.80 -9.92
C VAL A 943 -27.72 -28.88 -8.76
N PHE A 944 -28.93 -28.34 -8.77
CA PHE A 944 -29.28 -27.21 -7.89
C PHE A 944 -29.86 -27.73 -6.57
N GLY A 945 -28.98 -28.40 -5.82
CA GLY A 945 -29.38 -29.03 -4.58
C GLY A 945 -28.18 -29.24 -3.69
N PRO A 946 -28.38 -29.94 -2.58
CA PRO A 946 -27.31 -30.11 -1.56
C PRO A 946 -26.39 -31.27 -1.92
N VAL A 947 -25.66 -31.11 -3.02
CA VAL A 947 -24.88 -32.18 -3.60
C VAL A 947 -23.50 -31.64 -3.91
N LEU A 948 -22.51 -32.08 -3.14
CA LEU A 948 -21.13 -31.65 -3.30
C LEU A 948 -20.37 -32.74 -4.02
N HIS A 949 -19.64 -32.36 -5.05
CA HIS A 949 -18.77 -33.28 -5.77
C HIS A 949 -17.33 -33.03 -5.35
N VAL A 950 -16.54 -34.09 -5.20
CA VAL A 950 -15.18 -33.98 -4.71
C VAL A 950 -14.24 -34.62 -5.71
N ILE A 951 -13.19 -33.90 -6.10
CA ILE A 951 -12.13 -34.44 -6.93
C ILE A 951 -10.80 -34.19 -6.24
N ARG A 952 -9.79 -34.98 -6.63
CA ARG A 952 -8.45 -34.88 -6.09
C ARG A 952 -7.50 -34.44 -7.21
N TYR A 953 -6.43 -33.73 -6.86
CA TYR A 953 -5.46 -33.30 -7.86
C TYR A 953 -4.06 -33.38 -7.29
N ARG A 954 -3.09 -33.72 -8.17
CA ARG A 954 -1.67 -33.63 -7.81
C ARG A 954 -1.20 -32.18 -7.89
N ARG A 955 -0.32 -31.78 -6.96
CA ARG A 955 0.01 -30.36 -6.85
C ARG A 955 0.59 -29.81 -8.15
N ASP A 956 1.40 -30.60 -8.85
CA ASP A 956 1.94 -30.10 -10.11
C ASP A 956 0.88 -29.87 -11.17
N ASP A 957 -0.32 -30.45 -11.00
CA ASP A 957 -1.41 -30.29 -11.96
C ASP A 957 -2.36 -29.16 -11.59
N LEU A 958 -1.96 -28.30 -10.65
CA LEU A 958 -2.84 -27.20 -10.26
C LEU A 958 -3.22 -26.30 -11.45
N ASP A 959 -2.25 -25.90 -12.28
CA ASP A 959 -2.58 -25.00 -13.38
C ASP A 959 -3.57 -25.66 -14.34
N ARG A 960 -3.39 -26.96 -14.59
CA ARG A 960 -4.32 -27.67 -15.46
C ARG A 960 -5.70 -27.71 -14.85
N LEU A 961 -5.78 -27.90 -13.52
CA LEU A 961 -7.05 -27.92 -12.83
C LEU A 961 -7.78 -26.59 -12.99
N VAL A 962 -7.06 -25.48 -12.84
CA VAL A 962 -7.69 -24.17 -13.05
C VAL A 962 -8.22 -24.06 -14.46
N ASP A 963 -7.45 -24.55 -15.44
CA ASP A 963 -7.96 -24.63 -16.81
C ASP A 963 -9.24 -25.44 -16.86
N ASP A 964 -9.27 -26.57 -16.17
CA ASP A 964 -10.46 -27.43 -16.18
C ASP A 964 -11.66 -26.69 -15.62
N VAL A 965 -11.47 -25.95 -14.52
CA VAL A 965 -12.57 -25.18 -13.94
C VAL A 965 -13.06 -24.14 -14.95
N ASN A 966 -12.13 -23.42 -15.58
CA ASN A 966 -12.51 -22.41 -16.56
C ASN A 966 -13.21 -23.04 -17.76
N ALA A 967 -12.79 -24.25 -18.14
CA ALA A 967 -13.26 -24.86 -19.37
C ALA A 967 -14.75 -25.15 -19.36
N THR A 968 -15.37 -25.24 -18.18
CA THR A 968 -16.82 -25.46 -18.13
C THR A 968 -17.59 -24.32 -18.76
N GLY A 969 -17.01 -23.12 -18.82
CA GLY A 969 -17.67 -21.95 -19.37
C GLY A 969 -18.41 -21.10 -18.34
N TYR A 970 -18.60 -21.62 -17.13
CA TYR A 970 -19.17 -20.83 -16.05
C TYR A 970 -18.09 -19.95 -15.43
N GLY A 971 -18.53 -19.03 -14.56
CA GLY A 971 -17.59 -18.12 -13.95
C GLY A 971 -18.26 -17.27 -12.89
N LEU A 972 -18.89 -17.93 -11.92
CA LEU A 972 -19.63 -17.18 -10.91
C LEU A 972 -18.79 -17.07 -9.64
N THR A 973 -18.87 -18.04 -8.73
CA THR A 973 -18.08 -17.97 -7.51
C THR A 973 -16.96 -19.00 -7.56
N PHE A 974 -15.92 -18.71 -6.78
CA PHE A 974 -14.73 -19.55 -6.74
C PHE A 974 -14.04 -19.36 -5.41
N GLY A 975 -13.62 -20.44 -4.78
CA GLY A 975 -12.91 -20.38 -3.51
C GLY A 975 -11.53 -20.98 -3.58
N LEU A 976 -10.63 -20.43 -2.78
CA LEU A 976 -9.28 -20.97 -2.66
C LEU A 976 -8.89 -20.96 -1.19
N HIS A 977 -8.46 -22.13 -0.68
CA HIS A 977 -7.93 -22.24 0.67
C HIS A 977 -6.44 -22.58 0.55
N THR A 978 -5.61 -21.62 0.94
CA THR A 978 -4.16 -21.79 0.95
C THR A 978 -3.59 -20.70 1.83
N ARG A 979 -2.42 -20.96 2.40
CA ARG A 979 -1.68 -19.92 3.10
C ARG A 979 -0.58 -19.31 2.25
N LEU A 980 -0.41 -19.79 1.03
CA LEU A 980 0.82 -19.49 0.28
C LEU A 980 0.58 -18.42 -0.78
N ASP A 981 1.36 -17.33 -0.70
CA ASP A 981 1.19 -16.22 -1.64
C ASP A 981 1.41 -16.66 -3.08
N GLU A 982 2.38 -17.56 -3.34
CA GLU A 982 2.63 -17.98 -4.73
C GLU A 982 1.39 -18.67 -5.29
N THR A 983 0.72 -19.48 -4.46
CA THR A 983 -0.46 -20.17 -4.94
C THR A 983 -1.63 -19.20 -5.12
N ILE A 984 -1.80 -18.24 -4.19
CA ILE A 984 -2.84 -17.22 -4.35
C ILE A 984 -2.63 -16.45 -5.64
N ALA A 985 -1.40 -16.00 -5.90
CA ALA A 985 -1.13 -15.21 -7.10
C ALA A 985 -1.41 -16.03 -8.35
N HIS A 986 -0.92 -17.26 -8.38
CA HIS A 986 -1.11 -18.14 -9.54
C HIS A 986 -2.60 -18.37 -9.79
N VAL A 987 -3.31 -18.87 -8.78
CA VAL A 987 -4.70 -19.27 -9.01
C VAL A 987 -5.55 -18.06 -9.31
N THR A 988 -5.40 -16.96 -8.56
CA THR A 988 -6.29 -15.84 -8.80
C THR A 988 -5.97 -15.13 -10.11
N SER A 989 -4.75 -15.26 -10.61
CA SER A 989 -4.48 -14.65 -11.91
C SER A 989 -5.06 -15.48 -13.05
N ARG A 990 -5.23 -16.78 -12.86
CA ARG A 990 -5.61 -17.69 -13.94
C ARG A 990 -7.09 -18.05 -13.94
N ILE A 991 -7.75 -18.04 -12.78
CA ILE A 991 -9.18 -18.33 -12.72
C ILE A 991 -9.96 -17.21 -13.40
N LYS A 992 -11.07 -17.57 -14.03
CA LYS A 992 -11.95 -16.58 -14.66
C LYS A 992 -13.33 -16.68 -14.02
N ALA A 993 -13.53 -15.98 -12.90
CA ALA A 993 -14.82 -15.98 -12.22
C ALA A 993 -15.08 -14.60 -11.63
N GLY A 994 -16.36 -14.29 -11.42
CA GLY A 994 -16.72 -12.95 -10.97
C GLY A 994 -16.57 -12.69 -9.49
N ASN A 995 -16.68 -13.72 -8.66
CA ASN A 995 -16.64 -13.57 -7.20
C ASN A 995 -15.66 -14.58 -6.64
N LEU A 996 -14.51 -14.08 -6.22
CA LEU A 996 -13.44 -14.91 -5.67
C LEU A 996 -13.43 -14.76 -4.16
N TYR A 997 -13.12 -15.88 -3.48
CA TYR A 997 -13.11 -15.93 -2.03
C TYR A 997 -11.88 -16.70 -1.56
N ILE A 998 -11.07 -16.08 -0.71
CA ILE A 998 -9.81 -16.68 -0.25
CA ILE A 998 -9.80 -16.67 -0.26
C ILE A 998 -9.91 -16.95 1.24
N ASN A 999 -9.79 -18.23 1.60
CA ASN A 999 -9.75 -18.70 3.00
C ASN A 999 -11.04 -18.37 3.76
N ARG A 1000 -12.16 -18.48 3.06
CA ARG A 1000 -13.49 -18.27 3.65
C ARG A 1000 -14.49 -19.04 2.77
N ASN A 1001 -15.77 -19.00 3.17
CA ASN A 1001 -16.78 -19.65 2.33
C ASN A 1001 -17.04 -18.81 1.08
N ILE A 1002 -17.83 -19.35 0.16
CA ILE A 1002 -18.03 -18.71 -1.14
C ILE A 1002 -19.46 -18.21 -1.31
N ILE A 1003 -20.23 -18.10 -0.23
CA ILE A 1003 -21.63 -17.71 -0.32
C ILE A 1003 -21.89 -16.42 0.45
N GLY A 1004 -23.09 -15.88 0.25
CA GLY A 1004 -23.52 -14.74 1.02
C GLY A 1004 -22.82 -13.45 0.65
N ALA A 1005 -22.63 -13.20 -0.65
CA ALA A 1005 -22.05 -11.94 -1.10
C ALA A 1005 -22.83 -10.77 -0.50
N VAL A 1006 -22.10 -9.74 -0.08
CA VAL A 1006 -22.66 -8.59 0.61
C VAL A 1006 -22.74 -7.41 -0.36
N VAL A 1007 -23.92 -6.80 -0.44
CA VAL A 1007 -24.16 -5.68 -1.36
C VAL A 1007 -23.12 -4.59 -1.11
N GLY A 1008 -22.51 -4.08 -2.19
CA GLY A 1008 -21.53 -3.00 -2.09
C GLY A 1008 -20.21 -3.39 -1.49
N VAL A 1009 -20.05 -4.63 -1.05
CA VAL A 1009 -18.80 -5.13 -0.47
C VAL A 1009 -18.21 -6.24 -1.33
N GLN A 1010 -19.04 -7.23 -1.69
CA GLN A 1010 -18.75 -8.16 -2.78
C GLN A 1010 -19.87 -8.02 -3.79
N PRO A 1011 -19.83 -6.98 -4.65
CA PRO A 1011 -20.76 -6.92 -5.79
C PRO A 1011 -20.79 -8.26 -6.50
N PHE A 1012 -22.00 -8.73 -6.82
CA PHE A 1012 -22.21 -10.13 -7.14
C PHE A 1012 -22.59 -10.33 -8.60
N GLY A 1013 -21.89 -11.23 -9.26
CA GLY A 1013 -22.25 -11.59 -10.61
C GLY A 1013 -21.04 -12.12 -11.34
N GLY A 1014 -21.29 -13.00 -12.30
CA GLY A 1014 -20.21 -13.61 -13.02
C GLY A 1014 -20.18 -13.37 -14.50
N ARG A 1015 -19.46 -14.26 -15.21
CA ARG A 1015 -19.15 -14.10 -16.61
C ARG A 1015 -19.47 -15.40 -17.33
N GLY A 1016 -19.29 -15.39 -18.64
CA GLY A 1016 -19.53 -16.60 -19.41
C GLY A 1016 -20.97 -17.06 -19.26
N LEU A 1017 -21.13 -18.37 -19.03
CA LEU A 1017 -22.45 -18.98 -18.85
C LEU A 1017 -23.14 -18.51 -17.58
N SER A 1018 -22.45 -17.76 -16.74
CA SER A 1018 -23.00 -17.30 -15.48
C SER A 1018 -23.70 -15.96 -15.59
N GLY A 1019 -23.54 -15.25 -16.69
CA GLY A 1019 -24.32 -14.03 -16.77
C GLY A 1019 -23.71 -13.00 -17.69
N THR A 1020 -24.49 -11.94 -17.89
CA THR A 1020 -24.13 -10.82 -18.75
C THR A 1020 -23.43 -9.72 -18.01
N GLY A 1021 -23.64 -9.63 -16.69
CA GLY A 1021 -23.39 -8.42 -15.97
C GLY A 1021 -24.33 -7.32 -16.39
N PRO A 1022 -24.19 -6.13 -15.78
CA PRO A 1022 -23.23 -5.80 -14.71
C PRO A 1022 -23.61 -6.45 -13.38
N LYS A 1023 -22.69 -6.40 -12.42
CA LYS A 1023 -22.93 -7.01 -11.11
C LYS A 1023 -24.03 -6.30 -10.34
N ALA A 1024 -24.91 -7.10 -9.74
CA ALA A 1024 -25.84 -6.58 -8.75
C ALA A 1024 -25.08 -6.14 -7.51
N GLY A 1025 -25.61 -5.10 -6.86
CA GLY A 1025 -24.93 -4.58 -5.70
C GLY A 1025 -23.59 -3.97 -6.00
N GLY A 1026 -23.40 -3.52 -7.25
CA GLY A 1026 -22.17 -2.88 -7.66
C GLY A 1026 -22.46 -1.59 -8.41
N PRO A 1027 -21.41 -0.83 -8.72
CA PRO A 1027 -21.58 0.56 -9.17
C PRO A 1027 -21.90 0.70 -10.66
N LEU A 1028 -21.84 -0.36 -11.45
CA LEU A 1028 -22.21 -0.29 -12.87
C LEU A 1028 -23.65 -0.70 -13.13
N TYR A 1029 -24.38 -1.14 -12.10
CA TYR A 1029 -25.70 -1.72 -12.30
C TYR A 1029 -26.70 -0.70 -12.83
N LEU A 1030 -26.83 0.44 -12.13
CA LEU A 1030 -27.86 1.40 -12.51
C LEU A 1030 -27.63 1.95 -13.92
N GLY A 1031 -26.37 2.03 -14.33
CA GLY A 1031 -26.06 2.59 -15.63
C GLY A 1031 -26.60 1.80 -16.80
N ARG A 1032 -26.88 0.52 -16.59
CA ARG A 1032 -27.47 -0.33 -17.62
C ARG A 1032 -28.96 -0.07 -17.80
N LEU A 1033 -29.58 0.63 -16.85
CA LEU A 1033 -31.02 0.81 -16.79
C LEU A 1033 -31.47 2.20 -17.24
N VAL A 1034 -30.55 2.96 -17.84
CA VAL A 1034 -30.83 4.27 -18.43
C VAL A 1034 -30.29 4.28 -19.85
N THR A 1035 -30.71 5.27 -20.64
CA THR A 1035 -30.30 5.29 -22.05
C THR A 1035 -28.86 5.72 -22.20
N THR A 1036 -28.39 6.64 -21.36
CA THR A 1036 -27.02 7.13 -21.37
C THR A 1036 -26.45 6.91 -19.98
N ALA A 1037 -25.40 6.09 -19.88
CA ALA A 1037 -24.89 5.68 -18.58
C ALA A 1037 -24.11 6.82 -17.93
N PRO A 1038 -24.29 7.04 -16.63
CA PRO A 1038 -23.48 8.02 -15.91
C PRO A 1038 -22.10 7.44 -15.62
N VAL A 1039 -21.23 8.31 -15.12
CA VAL A 1039 -19.92 7.87 -14.63
C VAL A 1039 -20.10 7.38 -13.19
N PRO A 1040 -19.90 6.11 -12.91
CA PRO A 1040 -20.10 5.62 -11.54
C PRO A 1040 -19.09 6.24 -10.59
N PRO A 1041 -19.40 6.27 -9.30
CA PRO A 1041 -18.41 6.69 -8.31
C PRO A 1041 -17.14 5.85 -8.42
N GLN A 1042 -16.00 6.52 -8.28
CA GLN A 1042 -14.67 5.90 -8.26
C GLN A 1042 -14.30 5.20 -9.56
N HIS A 1043 -15.07 5.42 -10.63
CA HIS A 1043 -14.89 4.64 -11.86
C HIS A 1043 -13.95 5.38 -12.80
N SER A 1044 -12.67 5.02 -12.78
CA SER A 1044 -11.65 5.57 -13.66
C SER A 1044 -10.41 4.70 -13.54
N SER A 1045 -9.46 4.92 -14.45
CA SER A 1045 -8.18 4.24 -14.37
C SER A 1045 -7.11 5.11 -15.02
N VAL A 1046 -5.94 5.18 -14.38
CA VAL A 1046 -4.83 5.94 -14.97
C VAL A 1046 -4.05 5.12 -15.98
N HIS A 1047 -4.39 3.84 -16.16
CA HIS A 1047 -3.63 2.96 -17.03
C HIS A 1047 -4.22 2.98 -18.43
N THR A 1048 -3.33 2.94 -19.43
CA THR A 1048 -3.72 2.96 -20.82
C THR A 1048 -3.29 1.64 -21.45
N ASP A 1049 -4.19 0.98 -22.13
CA ASP A 1049 -3.86 -0.31 -22.74
C ASP A 1049 -2.80 -0.12 -23.82
N PRO A 1050 -1.72 -0.91 -23.82
CA PRO A 1050 -0.62 -0.64 -24.77
C PRO A 1050 -0.94 -1.04 -26.20
N VAL A 1051 -1.83 -2.02 -26.39
CA VAL A 1051 -2.21 -2.40 -27.73
C VAL A 1051 -3.12 -1.33 -28.32
N LEU A 1052 -4.00 -0.74 -27.51
CA LEU A 1052 -4.72 0.46 -27.93
C LEU A 1052 -3.76 1.53 -28.43
N LEU A 1053 -2.69 1.79 -27.67
CA LEU A 1053 -1.75 2.84 -28.06
C LEU A 1053 -1.07 2.48 -29.38
N ASP A 1054 -0.71 1.22 -29.57
CA ASP A 1054 -0.09 0.80 -30.81
C ASP A 1054 -1.06 0.94 -31.98
N PHE A 1055 -2.34 0.66 -31.74
CA PHE A 1055 -3.34 0.83 -32.78
C PHE A 1055 -3.53 2.30 -33.14
N ALA A 1056 -3.56 3.18 -32.15
CA ALA A 1056 -3.68 4.61 -32.43
C ALA A 1056 -2.51 5.08 -33.28
N LYS A 1057 -1.30 4.59 -33.00
CA LYS A 1057 -0.14 4.96 -33.80
C LYS A 1057 -0.27 4.41 -35.22
N TRP A 1058 -0.77 3.19 -35.36
CA TRP A 1058 -1.03 2.63 -36.69
C TRP A 1058 -2.05 3.48 -37.44
N LEU A 1059 -3.11 3.92 -36.76
CA LEU A 1059 -4.10 4.79 -37.41
C LEU A 1059 -3.44 6.07 -37.91
N ASP A 1060 -2.63 6.71 -37.05
CA ASP A 1060 -1.92 7.92 -37.49
C ASP A 1060 -1.06 7.63 -38.72
N GLY A 1061 -0.39 6.49 -38.74
CA GLY A 1061 0.44 6.15 -39.89
C GLY A 1061 -0.33 5.93 -41.17
N LYS A 1062 -1.56 5.43 -41.06
CA LYS A 1062 -2.43 5.27 -42.22
C LYS A 1062 -3.13 6.56 -42.61
N GLY A 1063 -2.94 7.63 -41.85
CA GLY A 1063 -3.58 8.91 -42.12
C GLY A 1063 -4.97 9.09 -41.53
N ALA A 1064 -5.43 8.17 -40.69
CA ALA A 1064 -6.77 8.25 -40.12
C ALA A 1064 -6.71 9.02 -38.80
N ARG A 1065 -6.48 10.33 -38.94
CA ARG A 1065 -6.20 11.17 -37.77
C ARG A 1065 -7.41 11.28 -36.85
N ALA A 1066 -8.60 11.44 -37.41
CA ALA A 1066 -9.80 11.49 -36.56
C ALA A 1066 -9.95 10.21 -35.75
N GLU A 1067 -9.80 9.05 -36.39
CA GLU A 1067 -9.95 7.81 -35.64
C GLU A 1067 -8.82 7.60 -34.66
N ALA A 1068 -7.60 8.07 -34.98
CA ALA A 1068 -6.50 7.98 -34.02
C ALA A 1068 -6.79 8.79 -32.76
N GLU A 1069 -7.34 9.99 -32.91
CA GLU A 1069 -7.75 10.79 -31.76
C GLU A 1069 -8.83 10.09 -30.96
N ALA A 1070 -9.85 9.53 -31.66
CA ALA A 1070 -10.89 8.79 -30.96
C ALA A 1070 -10.31 7.58 -30.23
N ALA A 1071 -9.31 6.92 -30.81
CA ALA A 1071 -8.68 5.79 -30.15
C ALA A 1071 -7.97 6.22 -28.88
N ARG A 1072 -7.20 7.32 -28.96
CA ARG A 1072 -6.53 7.81 -27.76
CA ARG A 1072 -6.52 7.80 -27.75
C ARG A 1072 -7.54 8.21 -26.69
N ASN A 1073 -8.65 8.83 -27.11
CA ASN A 1073 -9.68 9.21 -26.14
C ASN A 1073 -10.28 7.97 -25.48
N ALA A 1074 -10.52 6.91 -26.24
CA ALA A 1074 -11.00 5.66 -25.66
C ALA A 1074 -9.98 5.09 -24.68
N GLY A 1075 -8.70 5.15 -25.02
CA GLY A 1075 -7.68 4.67 -24.10
C GLY A 1075 -7.72 5.37 -22.76
N SER A 1076 -7.94 6.69 -22.75
CA SER A 1076 -8.05 7.47 -21.52
C SER A 1076 -9.36 7.21 -20.79
N SER A 1077 -10.47 7.14 -21.52
CA SER A 1077 -11.79 6.97 -20.92
CA SER A 1077 -11.77 6.98 -20.89
CA SER A 1077 -11.77 6.98 -20.86
C SER A 1077 -11.98 5.58 -20.32
N SER A 1078 -11.30 4.58 -20.87
CA SER A 1078 -11.44 3.21 -20.36
C SER A 1078 -11.10 3.16 -18.88
N ALA A 1079 -11.87 2.38 -18.12
CA ALA A 1079 -11.57 2.15 -16.72
C ALA A 1079 -10.89 0.80 -16.49
N LEU A 1080 -10.47 0.14 -17.56
CA LEU A 1080 -9.63 -1.05 -17.44
C LEU A 1080 -8.47 -0.78 -16.50
N GLY A 1081 -8.30 -1.66 -15.51
CA GLY A 1081 -7.22 -1.48 -14.54
C GLY A 1081 -7.64 -0.83 -13.23
N LEU A 1082 -8.89 -0.34 -13.12
CA LEU A 1082 -9.43 0.07 -11.83
C LEU A 1082 -9.19 -1.02 -10.79
N ASP A 1083 -8.73 -0.61 -9.59
CA ASP A 1083 -8.31 -1.55 -8.55
C ASP A 1083 -8.62 -0.89 -7.21
N LEU A 1084 -9.75 -1.26 -6.60
CA LEU A 1084 -10.25 -0.59 -5.41
C LEU A 1084 -10.41 -1.57 -4.27
N GLU A 1085 -10.32 -1.03 -3.05
CA GLU A 1085 -10.72 -1.78 -1.87
C GLU A 1085 -11.99 -1.14 -1.34
N LEU A 1086 -13.03 -1.96 -1.16
CA LEU A 1086 -14.34 -1.50 -0.70
C LEU A 1086 -14.44 -1.59 0.82
N PRO A 1087 -15.06 -0.60 1.47
CA PRO A 1087 -15.23 -0.64 2.92
C PRO A 1087 -16.07 -1.83 3.35
N GLY A 1088 -15.66 -2.48 4.44
CA GLY A 1088 -16.35 -3.64 4.92
C GLY A 1088 -15.95 -3.94 6.35
N PRO A 1089 -16.18 -5.18 6.79
CA PRO A 1089 -15.82 -5.54 8.16
C PRO A 1089 -14.31 -5.66 8.34
N VAL A 1090 -13.90 -5.58 9.61
CA VAL A 1090 -12.50 -5.86 9.93
C VAL A 1090 -12.19 -7.35 9.65
N GLY A 1091 -10.91 -7.63 9.48
CA GLY A 1091 -10.47 -9.01 9.26
C GLY A 1091 -10.78 -9.54 7.89
N GLU A 1092 -11.10 -8.65 6.95
CA GLU A 1092 -11.41 -9.04 5.59
C GLU A 1092 -10.93 -7.93 4.69
N ARG A 1093 -10.39 -8.28 3.52
CA ARG A 1093 -10.08 -7.31 2.48
C ARG A 1093 -10.96 -7.59 1.28
N ASN A 1094 -11.72 -6.59 0.85
CA ASN A 1094 -12.70 -6.78 -0.22
C ASN A 1094 -12.32 -5.89 -1.38
N LEU A 1095 -11.94 -6.52 -2.48
CA LEU A 1095 -11.33 -5.86 -3.62
C LEU A 1095 -12.27 -5.89 -4.80
N TYR A 1096 -12.23 -4.83 -5.61
CA TYR A 1096 -13.08 -4.71 -6.79
C TYR A 1096 -12.21 -4.20 -7.92
N THR A 1097 -12.19 -4.93 -9.04
CA THR A 1097 -11.26 -4.63 -10.12
C THR A 1097 -11.96 -4.75 -11.47
N LEU A 1098 -11.47 -4.02 -12.47
CA LEU A 1098 -11.99 -4.09 -13.82
C LEU A 1098 -10.95 -4.68 -14.77
N HIS A 1099 -11.35 -5.72 -15.49
CA HIS A 1099 -10.49 -6.47 -16.39
C HIS A 1099 -11.09 -6.46 -17.79
N ALA A 1100 -10.32 -6.96 -18.73
CA ALA A 1100 -10.89 -7.20 -20.05
C ALA A 1100 -11.94 -8.30 -19.95
N ARG A 1101 -12.94 -8.25 -20.83
CA ARG A 1101 -13.96 -9.31 -20.86
C ARG A 1101 -13.45 -10.56 -21.56
N GLY A 1102 -12.70 -10.41 -22.64
CA GLY A 1102 -12.26 -11.55 -23.43
C GLY A 1102 -12.14 -11.22 -24.90
N ARG A 1103 -12.74 -12.03 -25.76
CA ARG A 1103 -12.76 -11.76 -27.19
C ARG A 1103 -14.12 -11.20 -27.55
N ILE A 1104 -14.13 -10.00 -28.13
CA ILE A 1104 -15.35 -9.30 -28.51
C ILE A 1104 -15.61 -9.56 -29.99
N LEU A 1105 -16.85 -9.94 -30.32
CA LEU A 1105 -17.23 -10.09 -31.72
C LEU A 1105 -17.52 -8.71 -32.29
N LEU A 1106 -16.84 -8.37 -33.38
CA LEU A 1106 -17.04 -7.09 -34.06
C LEU A 1106 -17.78 -7.35 -35.35
N VAL A 1107 -18.91 -6.67 -35.53
CA VAL A 1107 -19.67 -6.77 -36.78
C VAL A 1107 -19.74 -5.38 -37.37
N PRO A 1108 -18.73 -4.96 -38.12
CA PRO A 1108 -18.72 -3.60 -38.67
C PRO A 1108 -19.44 -3.54 -40.00
N ALA A 1109 -19.70 -2.32 -40.43
CA ALA A 1109 -20.22 -2.06 -41.78
C ALA A 1109 -19.33 -1.15 -42.61
N THR A 1110 -18.61 -0.21 -41.99
CA THR A 1110 -17.77 0.74 -42.68
C THR A 1110 -16.37 0.72 -42.10
N GLU A 1111 -15.42 1.26 -42.86
CA GLU A 1111 -14.04 1.36 -42.41
C GLU A 1111 -13.95 2.17 -41.12
N SER A 1112 -14.59 3.34 -41.07
CA SER A 1112 -14.52 4.15 -39.87
C SER A 1112 -15.22 3.45 -38.70
N GLY A 1113 -16.34 2.79 -38.96
CA GLY A 1113 -17.00 2.04 -37.91
C GLY A 1113 -16.11 0.95 -37.33
N LEU A 1114 -15.40 0.23 -38.19
CA LEU A 1114 -14.49 -0.80 -37.72
C LEU A 1114 -13.39 -0.20 -36.86
N TYR A 1115 -12.80 0.92 -37.29
CA TYR A 1115 -11.75 1.55 -36.49
C TYR A 1115 -12.29 1.98 -35.12
N HIS A 1116 -13.52 2.52 -35.08
CA HIS A 1116 -14.11 2.89 -33.80
C HIS A 1116 -14.38 1.66 -32.93
N GLN A 1117 -14.89 0.59 -33.53
CA GLN A 1117 -15.13 -0.64 -32.76
C GLN A 1117 -13.83 -1.21 -32.19
N LEU A 1118 -12.79 -1.24 -33.01
CA LEU A 1118 -11.52 -1.78 -32.55
CA LEU A 1118 -11.49 -1.75 -32.58
C LEU A 1118 -10.92 -0.92 -31.46
N ALA A 1119 -11.02 0.41 -31.58
CA ALA A 1119 -10.52 1.28 -30.53
C ALA A 1119 -11.23 1.00 -29.20
N ALA A 1120 -12.56 0.88 -29.24
CA ALA A 1120 -13.32 0.63 -28.01
C ALA A 1120 -12.92 -0.70 -27.38
N ALA A 1121 -12.81 -1.76 -28.19
CA ALA A 1121 -12.47 -3.08 -27.66
C ALA A 1121 -11.04 -3.14 -27.14
N LEU A 1122 -10.10 -2.54 -27.88
CA LEU A 1122 -8.69 -2.61 -27.45
C LEU A 1122 -8.44 -1.75 -26.22
N ALA A 1123 -9.11 -0.59 -26.14
CA ALA A 1123 -8.95 0.29 -24.97
C ALA A 1123 -9.38 -0.38 -23.68
N THR A 1124 -10.25 -1.37 -23.77
CA THR A 1124 -10.73 -2.11 -22.61
C THR A 1124 -10.05 -3.48 -22.48
N GLY A 1125 -8.95 -3.68 -23.22
CA GLY A 1125 -8.07 -4.82 -23.00
C GLY A 1125 -8.45 -6.09 -23.74
N ASN A 1126 -9.46 -6.02 -24.59
CA ASN A 1126 -10.02 -7.20 -25.23
C ASN A 1126 -9.28 -7.55 -26.51
N SER A 1127 -9.43 -8.81 -26.91
CA SER A 1127 -9.15 -9.24 -28.27
C SER A 1127 -10.45 -9.16 -29.05
N VAL A 1128 -10.35 -9.33 -30.36
CA VAL A 1128 -11.53 -9.22 -31.22
C VAL A 1128 -11.55 -10.33 -32.25
N ALA A 1129 -12.76 -10.70 -32.65
CA ALA A 1129 -13.01 -11.47 -33.86
C ALA A 1129 -13.87 -10.61 -34.77
N ILE A 1130 -13.36 -10.28 -35.94
CA ILE A 1130 -14.05 -9.39 -36.86
C ILE A 1130 -14.80 -10.21 -37.90
N ASP A 1131 -16.06 -9.88 -38.12
CA ASP A 1131 -16.87 -10.54 -39.14
C ASP A 1131 -16.22 -10.43 -40.53
N ALA A 1132 -15.81 -11.57 -41.08
CA ALA A 1132 -15.21 -11.55 -42.41
C ALA A 1132 -16.22 -11.21 -43.50
N ALA A 1133 -17.51 -11.46 -43.25
CA ALA A 1133 -18.53 -11.09 -44.22
C ALA A 1133 -18.68 -9.58 -44.38
N SER A 1134 -18.02 -8.79 -43.54
CA SER A 1134 -18.03 -7.34 -43.71
C SER A 1134 -17.29 -6.89 -44.95
N GLY A 1135 -16.36 -7.70 -45.45
CA GLY A 1135 -15.53 -7.31 -46.58
C GLY A 1135 -14.50 -6.24 -46.30
N LEU A 1136 -14.19 -5.97 -45.03
CA LEU A 1136 -13.33 -4.84 -44.69
C LEU A 1136 -11.88 -5.27 -44.40
N GLN A 1137 -11.47 -6.46 -44.87
CA GLN A 1137 -10.12 -6.94 -44.56
C GLN A 1137 -9.06 -5.96 -45.05
N ALA A 1138 -9.27 -5.32 -46.20
CA ALA A 1138 -8.30 -4.39 -46.74
C ALA A 1138 -8.18 -3.11 -45.93
N SER A 1139 -9.06 -2.88 -44.95
CA SER A 1139 -8.94 -1.71 -44.09
C SER A 1139 -7.95 -1.92 -42.95
N LEU A 1140 -7.46 -3.13 -42.74
CA LEU A 1140 -6.62 -3.47 -41.59
C LEU A 1140 -5.33 -4.14 -42.02
N LYS A 1141 -4.67 -3.58 -43.04
CA LYS A 1141 -3.42 -4.15 -43.52
C LYS A 1141 -2.24 -3.65 -42.72
N ASN A 1142 -1.23 -4.52 -42.56
CA ASN A 1142 0.06 -4.15 -41.97
C ASN A 1142 -0.09 -3.68 -40.53
N LEU A 1143 -0.90 -4.37 -39.75
CA LEU A 1143 -1.02 -4.04 -38.34
C LEU A 1143 0.29 -4.33 -37.60
N PRO A 1144 0.61 -3.53 -36.58
CA PRO A 1144 1.70 -3.93 -35.68
C PRO A 1144 1.42 -5.30 -35.11
N GLN A 1145 2.49 -6.07 -34.89
CA GLN A 1145 2.28 -7.43 -34.38
C GLN A 1145 1.52 -7.43 -33.06
N THR A 1146 1.74 -6.43 -32.21
CA THR A 1146 1.04 -6.39 -30.93
C THR A 1146 -0.47 -6.33 -31.13
N VAL A 1147 -0.91 -5.59 -32.13
CA VAL A 1147 -2.34 -5.51 -32.43
C VAL A 1147 -2.80 -6.75 -33.18
N GLY A 1148 -2.01 -7.22 -34.14
CA GLY A 1148 -2.38 -8.44 -34.86
C GLY A 1148 -2.61 -9.62 -33.94
N LEU A 1149 -1.84 -9.72 -32.85
CA LEU A 1149 -2.02 -10.81 -31.89
C LEU A 1149 -3.42 -10.81 -31.28
N ARG A 1150 -4.07 -9.64 -31.27
CA ARG A 1150 -5.40 -9.50 -30.69
C ARG A 1150 -6.51 -9.59 -31.73
N VAL A 1151 -6.19 -9.65 -33.01
CA VAL A 1151 -7.16 -9.56 -34.09
C VAL A 1151 -7.27 -10.90 -34.80
N SER A 1152 -8.50 -11.36 -34.95
CA SER A 1152 -8.77 -12.48 -35.84
C SER A 1152 -9.99 -12.13 -36.65
N TRP A 1153 -10.13 -12.81 -37.79
CA TRP A 1153 -11.27 -12.65 -38.67
C TRP A 1153 -12.08 -13.92 -38.66
N SER A 1154 -13.40 -13.79 -38.57
CA SER A 1154 -14.28 -14.93 -38.37
C SER A 1154 -15.30 -15.00 -39.50
N LYS A 1155 -15.34 -16.15 -40.18
CA LYS A 1155 -16.40 -16.41 -41.13
C LYS A 1155 -17.56 -17.16 -40.46
N ASP A 1156 -17.26 -18.09 -39.57
CA ASP A 1156 -18.25 -18.90 -38.86
C ASP A 1156 -18.18 -18.48 -37.39
N TRP A 1157 -19.05 -17.54 -37.00
CA TRP A 1157 -18.97 -17.01 -35.64
C TRP A 1157 -19.13 -18.10 -34.59
N ALA A 1158 -19.98 -19.09 -34.85
CA ALA A 1158 -20.20 -20.14 -33.86
C ALA A 1158 -18.95 -20.98 -33.62
N ALA A 1159 -18.10 -21.12 -34.63
CA ALA A 1159 -16.88 -21.91 -34.47
C ALA A 1159 -15.79 -21.19 -33.71
N ASP A 1160 -15.84 -19.86 -33.64
CA ASP A 1160 -14.72 -19.06 -33.13
C ASP A 1160 -14.98 -18.49 -31.75
N GLY A 1161 -16.07 -18.89 -31.11
CA GLY A 1161 -16.37 -18.45 -29.76
C GLY A 1161 -15.70 -19.33 -28.74
N PRO A 1162 -16.00 -19.14 -27.46
CA PRO A 1162 -16.99 -18.18 -26.92
C PRO A 1162 -16.51 -16.75 -26.98
N PHE A 1163 -17.44 -15.85 -27.30
CA PHE A 1163 -17.17 -14.43 -27.20
C PHE A 1163 -17.61 -13.92 -25.84
N ALA A 1164 -17.18 -12.71 -25.50
CA ALA A 1164 -17.51 -12.10 -24.22
C ALA A 1164 -18.31 -10.82 -24.39
N GLY A 1165 -18.73 -10.52 -25.61
CA GLY A 1165 -19.53 -9.36 -25.92
C GLY A 1165 -19.49 -9.12 -27.42
N ALA A 1166 -20.25 -8.13 -27.88
CA ALA A 1166 -20.24 -7.82 -29.30
C ALA A 1166 -20.49 -6.33 -29.52
N LEU A 1167 -19.94 -5.84 -30.64
CA LEU A 1167 -20.15 -4.49 -31.14
C LEU A 1167 -20.66 -4.60 -32.58
N VAL A 1168 -21.78 -3.95 -32.88
CA VAL A 1168 -22.45 -4.08 -34.17
C VAL A 1168 -22.66 -2.70 -34.77
N GLU A 1169 -22.40 -2.58 -36.07
CA GLU A 1169 -22.69 -1.36 -36.83
C GLU A 1169 -23.66 -1.70 -37.96
N GLY A 1170 -24.69 -0.89 -38.12
CA GLY A 1170 -25.60 -1.10 -39.22
C GLY A 1170 -26.86 -0.26 -39.06
N ASP A 1171 -27.69 -0.32 -40.09
CA ASP A 1171 -29.01 0.28 -39.94
C ASP A 1171 -29.88 -0.64 -39.09
N ALA A 1172 -31.12 -0.22 -38.84
CA ALA A 1172 -31.94 -0.91 -37.85
C ALA A 1172 -32.18 -2.36 -38.23
N GLU A 1173 -32.46 -2.62 -39.51
CA GLU A 1173 -32.73 -4.01 -39.87
C GLU A 1173 -31.46 -4.85 -39.91
N ARG A 1174 -30.31 -4.22 -40.23
CA ARG A 1174 -29.04 -4.93 -40.10
C ARG A 1174 -28.79 -5.31 -38.64
N ILE A 1175 -29.08 -4.39 -37.73
CA ILE A 1175 -28.88 -4.63 -36.30
C ILE A 1175 -29.77 -5.77 -35.83
N ARG A 1176 -31.04 -5.78 -36.25
CA ARG A 1176 -31.95 -6.84 -35.85
C ARG A 1176 -31.48 -8.19 -36.36
N ALA A 1177 -31.04 -8.24 -37.62
CA ALA A 1177 -30.55 -9.49 -38.19
C ALA A 1177 -29.33 -10.01 -37.45
N VAL A 1178 -28.36 -9.13 -37.18
CA VAL A 1178 -27.16 -9.54 -36.47
C VAL A 1178 -27.51 -9.98 -35.06
N ASN A 1179 -28.45 -9.28 -34.42
CA ASN A 1179 -28.83 -9.63 -33.06
C ASN A 1179 -29.40 -11.04 -33.00
N LYS A 1180 -30.15 -11.44 -34.03
CA LYS A 1180 -30.66 -12.81 -34.10
C LYS A 1180 -29.54 -13.81 -34.33
N ALA A 1181 -28.62 -13.50 -35.24
CA ALA A 1181 -27.47 -14.38 -35.47
C ALA A 1181 -26.62 -14.54 -34.21
N ILE A 1182 -26.49 -13.47 -33.43
CA ILE A 1182 -25.69 -13.57 -32.21
C ILE A 1182 -26.42 -14.41 -31.16
N ALA A 1183 -27.73 -14.22 -31.03
CA ALA A 1183 -28.48 -15.04 -30.07
C ALA A 1183 -28.40 -16.51 -30.43
N ALA A 1184 -28.21 -16.84 -31.70
CA ALA A 1184 -28.11 -18.23 -32.14
C ALA A 1184 -26.76 -18.86 -31.84
N LEU A 1185 -25.78 -18.07 -31.41
CA LEU A 1185 -24.48 -18.65 -31.10
C LEU A 1185 -24.58 -19.50 -29.84
N PRO A 1186 -23.97 -20.69 -29.85
CA PRO A 1186 -23.99 -21.52 -28.65
C PRO A 1186 -23.18 -20.88 -27.53
N GLY A 1187 -23.56 -21.19 -26.29
CA GLY A 1187 -22.78 -20.77 -25.17
C GLY A 1187 -23.35 -19.56 -24.45
N PRO A 1188 -22.48 -18.64 -24.06
CA PRO A 1188 -22.91 -17.55 -23.18
C PRO A 1188 -23.79 -16.54 -23.87
N LEU A 1189 -24.63 -15.88 -23.08
CA LEU A 1189 -25.43 -14.76 -23.56
C LEU A 1189 -24.52 -13.55 -23.69
N LEU A 1190 -24.46 -12.95 -24.87
CA LEU A 1190 -23.54 -11.86 -25.12
C LEU A 1190 -24.21 -10.52 -24.86
N LEU A 1191 -23.47 -9.64 -24.18
CA LEU A 1191 -23.89 -8.25 -24.04
C LEU A 1191 -23.51 -7.54 -25.33
N VAL A 1192 -24.53 -7.15 -26.11
CA VAL A 1192 -24.37 -6.62 -27.45
C VAL A 1192 -24.63 -5.11 -27.42
N GLN A 1193 -23.75 -4.35 -28.07
CA GLN A 1193 -24.00 -2.93 -28.28
C GLN A 1193 -24.01 -2.66 -29.78
N ALA A 1194 -25.02 -1.91 -30.23
CA ALA A 1194 -25.18 -1.60 -31.63
C ALA A 1194 -25.24 -0.09 -31.85
N ALA A 1195 -24.86 0.32 -33.05
CA ALA A 1195 -24.93 1.72 -33.43
C ALA A 1195 -24.96 1.80 -34.96
N SER A 1196 -25.62 2.83 -35.47
CA SER A 1196 -25.55 3.15 -36.90
C SER A 1196 -24.25 3.86 -37.23
N SER A 1197 -23.93 3.89 -38.53
CA SER A 1197 -22.74 4.64 -38.95
C SER A 1197 -22.85 6.11 -38.56
N GLY A 1198 -24.04 6.69 -38.72
CA GLY A 1198 -24.22 8.08 -38.34
C GLY A 1198 -24.05 8.30 -36.85
N GLU A 1199 -24.55 7.35 -36.03
CA GLU A 1199 -24.37 7.47 -34.60
C GLU A 1199 -22.90 7.40 -34.22
N ILE A 1200 -22.13 6.52 -34.88
CA ILE A 1200 -20.70 6.47 -34.63
C ILE A 1200 -20.04 7.80 -34.98
N ALA A 1201 -20.49 8.45 -36.07
CA ALA A 1201 -19.90 9.74 -36.44
C ALA A 1201 -20.30 10.84 -35.45
N ARG A 1202 -21.53 10.81 -34.94
CA ARG A 1202 -22.03 11.89 -34.11
C ARG A 1202 -21.68 11.74 -32.64
N ASN A 1203 -21.62 10.52 -32.12
CA ASN A 1203 -21.50 10.29 -30.69
C ASN A 1203 -20.23 9.52 -30.35
N PRO A 1204 -19.23 10.15 -29.75
CA PRO A 1204 -18.00 9.42 -29.37
C PRO A 1204 -18.27 8.27 -28.41
N ASP A 1205 -19.37 8.30 -27.67
CA ASP A 1205 -19.73 7.25 -26.73
C ASP A 1205 -20.76 6.28 -27.30
N ALA A 1206 -20.89 6.22 -28.63
CA ALA A 1206 -21.84 5.31 -29.27
C ALA A 1206 -21.72 3.90 -28.72
N TYR A 1207 -20.49 3.43 -28.54
CA TYR A 1207 -20.21 2.18 -27.87
C TYR A 1207 -19.69 2.50 -26.48
N CYS A 1208 -20.44 2.10 -25.46
CA CYS A 1208 -20.11 2.51 -24.11
C CYS A 1208 -19.05 1.57 -23.53
N LEU A 1209 -17.98 2.16 -23.01
CA LEU A 1209 -16.89 1.34 -22.51
C LEU A 1209 -17.24 0.65 -21.21
N ASN A 1210 -18.30 1.08 -20.52
CA ASN A 1210 -18.70 0.41 -19.29
C ASN A 1210 -18.95 -1.08 -19.53
N TRP A 1211 -19.47 -1.43 -20.70
CA TRP A 1211 -19.92 -2.79 -20.95
C TRP A 1211 -18.88 -3.62 -21.69
N LEU A 1212 -17.67 -3.10 -21.86
CA LEU A 1212 -16.56 -3.81 -22.49
C LEU A 1212 -15.49 -4.23 -21.50
N VAL A 1213 -15.69 -3.99 -20.20
CA VAL A 1213 -14.81 -4.50 -19.15
C VAL A 1213 -15.62 -5.48 -18.31
N GLU A 1214 -14.88 -6.27 -17.53
CA GLU A 1214 -15.44 -7.30 -16.69
C GLU A 1214 -15.13 -6.96 -15.25
N GLU A 1215 -16.15 -6.99 -14.40
CA GLU A 1215 -15.96 -6.74 -12.98
C GLU A 1215 -15.54 -8.01 -12.25
N VAL A 1216 -14.55 -7.89 -11.37
CA VAL A 1216 -14.16 -9.00 -10.51
C VAL A 1216 -14.15 -8.54 -9.06
N SER A 1217 -14.81 -9.30 -8.20
CA SER A 1217 -14.81 -9.11 -6.75
C SER A 1217 -13.96 -10.18 -6.10
N ALA A 1218 -13.10 -9.78 -5.16
CA ALA A 1218 -12.31 -10.75 -4.40
C ALA A 1218 -12.41 -10.43 -2.93
N SER A 1219 -12.77 -11.43 -2.12
CA SER A 1219 -12.92 -11.27 -0.69
C SER A 1219 -11.90 -12.18 -0.01
N ILE A 1220 -10.97 -11.59 0.73
CA ILE A 1220 -9.88 -12.30 1.38
C ILE A 1220 -10.08 -12.25 2.89
N ASN A 1221 -10.16 -13.43 3.52
CA ASN A 1221 -10.24 -13.51 4.98
C ASN A 1221 -8.84 -13.30 5.55
N THR A 1222 -8.55 -12.11 6.02
CA THR A 1222 -7.21 -11.79 6.52
C THR A 1222 -7.04 -12.20 7.97
N ALA A 1223 -8.09 -12.69 8.61
CA ALA A 1223 -7.96 -13.23 9.95
C ALA A 1223 -7.73 -14.73 9.95
N ALA A 1224 -7.58 -15.37 8.78
CA ALA A 1224 -7.57 -16.82 8.69
C ALA A 1224 -6.39 -17.46 9.42
N ALA A 1225 -5.29 -16.74 9.63
CA ALA A 1225 -4.15 -17.30 10.36
C ALA A 1225 -4.37 -17.36 11.86
N GLY A 1226 -5.48 -16.83 12.37
CA GLY A 1226 -5.81 -16.94 13.78
C GLY A 1226 -5.99 -15.63 14.49
N GLY A 1227 -5.69 -14.52 13.83
CA GLY A 1227 -5.83 -13.20 14.41
C GLY A 1227 -5.79 -12.13 13.35
N ASN A 1228 -6.01 -10.90 13.79
CA ASN A 1228 -6.13 -9.71 12.94
C ASN A 1228 -4.95 -8.78 13.21
N ALA A 1229 -4.02 -8.69 12.25
CA ALA A 1229 -2.83 -7.87 12.45
C ALA A 1229 -3.18 -6.39 12.62
N SER A 1230 -4.11 -5.88 11.82
CA SER A 1230 -4.48 -4.46 11.94
C SER A 1230 -5.02 -4.14 13.32
N LEU A 1231 -5.83 -5.03 13.89
CA LEU A 1231 -6.40 -4.78 15.20
C LEU A 1231 -5.42 -4.99 16.34
N MET A 1232 -4.23 -5.53 16.07
CA MET A 1232 -3.21 -5.58 17.12
C MET A 1232 -2.74 -4.18 17.51
N ALA A 1233 -2.99 -3.18 16.67
CA ALA A 1233 -2.63 -1.80 16.97
C ALA A 1233 -3.75 -0.99 17.61
N ILE A 1234 -4.92 -1.60 17.84
CA ILE A 1234 -6.10 -0.87 18.32
C ILE A 1234 -6.35 -1.25 19.77
N GLY A 1235 -6.14 -0.28 20.66
CA GLY A 1235 -6.32 -0.48 22.09
C GLY A 1235 -6.86 0.78 22.74
N PRO B 17 47.30 32.17 -10.67
CA PRO B 17 46.75 32.20 -9.31
C PRO B 17 47.08 30.94 -8.52
N ALA B 18 47.51 31.11 -7.27
CA ALA B 18 47.84 29.95 -6.44
C ALA B 18 46.59 29.11 -6.19
N PRO B 19 46.72 27.78 -6.15
CA PRO B 19 45.54 26.93 -5.93
C PRO B 19 44.84 27.25 -4.61
N PHE B 20 43.53 27.45 -4.70
CA PHE B 20 42.62 27.60 -3.56
C PHE B 20 42.89 28.85 -2.73
N ALA B 21 43.68 29.78 -3.25
CA ALA B 21 43.96 31.04 -2.55
C ALA B 21 42.71 31.91 -2.43
N ASP B 22 41.71 31.73 -3.29
CA ASP B 22 40.48 32.50 -3.23
C ASP B 22 39.28 31.57 -3.25
N PHE B 23 39.36 30.47 -2.50
CA PHE B 23 38.32 29.44 -2.64
C PHE B 23 36.96 29.95 -2.18
N ALA B 24 36.89 30.43 -0.94
CA ALA B 24 35.61 30.86 -0.39
C ALA B 24 35.80 31.88 0.73
N PRO B 25 36.42 33.02 0.48
CA PRO B 25 36.63 34.01 1.54
C PRO B 25 35.29 34.54 2.04
N PRO B 26 35.11 34.67 3.35
CA PRO B 26 33.84 35.18 3.87
C PRO B 26 33.66 36.65 3.56
N VAL B 27 32.39 37.08 3.56
CA VAL B 27 32.06 38.49 3.27
C VAL B 27 32.78 39.43 4.24
N ARG B 28 32.86 39.05 5.52
CA ARG B 28 33.56 39.83 6.53
C ARG B 28 34.21 38.86 7.51
N PRO B 29 35.24 39.29 8.23
CA PRO B 29 35.76 38.44 9.31
C PRO B 29 34.67 38.16 10.33
N GLN B 30 34.59 36.92 10.77
CA GLN B 30 33.51 36.46 11.63
C GLN B 30 33.75 36.86 13.08
N SER B 31 32.85 37.67 13.63
CA SER B 31 32.92 38.12 15.01
C SER B 31 32.66 36.95 15.97
N THR B 32 32.90 37.20 17.25
CA THR B 32 32.55 36.22 18.28
C THR B 32 31.08 35.84 18.19
N LEU B 33 30.20 36.83 18.03
CA LEU B 33 28.77 36.53 17.96
C LEU B 33 28.43 35.76 16.69
N ARG B 34 29.04 36.11 15.55
CA ARG B 34 28.77 35.36 14.33
C ARG B 34 29.29 33.92 14.45
N ARG B 35 30.44 33.73 15.11
CA ARG B 35 30.96 32.38 15.24
C ARG B 35 30.08 31.51 16.12
N ALA B 36 29.44 32.10 17.13
CA ALA B 36 28.55 31.31 17.98
C ALA B 36 27.31 30.86 17.21
N ILE B 37 26.82 31.68 16.28
CA ILE B 37 25.76 31.23 15.38
C ILE B 37 26.21 30.01 14.59
N THR B 38 27.35 30.13 13.92
CA THR B 38 27.83 29.04 13.06
C THR B 38 28.05 27.76 13.87
N ALA B 39 28.58 27.88 15.09
CA ALA B 39 28.83 26.72 15.92
C ALA B 39 27.57 25.93 16.24
N ALA B 40 26.41 26.56 16.22
CA ALA B 40 25.16 25.88 16.57
C ALA B 40 24.44 25.28 15.38
N TYR B 41 24.94 25.51 14.15
CA TYR B 41 24.23 25.15 12.93
C TYR B 41 23.58 23.77 13.00
N ARG B 42 24.36 22.73 13.33
CA ARG B 42 23.81 21.37 13.37
C ARG B 42 24.05 20.72 14.72
N ARG B 43 23.95 21.51 15.78
CA ARG B 43 24.19 21.03 17.13
C ARG B 43 23.19 19.92 17.48
N PRO B 44 23.62 18.85 18.14
CA PRO B 44 22.68 17.79 18.50
C PRO B 44 21.50 18.35 19.28
N GLU B 45 20.33 17.78 18.99
CA GLU B 45 19.09 18.22 19.63
C GLU B 45 19.16 18.10 21.15
N THR B 46 19.80 17.04 21.66
CA THR B 46 19.92 16.88 23.11
C THR B 46 20.78 17.96 23.74
N GLU B 47 21.67 18.60 22.98
CA GLU B 47 22.44 19.72 23.50
C GLU B 47 21.68 21.04 23.39
N CYS B 48 20.81 21.17 22.39
CA CYS B 48 20.12 22.44 22.19
C CYS B 48 19.05 22.67 23.23
N LEU B 49 18.32 21.62 23.60
CA LEU B 49 17.10 21.84 24.35
C LEU B 49 17.28 22.23 25.82
N PRO B 50 18.27 21.74 26.56
CA PRO B 50 18.34 22.11 28.00
C PRO B 50 18.45 23.61 28.23
N PRO B 51 19.29 24.36 27.50
CA PRO B 51 19.31 25.81 27.74
C PRO B 51 18.05 26.54 27.29
N LEU B 52 17.36 26.02 26.28
CA LEU B 52 16.07 26.61 25.91
C LEU B 52 15.01 26.35 26.99
N VAL B 53 14.99 25.13 27.54
CA VAL B 53 14.07 24.83 28.64
C VAL B 53 14.30 25.81 29.80
N GLU B 54 15.56 26.04 30.15
CA GLU B 54 15.88 26.95 31.24
C GLU B 54 15.37 28.35 30.94
N ALA B 55 15.64 28.85 29.73
CA ALA B 55 15.26 30.22 29.37
C ALA B 55 13.75 30.38 29.23
N ALA B 56 13.04 29.30 28.88
CA ALA B 56 11.60 29.36 28.71
C ALA B 56 10.84 29.10 30.01
N THR B 57 11.53 28.85 31.12
CA THR B 57 10.87 28.56 32.37
C THR B 57 10.16 29.79 32.91
N GLN B 58 8.91 29.61 33.36
CA GLN B 58 8.13 30.67 33.98
C GLN B 58 7.55 30.18 35.29
N SER B 59 7.26 31.13 36.18
CA SER B 59 6.72 30.81 37.50
C SER B 59 5.39 30.07 37.39
N LYS B 60 5.03 29.38 38.47
CA LYS B 60 3.77 28.63 38.50
C LYS B 60 2.57 29.55 38.32
N GLU B 61 2.62 30.73 38.95
CA GLU B 61 1.50 31.66 38.83
C GLU B 61 1.34 32.18 37.41
N ILE B 62 2.47 32.44 36.72
CA ILE B 62 2.39 32.88 35.34
C ILE B 62 1.89 31.74 34.45
N ARG B 63 2.42 30.53 34.66
CA ARG B 63 1.96 29.38 33.89
C ARG B 63 0.48 29.12 34.13
N ASP B 64 0.01 29.27 35.37
CA ASP B 64 -1.41 29.10 35.64
C ASP B 64 -2.23 30.16 34.92
N ALA B 65 -1.80 31.42 34.98
CA ALA B 65 -2.57 32.49 34.36
C ALA B 65 -2.57 32.36 32.84
N ALA B 66 -1.46 31.91 32.26
CA ALA B 66 -1.40 31.75 30.81
C ALA B 66 -2.28 30.59 30.35
N ALA B 67 -2.35 29.53 31.14
CA ALA B 67 -3.25 28.42 30.81
C ALA B 67 -4.70 28.88 30.81
N SER B 68 -5.05 29.81 31.70
CA SER B 68 -6.42 30.32 31.71
C SER B 68 -6.67 31.25 30.53
N THR B 69 -5.67 32.08 30.18
CA THR B 69 -5.82 32.93 29.01
C THR B 69 -5.94 32.10 27.74
N ALA B 70 -5.12 31.04 27.64
CA ALA B 70 -5.18 30.17 26.47
C ALA B 70 -6.51 29.45 26.37
N ARG B 71 -7.03 28.96 27.51
CA ARG B 71 -8.31 28.28 27.50
C ARG B 71 -9.42 29.20 27.02
N LYS B 72 -9.43 30.45 27.50
CA LYS B 72 -10.42 31.42 27.05
C LYS B 72 -10.31 31.67 25.55
N LEU B 73 -9.08 31.78 25.04
CA LEU B 73 -8.91 31.97 23.60
C LEU B 73 -9.44 30.78 22.81
N ILE B 74 -9.14 29.56 23.29
CA ILE B 74 -9.50 28.36 22.54
C ILE B 74 -11.00 28.14 22.59
N GLU B 75 -11.62 28.38 23.74
CA GLU B 75 -13.08 28.31 23.83
C GLU B 75 -13.73 29.30 22.87
N ALA B 76 -13.19 30.52 22.79
CA ALA B 76 -13.73 31.51 21.86
C ALA B 76 -13.57 31.06 20.42
N LEU B 77 -12.41 30.45 20.09
CA LEU B 77 -12.19 29.99 18.72
C LEU B 77 -13.15 28.86 18.35
N ARG B 78 -13.29 27.86 19.22
CA ARG B 78 -14.16 26.74 18.92
C ARG B 78 -15.64 27.09 19.05
N GLY B 79 -15.96 28.15 19.79
CA GLY B 79 -17.34 28.53 19.99
C GLY B 79 -17.94 29.26 18.80
N LYS B 80 -17.14 30.13 18.18
CA LYS B 80 -17.60 30.88 17.02
C LYS B 80 -17.24 30.18 15.71
N HIS B 81 -16.70 28.98 15.78
CA HIS B 81 -16.40 28.23 14.57
C HIS B 81 -17.69 27.81 13.88
N SER B 82 -17.73 27.99 12.56
CA SER B 82 -18.79 27.47 11.72
C SER B 82 -18.15 26.92 10.45
N GLY B 83 -18.97 26.32 9.59
CA GLY B 83 -18.44 25.69 8.40
C GLY B 83 -17.88 26.69 7.41
N SER B 84 -16.77 26.33 6.79
CA SER B 84 -16.17 27.17 5.76
C SER B 84 -17.03 27.16 4.50
N GLY B 85 -16.67 28.01 3.55
CA GLY B 85 -17.42 28.08 2.31
C GLY B 85 -17.36 26.78 1.53
N VAL B 86 -16.18 26.17 1.45
CA VAL B 86 -16.03 24.94 0.67
C VAL B 86 -16.82 23.80 1.30
N GLU B 87 -16.85 23.74 2.64
CA GLU B 87 -17.62 22.70 3.32
C GLU B 87 -19.11 22.80 3.01
N GLY B 88 -19.68 24.01 3.09
CA GLY B 88 -21.08 24.18 2.75
C GLY B 88 -21.38 23.88 1.30
N LEU B 89 -20.43 24.13 0.42
CA LEU B 89 -20.60 23.79 -0.99
C LEU B 89 -20.62 22.28 -1.18
N VAL B 90 -19.67 21.59 -0.56
CA VAL B 90 -19.64 20.12 -0.61
C VAL B 90 -20.92 19.53 -0.03
N GLN B 91 -21.40 20.09 1.08
CA GLN B 91 -22.61 19.56 1.69
C GLN B 91 -23.85 19.85 0.84
N GLU B 92 -23.96 21.07 0.30
CA GLU B 92 -25.17 21.42 -0.44
C GLU B 92 -25.36 20.56 -1.68
N TYR B 93 -24.27 20.21 -2.36
CA TYR B 93 -24.39 19.43 -3.59
C TYR B 93 -23.95 17.98 -3.40
N SER B 94 -23.71 17.55 -2.16
CA SER B 94 -23.35 16.17 -1.85
C SER B 94 -22.13 15.73 -2.65
N LEU B 95 -21.13 16.59 -2.70
CA LEU B 95 -19.94 16.28 -3.47
C LEU B 95 -19.03 15.32 -2.72
N SER B 96 -18.42 14.40 -3.46
CA SER B 96 -17.28 13.67 -2.93
C SER B 96 -16.07 14.58 -2.86
N SER B 97 -15.01 14.11 -2.22
CA SER B 97 -13.78 14.90 -2.15
C SER B 97 -13.24 15.18 -3.55
N GLN B 98 -13.16 14.13 -4.38
CA GLN B 98 -12.65 14.33 -5.74
C GLN B 98 -13.55 15.28 -6.53
N GLU B 99 -14.87 15.22 -6.32
CA GLU B 99 -15.77 16.15 -6.99
C GLU B 99 -15.52 17.58 -6.52
N GLY B 100 -15.32 17.75 -5.20
CA GLY B 100 -14.97 19.07 -4.71
C GLY B 100 -13.68 19.60 -5.31
N VAL B 101 -12.65 18.77 -5.38
CA VAL B 101 -11.38 19.20 -5.96
C VAL B 101 -11.55 19.53 -7.44
N ALA B 102 -12.23 18.66 -8.18
CA ALA B 102 -12.45 18.89 -9.61
C ALA B 102 -13.21 20.17 -9.86
N LEU B 103 -14.24 20.44 -9.03
CA LEU B 103 -15.04 21.65 -9.21
C LEU B 103 -14.21 22.90 -9.00
N MET B 104 -13.33 22.89 -8.00
CA MET B 104 -12.49 24.05 -7.76
C MET B 104 -11.46 24.24 -8.87
N CYS B 105 -10.96 23.14 -9.44
CA CYS B 105 -10.09 23.26 -10.62
C CYS B 105 -10.83 23.88 -11.78
N LEU B 106 -12.07 23.43 -12.04
CA LEU B 106 -12.88 24.03 -13.08
C LEU B 106 -13.10 25.51 -12.80
N ALA B 107 -13.44 25.84 -11.55
CA ALA B 107 -13.66 27.24 -11.19
C ALA B 107 -12.40 28.07 -11.42
N GLU B 108 -11.24 27.55 -11.02
CA GLU B 108 -9.97 28.23 -11.27
C GLU B 108 -9.78 28.52 -12.75
N ALA B 109 -10.05 27.53 -13.61
CA ALA B 109 -9.89 27.73 -15.04
C ALA B 109 -10.86 28.77 -15.58
N LEU B 110 -12.11 28.75 -15.09
CA LEU B 110 -13.09 29.73 -15.55
C LEU B 110 -12.71 31.14 -15.12
N LEU B 111 -12.03 31.28 -13.99
CA LEU B 111 -11.62 32.60 -13.53
C LEU B 111 -10.43 33.16 -14.31
N ARG B 112 -9.76 32.33 -15.13
CA ARG B 112 -8.73 32.82 -16.03
C ARG B 112 -9.33 33.55 -17.24
N ILE B 113 -10.64 33.46 -17.43
CA ILE B 113 -11.35 34.28 -18.41
C ILE B 113 -11.70 35.60 -17.71
N PRO B 114 -11.08 36.73 -18.10
CA PRO B 114 -11.31 37.98 -17.34
C PRO B 114 -12.69 38.56 -17.55
N ASP B 115 -13.29 38.38 -18.73
CA ASP B 115 -14.57 38.99 -19.04
C ASP B 115 -15.71 38.18 -18.43
N THR B 116 -16.43 38.77 -17.47
CA THR B 116 -17.52 38.07 -16.81
C THR B 116 -18.56 37.56 -17.82
N ALA B 117 -18.91 38.38 -18.81
CA ALA B 117 -19.94 37.98 -19.76
C ALA B 117 -19.49 36.81 -20.61
N THR B 118 -18.23 36.80 -21.03
CA THR B 118 -17.71 35.66 -21.79
C THR B 118 -17.68 34.40 -20.92
N ARG B 119 -17.25 34.55 -19.67
CA ARG B 119 -17.20 33.42 -18.74
C ARG B 119 -18.59 32.83 -18.51
N ASP B 120 -19.55 33.67 -18.15
CA ASP B 120 -20.90 33.19 -17.88
C ASP B 120 -21.54 32.58 -19.11
N ALA B 121 -21.25 33.12 -20.30
CA ALA B 121 -21.77 32.52 -21.52
C ALA B 121 -21.20 31.14 -21.75
N LEU B 122 -19.89 30.97 -21.50
CA LEU B 122 -19.26 29.66 -21.67
C LEU B 122 -19.84 28.64 -20.70
N ILE B 123 -20.12 29.08 -19.46
CA ILE B 123 -20.71 28.20 -18.47
C ILE B 123 -22.09 27.74 -18.92
N ARG B 124 -22.95 28.69 -19.32
CA ARG B 124 -24.33 28.37 -19.62
C ARG B 124 -24.45 27.55 -20.91
N ASP B 125 -23.65 27.86 -21.91
CA ASP B 125 -23.85 27.30 -23.24
C ASP B 125 -22.87 26.18 -23.60
N LYS B 126 -21.82 25.97 -22.82
CA LYS B 126 -20.87 24.91 -23.15
C LYS B 126 -20.60 23.98 -21.97
N ILE B 127 -20.23 24.55 -20.82
CA ILE B 127 -19.77 23.72 -19.71
C ILE B 127 -20.92 22.96 -19.07
N ALA B 128 -22.08 23.62 -18.89
CA ALA B 128 -23.17 23.01 -18.16
C ALA B 128 -23.73 21.77 -18.85
N ASP B 129 -23.52 21.63 -20.15
CA ASP B 129 -23.99 20.46 -20.89
C ASP B 129 -22.96 19.35 -20.85
N ASN B 131 -19.85 18.62 -21.49
CA ASN B 131 -18.97 18.71 -22.66
C ASN B 131 -17.82 19.67 -22.37
N TRP B 132 -17.41 19.73 -21.10
CA TRP B 132 -16.37 20.65 -20.68
C TRP B 132 -15.03 20.35 -21.32
N LYS B 133 -14.80 19.08 -21.70
CA LYS B 133 -13.47 18.67 -22.15
C LYS B 133 -13.01 19.43 -23.38
N SER B 134 -13.94 19.82 -24.25
CA SER B 134 -13.61 20.49 -25.51
C SER B 134 -13.77 22.00 -25.42
N HIS B 135 -13.36 22.62 -24.31
CA HIS B 135 -13.57 24.06 -24.14
C HIS B 135 -12.57 24.71 -23.17
N LEU B 136 -12.01 23.94 -22.25
CA LEU B 136 -11.16 24.56 -21.24
C LEU B 136 -9.82 23.86 -21.06
N GLY B 137 -9.80 22.53 -21.07
CA GLY B 137 -8.55 21.80 -20.99
C GLY B 137 -7.74 21.91 -22.27
N GLY B 138 -7.42 20.77 -22.86
CA GLY B 138 -6.67 20.77 -24.11
C GLY B 138 -5.18 20.87 -23.89
N SER B 139 -4.61 22.06 -24.16
CA SER B 139 -3.16 22.22 -23.98
C SER B 139 -2.78 22.18 -22.51
N ARG B 140 -3.60 22.78 -21.64
CA ARG B 140 -3.36 22.80 -20.20
C ARG B 140 -4.45 21.99 -19.51
N SER B 141 -4.03 20.97 -18.75
CA SER B 141 -4.98 20.21 -17.96
C SER B 141 -5.75 21.15 -17.03
N LEU B 142 -7.05 20.91 -16.92
CA LEU B 142 -7.84 21.63 -15.92
CA LEU B 142 -7.85 21.62 -15.93
C LEU B 142 -7.29 21.42 -14.52
N PHE B 143 -6.61 20.30 -14.30
CA PHE B 143 -6.27 19.84 -12.96
C PHE B 143 -4.81 20.08 -12.58
N VAL B 144 -4.11 21.00 -13.25
CA VAL B 144 -2.70 21.26 -12.98
C VAL B 144 -2.46 21.58 -11.51
N ASN B 145 -3.36 22.34 -10.89
CA ASN B 145 -3.20 22.76 -9.50
C ASN B 145 -4.07 21.94 -8.55
N ALA B 146 -4.46 20.73 -8.94
CA ALA B 146 -5.35 19.96 -8.09
C ALA B 146 -4.73 19.55 -6.76
N ALA B 147 -3.40 19.46 -6.68
CA ALA B 147 -2.80 19.17 -5.38
C ALA B 147 -3.09 20.28 -4.40
N THR B 148 -3.10 21.54 -4.88
CA THR B 148 -3.41 22.66 -4.01
C THR B 148 -4.87 22.62 -3.58
N TRP B 149 -5.78 22.47 -4.54
CA TRP B 149 -7.19 22.37 -4.18
C TRP B 149 -7.47 21.13 -3.35
N GLY B 150 -6.69 20.06 -3.53
CA GLY B 150 -6.84 18.90 -2.65
C GLY B 150 -6.60 19.25 -1.19
N LEU B 151 -5.57 20.05 -0.93
CA LEU B 151 -5.35 20.56 0.42
C LEU B 151 -6.54 21.38 0.90
N VAL B 152 -7.05 22.28 0.05
CA VAL B 152 -8.16 23.13 0.47
C VAL B 152 -9.38 22.29 0.82
N VAL B 153 -9.68 21.27 0.01
CA VAL B 153 -10.93 20.53 0.15
C VAL B 153 -10.83 19.47 1.24
N THR B 154 -9.70 18.75 1.30
CA THR B 154 -9.56 17.58 2.14
C THR B 154 -8.58 17.77 3.30
N GLY B 155 -7.72 18.77 3.23
CA GLY B 155 -6.65 18.92 4.21
C GLY B 155 -5.48 18.00 4.00
N LYS B 156 -5.53 17.11 3.01
CA LYS B 156 -4.44 16.19 2.72
C LYS B 156 -3.74 16.60 1.44
N LEU B 157 -2.43 16.41 1.42
CA LEU B 157 -1.61 16.68 0.24
C LEU B 157 -1.35 15.38 -0.50
N THR B 158 -1.62 15.39 -1.80
CA THR B 158 -1.22 14.32 -2.70
C THR B 158 -0.28 14.92 -3.72
N SER B 159 0.93 14.34 -3.86
CA SER B 159 2.00 15.00 -4.62
C SER B 159 1.69 15.13 -6.11
N THR B 160 1.04 14.11 -6.68
CA THR B 160 0.63 14.20 -8.08
C THR B 160 -0.88 14.04 -8.14
N VAL B 161 -1.41 14.27 -9.33
CA VAL B 161 -2.84 14.47 -9.54
C VAL B 161 -3.40 13.27 -10.28
N ASN B 162 -4.48 12.67 -9.75
CA ASN B 162 -5.15 11.61 -10.51
C ASN B 162 -6.13 12.28 -11.46
N ASP B 163 -5.64 12.64 -12.64
CA ASP B 163 -6.44 13.40 -13.57
C ASP B 163 -7.55 12.58 -14.21
N ARG B 164 -7.46 11.25 -14.22
CA ARG B 164 -8.58 10.46 -14.70
C ARG B 164 -9.71 10.42 -13.68
N SER B 165 -9.35 10.30 -12.39
CA SER B 165 -10.37 10.35 -11.34
C SER B 165 -11.04 11.72 -11.29
N LEU B 166 -10.26 12.79 -11.45
CA LEU B 166 -10.84 14.13 -11.42
C LEU B 166 -11.70 14.39 -12.66
N ALA B 167 -11.28 13.91 -13.83
CA ALA B 167 -12.12 14.07 -15.00
C ALA B 167 -13.43 13.32 -14.84
N ALA B 168 -13.37 12.09 -14.31
CA ALA B 168 -14.59 11.34 -14.04
C ALA B 168 -15.48 12.07 -13.05
N ALA B 169 -14.87 12.62 -12.00
CA ALA B 169 -15.64 13.33 -10.97
C ALA B 169 -16.28 14.60 -11.51
N LEU B 170 -15.56 15.34 -12.36
CA LEU B 170 -16.13 16.57 -12.90
C LEU B 170 -17.29 16.27 -13.84
N THR B 171 -17.13 15.26 -14.70
CA THR B 171 -18.24 14.83 -15.54
C THR B 171 -19.44 14.41 -14.71
N ARG B 172 -19.19 13.65 -13.64
CA ARG B 172 -20.28 13.18 -12.81
C ARG B 172 -21.01 14.35 -12.17
N LEU B 173 -20.26 15.30 -11.58
CA LEU B 173 -20.94 16.36 -10.85
C LEU B 173 -21.69 17.31 -11.78
N ILE B 174 -21.15 17.56 -12.97
CA ILE B 174 -21.85 18.46 -13.90
C ILE B 174 -23.10 17.78 -14.46
N SER B 175 -22.98 16.50 -14.84
CA SER B 175 -24.14 15.78 -15.34
C SER B 175 -25.20 15.62 -14.26
N ARG B 176 -24.80 15.63 -12.98
CA ARG B 176 -25.77 15.48 -11.90
C ARG B 176 -26.41 16.83 -11.53
N CYS B 177 -25.61 17.89 -11.43
CA CYS B 177 -26.06 19.14 -10.82
C CYS B 177 -26.07 20.34 -11.77
N GLY B 178 -25.37 20.27 -12.90
CA GLY B 178 -25.56 21.31 -13.90
C GLY B 178 -24.97 22.67 -13.54
N GLU B 179 -25.52 23.69 -14.19
CA GLU B 179 -25.02 25.05 -14.00
C GLU B 179 -25.03 25.53 -12.55
N PRO B 180 -26.04 25.23 -11.71
CA PRO B 180 -25.99 25.78 -10.34
C PRO B 180 -24.74 25.43 -9.56
N VAL B 181 -24.23 24.20 -9.69
CA VAL B 181 -23.02 23.88 -8.93
C VAL B 181 -21.79 24.56 -9.54
N ILE B 182 -21.75 24.74 -10.86
CA ILE B 182 -20.64 25.47 -11.48
C ILE B 182 -20.64 26.91 -11.00
N ARG B 183 -21.81 27.53 -10.97
CA ARG B 183 -21.97 28.89 -10.46
C ARG B 183 -21.43 29.01 -9.04
N ARG B 184 -21.87 28.12 -8.15
CA ARG B 184 -21.41 28.15 -6.76
C ARG B 184 -19.91 27.92 -6.66
N GLY B 185 -19.36 27.03 -7.48
CA GLY B 185 -17.92 26.81 -7.46
C GLY B 185 -17.15 28.04 -7.90
N VAL B 186 -17.60 28.69 -8.98
CA VAL B 186 -16.92 29.88 -9.49
C VAL B 186 -16.95 30.99 -8.44
N ASP B 187 -18.11 31.22 -7.82
CA ASP B 187 -18.21 32.26 -6.82
C ASP B 187 -17.35 31.96 -5.61
N MET B 188 -17.27 30.68 -5.22
CA MET B 188 -16.47 30.28 -4.07
C MET B 188 -14.98 30.48 -4.34
N ALA B 189 -14.50 30.04 -5.49
CA ALA B 189 -13.09 30.23 -5.82
C ALA B 189 -12.76 31.71 -5.97
N MET B 190 -13.68 32.48 -6.53
CA MET B 190 -13.45 33.92 -6.67
C MET B 190 -13.22 34.56 -5.30
N ARG B 191 -14.06 34.21 -4.32
CA ARG B 191 -13.90 34.75 -2.98
C ARG B 191 -12.58 34.29 -2.35
N MET B 192 -12.29 32.99 -2.41
CA MET B 192 -11.08 32.50 -1.76
C MET B 192 -9.83 33.10 -2.38
N MET B 193 -9.77 33.13 -3.70
CA MET B 193 -8.57 33.62 -4.38
C MET B 193 -8.49 35.14 -4.43
N GLY B 194 -9.59 35.83 -4.17
CA GLY B 194 -9.57 37.28 -4.23
C GLY B 194 -9.56 37.95 -2.87
N GLU B 195 -10.00 37.24 -1.83
CA GLU B 195 -10.22 37.85 -0.52
C GLU B 195 -9.69 37.05 0.65
N GLN B 196 -9.41 35.75 0.50
CA GLN B 196 -8.93 34.93 1.60
C GLN B 196 -7.45 34.59 1.47
N PHE B 197 -7.04 34.01 0.34
CA PHE B 197 -5.62 33.72 0.15
C PHE B 197 -4.80 34.97 -0.09
N VAL B 198 -5.45 36.07 -0.48
CA VAL B 198 -4.83 37.37 -0.60
C VAL B 198 -5.76 38.39 0.03
N THR B 199 -5.17 39.46 0.57
CA THR B 199 -5.98 40.58 1.02
C THR B 199 -6.58 41.32 -0.16
N GLY B 200 -5.88 41.35 -1.28
CA GLY B 200 -6.38 41.92 -2.50
C GLY B 200 -5.48 41.52 -3.65
N GLU B 201 -6.02 41.69 -4.87
CA GLU B 201 -5.25 41.33 -6.05
C GLU B 201 -4.15 42.35 -6.33
N THR B 202 -4.42 43.62 -6.04
CA THR B 202 -3.50 44.73 -6.20
C THR B 202 -3.30 45.42 -4.87
N ILE B 203 -2.25 46.25 -4.79
CA ILE B 203 -2.03 46.99 -3.55
C ILE B 203 -3.14 47.99 -3.30
N ARG B 204 -3.73 48.57 -4.35
CA ARG B 204 -4.86 49.49 -4.15
C ARG B 204 -6.02 48.77 -3.48
N GLU B 205 -6.31 47.56 -3.92
CA GLU B 205 -7.43 46.82 -3.34
C GLU B 205 -7.11 46.37 -1.92
N ALA B 206 -5.89 45.89 -1.70
CA ALA B 206 -5.48 45.48 -0.37
C ALA B 206 -5.53 46.63 0.62
N LEU B 207 -5.06 47.81 0.20
CA LEU B 207 -5.06 48.96 1.11
C LEU B 207 -6.47 49.38 1.47
N LYS B 208 -7.38 49.32 0.50
CA LYS B 208 -8.76 49.73 0.76
C LYS B 208 -9.42 48.78 1.76
N ARG B 209 -9.13 47.48 1.65
CA ARG B 209 -9.72 46.49 2.52
C ARG B 209 -9.06 46.42 3.89
N SER B 210 -7.97 47.16 4.09
CA SER B 210 -7.24 47.13 5.36
C SER B 210 -7.78 48.14 6.36
N LYS B 211 -8.55 49.12 5.91
CA LYS B 211 -8.99 50.19 6.80
C LYS B 211 -9.87 49.64 7.92
N GLU B 212 -10.68 48.63 7.62
CA GLU B 212 -11.65 48.13 8.59
C GLU B 212 -10.97 47.63 9.85
N LEU B 213 -9.97 46.76 9.70
CA LEU B 213 -9.30 46.22 10.86
C LEU B 213 -8.29 47.20 11.44
N GLU B 214 -7.74 48.10 10.63
CA GLU B 214 -6.86 49.13 11.19
C GLU B 214 -7.61 50.01 12.17
N GLU B 215 -8.88 50.30 11.89
CA GLU B 215 -9.68 51.11 12.79
C GLU B 215 -9.97 50.39 14.11
N LYS B 216 -9.84 49.07 14.14
CA LYS B 216 -9.98 48.31 15.39
C LYS B 216 -8.66 48.15 16.14
N GLY B 217 -7.53 48.54 15.56
CA GLY B 217 -6.25 48.44 16.23
C GLY B 217 -5.28 47.47 15.61
N PHE B 218 -5.64 46.82 14.51
CA PHE B 218 -4.69 46.01 13.78
C PHE B 218 -3.78 46.90 12.93
N SER B 219 -2.64 46.35 12.54
CA SER B 219 -1.77 46.96 11.55
C SER B 219 -1.48 45.92 10.47
N TYR B 220 -0.71 46.32 9.46
CA TYR B 220 -0.52 45.47 8.29
C TYR B 220 0.93 45.44 7.86
N SER B 221 1.33 44.32 7.28
CA SER B 221 2.59 44.18 6.55
C SER B 221 2.26 43.46 5.24
N TYR B 222 2.53 44.11 4.10
CA TYR B 222 2.10 43.55 2.83
C TYR B 222 3.16 42.64 2.22
N ASP B 223 2.71 41.47 1.79
CA ASP B 223 3.55 40.42 1.20
C ASP B 223 3.22 40.40 -0.29
N MET B 224 4.09 40.98 -1.11
CA MET B 224 3.82 41.09 -2.54
C MET B 224 4.06 39.80 -3.32
N LEU B 225 4.24 38.67 -2.63
CA LEU B 225 4.19 37.34 -3.25
C LEU B 225 5.22 37.18 -4.36
N GLY B 226 6.45 37.62 -4.08
CA GLY B 226 7.56 37.38 -4.99
C GLY B 226 8.63 36.58 -4.27
N GLU B 227 9.19 35.60 -4.97
CA GLU B 227 10.31 34.87 -4.41
C GLU B 227 11.00 34.05 -5.49
N ALA B 228 12.25 33.69 -5.20
CA ALA B 228 13.02 32.74 -5.99
C ALA B 228 13.09 33.18 -7.46
N ALA B 229 13.66 34.37 -7.69
CA ALA B 229 13.96 34.80 -9.05
C ALA B 229 14.81 33.74 -9.75
N THR B 230 14.42 33.42 -10.98
CA THR B 230 15.18 32.49 -11.82
C THR B 230 16.10 33.21 -12.79
N THR B 231 15.70 34.38 -13.28
CA THR B 231 16.48 35.12 -14.25
C THR B 231 16.74 36.53 -13.75
N ALA B 232 17.66 37.22 -14.42
CA ALA B 232 17.89 38.63 -14.14
C ALA B 232 16.61 39.44 -14.31
N ALA B 233 15.86 39.17 -15.37
CA ALA B 233 14.63 39.94 -15.62
C ALA B 233 13.61 39.73 -14.51
N ASP B 234 13.53 38.50 -13.96
CA ASP B 234 12.65 38.24 -12.83
C ASP B 234 13.02 39.13 -11.64
N ALA B 235 14.32 39.16 -11.31
CA ALA B 235 14.77 39.88 -10.14
C ALA B 235 14.55 41.37 -10.31
N GLU B 236 14.78 41.87 -11.53
CA GLU B 236 14.58 43.29 -11.77
C GLU B 236 13.10 43.66 -11.66
N ARG B 237 12.21 42.79 -12.15
CA ARG B 237 10.79 43.04 -12.02
C ARG B 237 10.35 43.00 -10.57
N TYR B 238 10.79 41.99 -9.80
CA TYR B 238 10.43 41.97 -8.38
C TYR B 238 10.91 43.22 -7.68
N TYR B 239 12.12 43.68 -8.01
CA TYR B 239 12.64 44.92 -7.42
C TYR B 239 11.72 46.11 -7.73
N ARG B 240 11.36 46.27 -9.00
CA ARG B 240 10.51 47.41 -9.36
C ARG B 240 9.12 47.28 -8.76
N ASP B 241 8.61 46.05 -8.64
CA ASP B 241 7.31 45.84 -8.00
C ASP B 241 7.35 46.19 -6.52
N TYR B 242 8.44 45.86 -5.82
CA TYR B 242 8.58 46.27 -4.42
C TYR B 242 8.63 47.78 -4.29
N GLU B 243 9.42 48.43 -5.16
CA GLU B 243 9.54 49.89 -5.15
C GLU B 243 8.18 50.55 -5.31
N SER B 244 7.39 50.07 -6.28
CA SER B 244 6.08 50.66 -6.53
C SER B 244 5.14 50.42 -5.35
N ALA B 245 5.22 49.23 -4.74
CA ALA B 245 4.38 48.95 -3.57
C ALA B 245 4.76 49.84 -2.39
N ILE B 246 6.06 50.07 -2.19
CA ILE B 246 6.46 50.94 -1.07
C ILE B 246 5.90 52.35 -1.24
N HIS B 247 5.89 52.87 -2.49
CA HIS B 247 5.28 54.17 -2.68
C HIS B 247 3.82 54.16 -2.30
N ALA B 248 3.08 53.11 -2.69
CA ALA B 248 1.67 53.04 -2.38
C ALA B 248 1.45 52.88 -0.87
N ILE B 249 2.22 51.99 -0.25
CA ILE B 249 2.07 51.75 1.19
C ILE B 249 2.52 52.97 1.97
N GLY B 250 3.61 53.62 1.54
CA GLY B 250 4.10 54.79 2.24
C GLY B 250 3.13 55.96 2.17
N LYS B 251 2.55 56.20 0.99
CA LYS B 251 1.55 57.26 0.90
C LYS B 251 0.35 56.94 1.77
N ALA B 252 -0.08 55.68 1.78
CA ALA B 252 -1.25 55.28 2.58
C ALA B 252 -0.95 55.42 4.06
N SER B 253 0.29 55.09 4.47
CA SER B 253 0.65 55.25 5.88
C SER B 253 0.41 56.68 6.35
N ALA B 254 0.72 57.67 5.50
CA ALA B 254 0.42 59.08 5.76
C ALA B 254 0.94 59.52 7.13
N GLY B 255 2.18 59.14 7.43
CA GLY B 255 2.84 59.60 8.63
C GLY B 255 2.46 58.90 9.93
N ARG B 256 1.76 57.76 9.86
CA ARG B 256 1.40 57.04 11.08
C ARG B 256 2.59 56.37 11.75
N GLY B 257 3.74 56.27 11.07
CA GLY B 257 4.91 55.66 11.68
C GLY B 257 4.92 54.16 11.53
N ILE B 258 5.99 53.55 12.06
CA ILE B 258 6.25 52.14 11.80
C ILE B 258 5.42 51.19 12.67
N TYR B 259 4.81 51.67 13.75
CA TYR B 259 4.03 50.80 14.61
C TYR B 259 2.54 50.82 14.25
N GLU B 260 1.93 51.99 14.19
CA GLU B 260 0.52 52.04 13.80
C GLU B 260 0.37 51.84 12.30
N GLY B 261 1.32 52.34 11.52
CA GLY B 261 1.19 52.35 10.09
C GLY B 261 1.62 51.05 9.46
N PRO B 262 1.24 50.86 8.21
CA PRO B 262 1.55 49.61 7.51
C PRO B 262 3.00 49.57 7.05
N GLY B 263 3.45 48.35 6.77
CA GLY B 263 4.80 48.12 6.26
C GLY B 263 4.79 47.13 5.12
N ILE B 264 5.96 46.74 4.65
CA ILE B 264 6.10 45.77 3.57
C ILE B 264 7.06 44.68 4.02
N SER B 265 6.87 43.48 3.46
CA SER B 265 7.78 42.34 3.65
C SER B 265 8.35 41.95 2.30
N ILE B 266 9.64 41.61 2.29
CA ILE B 266 10.33 41.22 1.07
C ILE B 266 11.05 39.90 1.31
N LYS B 267 11.34 39.19 0.22
CA LYS B 267 12.20 38.03 0.26
C LYS B 267 13.46 38.33 -0.54
N LEU B 268 14.63 38.10 0.07
CA LEU B 268 15.86 38.36 -0.65
C LEU B 268 16.01 37.49 -1.90
N SER B 269 15.45 36.27 -1.88
CA SER B 269 15.53 35.40 -3.06
C SER B 269 14.78 35.99 -4.26
N ALA B 270 13.89 36.94 -4.04
CA ALA B 270 13.21 37.61 -5.15
C ALA B 270 14.10 38.61 -5.85
N LEU B 271 15.18 39.06 -5.19
CA LEU B 271 15.92 40.21 -5.68
C LEU B 271 17.21 39.83 -6.40
N HIS B 272 17.50 38.53 -6.51
CA HIS B 272 18.67 38.14 -7.26
C HIS B 272 18.49 36.69 -7.68
N PRO B 273 18.89 36.31 -8.89
CA PRO B 273 18.73 34.92 -9.32
C PRO B 273 19.75 33.95 -8.71
N ARG B 274 20.82 34.44 -8.08
CA ARG B 274 21.85 33.58 -7.48
C ARG B 274 22.06 33.96 -6.03
N TYR B 275 20.97 33.98 -5.25
CA TYR B 275 21.05 34.32 -3.83
C TYR B 275 21.51 33.08 -3.07
N SER B 276 22.82 32.97 -2.87
CA SER B 276 23.39 31.82 -2.17
C SER B 276 24.78 32.16 -1.65
N ARG B 277 25.21 31.42 -0.63
CA ARG B 277 26.56 31.63 -0.11
C ARG B 277 27.62 31.42 -1.17
N ALA B 278 27.40 30.51 -2.11
CA ALA B 278 28.41 30.27 -3.14
C ALA B 278 28.61 31.50 -4.01
N GLN B 279 27.59 32.35 -4.11
CA GLN B 279 27.68 33.57 -4.90
C GLN B 279 27.67 34.81 -4.02
N ALA B 280 28.27 34.71 -2.83
CA ALA B 280 28.21 35.79 -1.85
C ALA B 280 28.69 37.12 -2.43
N ALA B 281 29.76 37.11 -3.23
CA ALA B 281 30.27 38.36 -3.79
C ALA B 281 29.23 39.03 -4.68
N ARG B 282 28.54 38.26 -5.52
CA ARG B 282 27.48 38.83 -6.35
C ARG B 282 26.31 39.31 -5.50
N VAL B 283 26.02 38.60 -4.40
CA VAL B 283 24.93 39.01 -3.53
C VAL B 283 25.23 40.37 -2.91
N MET B 284 26.45 40.54 -2.37
CA MET B 284 26.80 41.81 -1.76
C MET B 284 26.93 42.92 -2.79
N GLY B 285 27.31 42.59 -4.02
CA GLY B 285 27.56 43.61 -5.02
C GLY B 285 26.33 44.02 -5.79
N GLU B 286 25.36 43.12 -5.89
CA GLU B 286 24.19 43.30 -6.76
C GLU B 286 22.87 43.25 -6.02
N LEU B 287 22.70 42.32 -5.07
CA LEU B 287 21.47 42.24 -4.31
C LEU B 287 21.40 43.35 -3.27
N LEU B 288 22.46 43.51 -2.48
CA LEU B 288 22.46 44.50 -1.40
C LEU B 288 22.07 45.89 -1.86
N PRO B 289 22.60 46.45 -2.96
CA PRO B 289 22.18 47.81 -3.36
C PRO B 289 20.69 47.90 -3.64
N ARG B 290 20.07 46.81 -4.10
CA ARG B 290 18.62 46.82 -4.31
C ARG B 290 17.88 46.93 -2.98
N VAL B 291 18.30 46.14 -1.98
CA VAL B 291 17.66 46.24 -0.68
C VAL B 291 17.89 47.63 -0.09
N LYS B 292 19.11 48.16 -0.22
CA LYS B 292 19.37 49.51 0.30
C LYS B 292 18.43 50.52 -0.32
N ALA B 293 18.20 50.44 -1.63
CA ALA B 293 17.31 51.40 -2.29
C ALA B 293 15.88 51.27 -1.78
N LEU B 294 15.40 50.04 -1.59
CA LEU B 294 14.06 49.85 -1.03
C LEU B 294 13.98 50.36 0.40
N ALA B 295 15.04 50.11 1.20
CA ALA B 295 15.05 50.61 2.57
C ALA B 295 15.06 52.12 2.63
N LEU B 296 15.77 52.76 1.70
CA LEU B 296 15.79 54.22 1.67
C LEU B 296 14.41 54.78 1.38
N LEU B 297 13.66 54.13 0.48
CA LEU B 297 12.29 54.57 0.23
CA LEU B 297 12.29 54.57 0.23
C LEU B 297 11.40 54.34 1.45
N ALA B 298 11.55 53.18 2.10
CA ALA B 298 10.78 52.89 3.30
C ALA B 298 11.07 53.90 4.39
N LYS B 299 12.34 54.28 4.56
CA LYS B 299 12.69 55.31 5.53
C LYS B 299 12.02 56.62 5.19
N ASN B 300 12.04 57.00 3.91
CA ASN B 300 11.50 58.30 3.53
C ASN B 300 10.03 58.41 3.85
N TYR B 301 9.29 57.31 3.81
CA TYR B 301 7.90 57.30 4.20
C TYR B 301 7.71 56.90 5.66
N ASP B 302 8.80 56.53 6.34
CA ASP B 302 8.80 56.00 7.71
C ASP B 302 7.81 54.84 7.87
N ILE B 303 8.03 53.80 7.07
CA ILE B 303 7.30 52.55 7.19
C ILE B 303 8.29 51.43 7.51
N GLY B 304 7.74 50.30 7.95
CA GLY B 304 8.56 49.13 8.18
C GLY B 304 8.88 48.39 6.89
N LEU B 305 10.10 47.84 6.82
CA LEU B 305 10.51 46.99 5.72
C LEU B 305 11.13 45.75 6.35
N ASN B 306 10.47 44.61 6.17
CA ASN B 306 10.84 43.36 6.84
C ASN B 306 11.48 42.41 5.84
N ILE B 307 12.59 41.80 6.25
CA ILE B 307 13.23 40.73 5.46
C ILE B 307 12.72 39.38 5.95
N ASP B 308 11.94 38.71 5.11
CA ASP B 308 11.44 37.38 5.44
C ASP B 308 12.59 36.38 5.53
N ALA B 309 12.44 35.35 6.35
CA ALA B 309 13.44 34.30 6.48
C ALA B 309 13.10 33.11 5.61
N GLU B 310 14.11 32.55 4.95
CA GLU B 310 13.87 31.49 3.98
C GLU B 310 14.61 30.22 4.38
N GLU B 311 15.31 29.56 3.46
CA GLU B 311 15.93 28.28 3.78
C GLU B 311 17.11 28.46 4.76
N ALA B 312 17.44 27.37 5.45
CA ALA B 312 18.47 27.42 6.47
C ALA B 312 19.82 27.86 5.92
N ASP B 313 20.15 27.50 4.65
CA ASP B 313 21.45 27.87 4.12
C ASP B 313 21.51 29.31 3.62
N ARG B 314 20.46 30.10 3.84
CA ARG B 314 20.49 31.52 3.55
C ARG B 314 20.50 32.39 4.81
N LEU B 315 20.35 31.78 5.99
CA LEU B 315 20.26 32.54 7.22
C LEU B 315 21.48 33.43 7.42
N GLU B 316 22.66 32.83 7.46
CA GLU B 316 23.83 33.61 7.85
C GLU B 316 24.20 34.61 6.76
N LEU B 317 24.00 34.25 5.49
CA LEU B 317 24.21 35.20 4.41
C LEU B 317 23.35 36.44 4.58
N SER B 318 22.08 36.26 4.95
CA SER B 318 21.20 37.41 5.14
C SER B 318 21.70 38.33 6.25
N LEU B 319 22.42 37.78 7.24
CA LEU B 319 22.95 38.62 8.31
C LEU B 319 24.00 39.60 7.79
N ASP B 320 24.74 39.22 6.75
CA ASP B 320 25.72 40.15 6.20
C ASP B 320 25.05 41.35 5.55
N LEU B 321 23.85 41.15 4.99
CA LEU B 321 23.12 42.30 4.45
C LEU B 321 22.55 43.16 5.57
N LEU B 322 21.98 42.52 6.59
CA LEU B 322 21.45 43.26 7.73
C LEU B 322 22.52 44.13 8.37
N GLU B 323 23.71 43.57 8.55
CA GLU B 323 24.84 44.32 9.12
C GLU B 323 25.08 45.61 8.34
N VAL B 324 25.18 45.52 7.01
CA VAL B 324 25.48 46.70 6.20
C VAL B 324 24.34 47.72 6.30
N LEU B 325 23.10 47.25 6.25
CA LEU B 325 21.97 48.17 6.27
C LEU B 325 21.89 48.93 7.60
N CYS B 326 22.15 48.24 8.71
CA CYS B 326 22.04 48.89 10.01
C CYS B 326 23.16 49.90 10.25
N LEU B 327 24.30 49.75 9.57
CA LEU B 327 25.42 50.68 9.71
C LEU B 327 25.46 51.73 8.62
N ASP B 328 24.51 51.71 7.68
CA ASP B 328 24.49 52.66 6.58
C ASP B 328 23.88 53.97 7.06
N GLY B 329 24.71 55.02 7.15
CA GLY B 329 24.23 56.32 7.61
C GLY B 329 23.11 56.94 6.78
N ASP B 330 22.93 56.49 5.55
CA ASP B 330 21.80 56.99 4.76
C ASP B 330 20.46 56.57 5.38
N LEU B 331 20.45 55.56 6.25
CA LEU B 331 19.23 55.12 6.92
C LEU B 331 19.15 55.59 8.37
N SER B 332 19.96 56.59 8.72
CA SER B 332 20.05 57.12 10.08
C SER B 332 18.68 57.38 10.70
N GLY B 333 18.49 56.88 11.91
CA GLY B 333 17.30 57.17 12.70
C GLY B 333 16.07 56.37 12.31
N TRP B 334 16.13 55.59 11.24
CA TRP B 334 15.00 54.80 10.79
C TRP B 334 14.94 53.51 11.58
N ASN B 335 13.86 53.30 12.32
CA ASN B 335 13.72 52.09 13.11
C ASN B 335 12.81 51.05 12.46
N GLY B 336 12.55 51.19 11.16
CA GLY B 336 11.69 50.25 10.47
C GLY B 336 12.34 49.06 9.83
N MET B 337 13.65 48.86 9.99
CA MET B 337 14.28 47.66 9.47
C MET B 337 13.76 46.45 10.24
N GLY B 338 13.15 45.50 9.52
CA GLY B 338 12.61 44.29 10.12
C GLY B 338 13.32 43.04 9.65
N PHE B 339 13.36 42.03 10.52
CA PHE B 339 14.14 40.83 10.23
C PHE B 339 13.51 39.65 10.93
N VAL B 340 13.23 38.58 10.20
CA VAL B 340 12.60 37.38 10.73
C VAL B 340 13.66 36.42 11.25
N VAL B 341 13.39 35.81 12.40
CA VAL B 341 14.18 34.69 12.89
CA VAL B 341 14.18 34.69 12.90
C VAL B 341 13.26 33.51 13.16
N GLN B 342 13.69 32.31 12.77
CA GLN B 342 12.89 31.09 12.80
C GLN B 342 13.24 30.26 14.04
N ALA B 343 12.27 30.13 14.94
CA ALA B 343 12.51 29.41 16.19
C ALA B 343 12.65 27.91 15.99
N TYR B 344 12.24 27.34 14.84
CA TYR B 344 12.55 25.93 14.65
C TYR B 344 14.01 25.70 14.33
N GLY B 345 14.79 26.76 14.17
CA GLY B 345 16.20 26.62 13.84
C GLY B 345 17.07 26.61 15.10
N LYS B 346 18.10 25.76 15.06
CA LYS B 346 18.98 25.60 16.21
C LYS B 346 19.81 26.84 16.49
N ARG B 347 20.00 27.70 15.49
CA ARG B 347 20.81 28.89 15.69
C ARG B 347 20.02 30.06 16.26
N CYS B 348 18.70 29.94 16.35
CA CYS B 348 17.83 31.10 16.65
C CYS B 348 18.29 31.94 17.84
N PRO B 349 18.53 31.40 19.04
CA PRO B 349 18.94 32.31 20.14
C PRO B 349 20.26 33.01 19.89
N PHE B 350 21.17 32.36 19.16
CA PHE B 350 22.45 32.98 18.87
C PHE B 350 22.32 34.05 17.80
N VAL B 351 21.43 33.83 16.83
CA VAL B 351 21.09 34.88 15.87
C VAL B 351 20.51 36.09 16.59
N LEU B 352 19.64 35.85 17.58
CA LEU B 352 19.06 36.96 18.32
C LEU B 352 20.11 37.71 19.11
N ASP B 353 21.08 37.00 19.71
CA ASP B 353 22.19 37.68 20.38
C ASP B 353 22.93 38.59 19.42
N PHE B 354 23.17 38.11 18.20
CA PHE B 354 23.81 38.94 17.17
C PHE B 354 22.98 40.16 16.82
N ILE B 355 21.66 39.98 16.65
CA ILE B 355 20.81 41.09 16.21
C ILE B 355 20.68 42.14 17.30
N ILE B 356 20.49 41.69 18.55
CA ILE B 356 20.39 42.62 19.67
C ILE B 356 21.67 43.43 19.81
N ASP B 357 22.83 42.77 19.66
CA ASP B 357 24.09 43.48 19.74
C ASP B 357 24.25 44.44 18.56
N LEU B 358 23.83 44.04 17.36
CA LEU B 358 23.90 44.93 16.20
C LEU B 358 23.05 46.17 16.42
N ALA B 359 21.86 46.00 17.01
CA ALA B 359 20.99 47.14 17.30
C ALA B 359 21.65 48.10 18.27
N ARG B 360 22.25 47.56 19.34
CA ARG B 360 22.97 48.38 20.32
C ARG B 360 24.11 49.13 19.65
N ARG B 361 24.92 48.41 18.88
CA ARG B 361 26.07 48.99 18.19
C ARG B 361 25.67 50.13 17.28
N SER B 362 24.57 49.95 16.54
CA SER B 362 24.24 50.81 15.41
C SER B 362 23.25 51.91 15.74
N GLY B 363 22.68 51.94 16.93
CA GLY B 363 21.69 52.95 17.22
C GLY B 363 20.43 52.81 16.40
N ARG B 364 20.09 51.58 16.04
CA ARG B 364 18.87 51.25 15.31
C ARG B 364 18.04 50.34 16.19
N ARG B 365 16.77 50.67 16.36
CA ARG B 365 15.86 49.69 16.91
C ARG B 365 15.40 48.77 15.78
N ILE B 366 15.73 47.50 15.87
CA ILE B 366 15.45 46.54 14.80
C ILE B 366 14.14 45.84 15.13
N MET B 367 13.24 45.76 14.15
CA MET B 367 12.00 44.99 14.32
C MET B 367 12.33 43.54 14.07
N VAL B 368 12.05 42.68 15.05
CA VAL B 368 12.41 41.27 14.96
C VAL B 368 11.13 40.45 14.96
N ARG B 369 10.84 39.81 13.85
CA ARG B 369 9.67 38.94 13.76
C ARG B 369 10.11 37.53 14.15
N LEU B 370 9.60 37.05 15.26
CA LEU B 370 9.86 35.67 15.68
C LEU B 370 8.77 34.77 15.11
N VAL B 371 9.18 33.83 14.28
CA VAL B 371 8.29 32.83 13.71
C VAL B 371 8.79 31.47 14.11
N LYS B 372 7.96 30.45 13.86
CA LYS B 372 8.47 29.09 14.06
C LYS B 372 9.26 28.62 12.83
N GLY B 373 8.64 28.62 11.65
CA GLY B 373 9.40 28.39 10.42
C GLY B 373 8.62 27.65 9.37
N ALA B 374 8.81 27.99 8.09
CA ALA B 374 7.89 27.54 7.05
C ALA B 374 8.43 26.43 6.17
N TYR B 375 9.68 25.98 6.38
CA TYR B 375 10.34 25.10 5.44
C TYR B 375 10.73 23.76 6.05
N TRP B 376 10.00 23.32 7.08
CA TRP B 376 10.49 22.22 7.90
C TRP B 376 10.76 20.94 7.08
N ASP B 377 9.76 20.47 6.34
CA ASP B 377 9.96 19.17 5.68
C ASP B 377 11.06 19.25 4.62
N ALA B 378 11.24 20.41 3.99
CA ALA B 378 12.32 20.57 3.02
C ALA B 378 13.68 20.56 3.70
N GLU B 379 13.77 21.10 4.92
CA GLU B 379 15.05 21.06 5.63
C GLU B 379 15.41 19.64 6.02
N ILE B 380 14.42 18.82 6.40
CA ILE B 380 14.72 17.43 6.71
C ILE B 380 15.25 16.72 5.47
N LYS B 381 14.55 16.87 4.35
CA LYS B 381 14.97 16.21 3.12
C LYS B 381 16.38 16.65 2.71
N ARG B 382 16.65 17.96 2.76
CA ARG B 382 17.94 18.45 2.27
C ARG B 382 19.09 17.91 3.10
N ALA B 383 18.95 17.90 4.43
CA ALA B 383 20.03 17.40 5.28
C ALA B 383 20.29 15.92 5.02
N GLN B 384 19.22 15.14 4.83
CA GLN B 384 19.38 13.73 4.51
C GLN B 384 20.07 13.53 3.16
N LEU B 385 19.64 14.26 2.12
CA LEU B 385 20.27 14.13 0.81
C LEU B 385 21.74 14.46 0.87
N ASP B 386 22.11 15.47 1.65
CA ASP B 386 23.48 15.96 1.67
C ASP B 386 24.36 15.22 2.67
N GLY B 387 23.81 14.26 3.41
CA GLY B 387 24.61 13.46 4.32
C GLY B 387 25.25 14.27 5.43
N LEU B 388 24.54 15.28 5.93
CA LEU B 388 25.18 16.16 6.90
C LEU B 388 25.01 15.65 8.33
N ALA B 389 25.74 16.29 9.26
CA ALA B 389 25.89 15.72 10.59
C ALA B 389 24.56 15.63 11.34
N ASP B 390 23.70 16.60 11.13
CA ASP B 390 22.42 16.68 11.83
C ASP B 390 21.58 17.65 11.03
N PHE B 391 20.36 17.86 11.49
CA PHE B 391 19.46 18.84 10.90
C PHE B 391 19.76 20.23 11.45
N PRO B 392 19.44 21.27 10.67
CA PRO B 392 19.55 22.65 11.15
C PRO B 392 18.28 23.14 11.82
N VAL B 393 17.29 22.26 11.92
CA VAL B 393 16.03 22.53 12.58
C VAL B 393 15.76 21.41 13.56
N PHE B 394 14.85 21.68 14.50
CA PHE B 394 14.41 20.64 15.41
C PHE B 394 13.57 19.60 14.66
N THR B 395 13.45 18.41 15.25
CA THR B 395 12.69 17.33 14.65
C THR B 395 11.42 16.98 15.42
N ARG B 396 11.24 17.47 16.64
CA ARG B 396 9.99 17.36 17.38
C ARG B 396 9.34 18.73 17.46
N LYS B 397 8.03 18.78 17.19
CA LYS B 397 7.34 20.06 17.14
C LYS B 397 7.38 20.78 18.49
N ILE B 398 7.30 20.03 19.61
CA ILE B 398 7.37 20.70 20.90
C ILE B 398 8.72 21.34 21.15
N HIS B 399 9.78 20.87 20.49
CA HIS B 399 11.08 21.53 20.64
C HIS B 399 11.04 22.93 20.03
N THR B 400 10.42 23.06 18.86
CA THR B 400 10.23 24.37 18.26
C THR B 400 9.42 25.28 19.16
N ASP B 401 8.39 24.74 19.80
CA ASP B 401 7.57 25.56 20.70
C ASP B 401 8.41 26.06 21.88
N VAL B 402 9.24 25.20 22.46
CA VAL B 402 10.09 25.62 23.57
C VAL B 402 11.10 26.66 23.11
N SER B 403 11.74 26.41 21.96
CA SER B 403 12.65 27.38 21.37
C SER B 403 11.99 28.75 21.21
N TYR B 404 10.75 28.77 20.70
CA TYR B 404 10.04 30.03 20.51
C TYR B 404 9.86 30.78 21.83
N ILE B 405 9.45 30.09 22.89
CA ILE B 405 9.20 30.73 24.16
C ILE B 405 10.50 31.25 24.77
N ALA B 406 11.57 30.45 24.66
CA ALA B 406 12.88 30.88 25.14
C ALA B 406 13.38 32.11 24.40
N CYS B 407 13.19 32.14 23.08
CA CYS B 407 13.64 33.29 22.29
C CYS B 407 12.76 34.52 22.55
N ALA B 408 11.48 34.31 22.83
CA ALA B 408 10.63 35.41 23.27
C ALA B 408 11.14 36.02 24.58
N ALA B 409 11.61 35.18 25.51
CA ALA B 409 12.14 35.73 26.77
C ALA B 409 13.35 36.62 26.51
N LYS B 410 14.24 36.19 25.61
CA LYS B 410 15.39 36.99 25.23
C LYS B 410 14.96 38.32 24.61
N LEU B 411 13.98 38.29 23.70
CA LEU B 411 13.57 39.50 23.02
C LEU B 411 12.92 40.50 23.97
N LEU B 412 12.08 40.00 24.88
CA LEU B 412 11.38 40.87 25.82
C LEU B 412 12.32 41.54 26.82
N ALA B 413 13.53 41.02 27.01
CA ALA B 413 14.52 41.65 27.86
C ALA B 413 15.33 42.72 27.13
N ALA B 414 15.06 42.95 25.83
CA ALA B 414 15.88 43.85 25.03
C ALA B 414 15.03 44.85 24.25
N THR B 415 13.86 45.22 24.78
CA THR B 415 12.93 46.05 24.03
C THR B 415 13.40 47.48 23.84
N ASP B 416 14.45 47.92 24.53
CA ASP B 416 15.03 49.23 24.22
C ASP B 416 15.62 49.25 22.81
N VAL B 417 16.25 48.15 22.40
CA VAL B 417 16.96 48.13 21.13
C VAL B 417 16.32 47.24 20.07
N VAL B 418 15.33 46.40 20.42
CA VAL B 418 14.60 45.66 19.39
C VAL B 418 13.10 45.74 19.67
N PHE B 419 12.33 45.60 18.59
CA PHE B 419 10.87 45.61 18.67
C PHE B 419 10.38 44.19 18.39
N PRO B 420 10.01 43.42 19.40
CA PRO B 420 9.65 42.03 19.16
C PRO B 420 8.28 41.89 18.53
N GLN B 421 8.19 41.06 17.50
CA GLN B 421 6.94 40.83 16.79
C GLN B 421 6.69 39.34 16.79
N PHE B 422 5.69 38.91 17.54
CA PHE B 422 5.48 37.49 17.81
C PHE B 422 4.44 36.94 16.83
N ALA B 423 4.91 36.36 15.73
CA ALA B 423 4.06 35.82 14.69
C ALA B 423 3.68 34.39 15.04
N THR B 424 2.42 34.16 15.39
CA THR B 424 1.96 32.80 15.68
C THR B 424 0.45 32.75 15.68
N HIS B 425 -0.08 31.60 15.27
CA HIS B 425 -1.51 31.33 15.38
C HIS B 425 -1.84 30.41 16.55
N ASN B 426 -0.84 30.09 17.37
CA ASN B 426 -0.98 29.14 18.46
C ASN B 426 -1.36 29.89 19.73
N ALA B 427 -2.58 29.64 20.22
CA ALA B 427 -3.09 30.38 21.38
C ALA B 427 -2.31 30.07 22.65
N GLN B 428 -1.80 28.84 22.77
CA GLN B 428 -0.97 28.50 23.93
C GLN B 428 0.34 29.29 23.90
N THR B 429 0.98 29.35 22.72
CA THR B 429 2.17 30.18 22.55
C THR B 429 1.88 31.64 22.86
N LEU B 430 0.80 32.17 22.27
CA LEU B 430 0.42 33.56 22.49
C LEU B 430 0.24 33.86 23.97
N ALA B 431 -0.49 32.99 24.68
CA ALA B 431 -0.79 33.26 26.09
C ALA B 431 0.47 33.26 26.94
N ALA B 432 1.36 32.29 26.71
CA ALA B 432 2.63 32.25 27.44
C ALA B 432 3.38 33.56 27.31
N ILE B 433 3.45 34.11 26.10
CA ILE B 433 4.18 35.35 25.88
C ILE B 433 3.40 36.54 26.43
N TYR B 434 2.08 36.54 26.29
CA TYR B 434 1.26 37.61 26.83
C TYR B 434 1.50 37.81 28.32
N HIS B 435 1.60 36.73 29.08
CA HIS B 435 1.86 36.85 30.50
C HIS B 435 3.33 37.05 30.81
N MET B 436 4.22 36.48 29.98
CA MET B 436 5.65 36.71 30.15
C MET B 436 6.00 38.19 30.05
N ALA B 437 5.30 38.93 29.18
CA ALA B 437 5.63 40.34 28.96
C ALA B 437 5.25 41.23 30.14
N GLY B 438 4.28 40.82 30.95
CA GLY B 438 3.90 41.59 32.12
C GLY B 438 2.68 42.45 31.88
N LYS B 439 2.33 43.22 32.92
CA LYS B 439 1.14 44.06 32.87
C LYS B 439 1.42 45.42 32.21
N ASP B 440 2.65 45.91 32.28
CA ASP B 440 2.98 47.22 31.73
C ASP B 440 3.09 47.09 30.22
N PHE B 441 2.19 47.77 29.49
CA PHE B 441 2.24 47.72 28.04
C PHE B 441 1.89 49.07 27.42
N HIS B 442 2.59 49.38 26.33
CA HIS B 442 2.31 50.51 25.47
C HIS B 442 2.57 50.07 24.04
N VAL B 443 1.80 50.61 23.09
CA VAL B 443 2.08 50.31 21.69
C VAL B 443 3.50 50.77 21.37
N GLY B 444 4.26 49.90 20.72
CA GLY B 444 5.67 50.14 20.47
C GLY B 444 6.59 49.30 21.32
N LYS B 445 6.07 48.67 22.38
CA LYS B 445 6.89 47.76 23.16
C LYS B 445 7.11 46.45 22.42
N TYR B 446 6.02 45.79 22.03
CA TYR B 446 6.06 44.58 21.22
C TYR B 446 4.71 44.45 20.54
N GLU B 447 4.61 43.53 19.59
CA GLU B 447 3.32 43.25 19.00
C GLU B 447 3.24 41.77 18.66
N PHE B 448 2.03 41.31 18.40
CA PHE B 448 1.79 40.02 17.78
C PHE B 448 1.61 40.20 16.28
N GLN B 449 1.70 39.08 15.54
CA GLN B 449 1.46 39.08 14.11
C GLN B 449 0.74 37.81 13.71
N CYS B 450 0.00 37.90 12.61
CA CYS B 450 -0.74 36.75 12.09
C CYS B 450 -0.87 36.88 10.58
N LEU B 451 -1.35 35.80 9.98
CA LEU B 451 -1.59 35.75 8.54
C LEU B 451 -3.02 36.17 8.22
N HIS B 452 -3.17 36.99 7.18
CA HIS B 452 -4.49 37.34 6.67
C HIS B 452 -5.30 36.09 6.35
N GLY B 453 -6.58 36.12 6.70
CA GLY B 453 -7.45 35.02 6.34
C GLY B 453 -7.14 33.74 7.05
N MET B 454 -6.53 33.83 8.23
CA MET B 454 -6.15 32.65 9.00
C MET B 454 -6.10 33.03 10.46
N GLY B 455 -5.43 34.13 10.77
CA GLY B 455 -5.20 34.54 12.14
C GLY B 455 -6.26 35.43 12.75
N GLU B 456 -7.17 35.99 11.96
CA GLU B 456 -8.13 36.94 12.53
C GLU B 456 -9.03 36.33 13.59
N PRO B 457 -9.56 35.11 13.45
CA PRO B 457 -10.39 34.56 14.55
C PRO B 457 -9.69 34.58 15.89
N LEU B 458 -8.39 34.27 15.94
CA LEU B 458 -7.66 34.32 17.20
C LEU B 458 -7.44 35.75 17.66
N TYR B 459 -6.96 36.61 16.77
CA TYR B 459 -6.55 37.94 17.22
C TYR B 459 -7.72 38.90 17.36
N GLU B 460 -8.90 38.52 16.85
CA GLU B 460 -10.14 39.19 17.26
C GLU B 460 -10.31 39.15 18.76
N GLU B 461 -9.75 38.13 19.41
CA GLU B 461 -9.82 37.95 20.85
C GLU B 461 -8.63 38.55 21.59
N VAL B 462 -7.82 39.35 20.91
CA VAL B 462 -6.58 39.87 21.49
C VAL B 462 -6.56 41.38 21.35
N VAL B 463 -6.81 41.88 20.14
CA VAL B 463 -6.75 43.30 19.86
C VAL B 463 -7.95 44.00 20.47
N GLY B 464 -7.69 45.12 21.15
CA GLY B 464 -8.74 45.98 21.64
C GLY B 464 -8.81 46.03 23.15
N ARG B 465 -9.27 47.18 23.67
CA ARG B 465 -9.37 47.33 25.12
C ARG B 465 -10.31 46.31 25.74
N GLY B 466 -11.29 45.83 24.98
CA GLY B 466 -12.20 44.79 25.46
C GLY B 466 -11.63 43.39 25.46
N LYS B 467 -10.42 43.20 24.94
CA LYS B 467 -9.80 41.87 24.87
C LYS B 467 -8.53 41.92 25.72
N LEU B 468 -7.38 41.61 25.13
CA LEU B 468 -6.10 41.69 25.84
C LEU B 468 -5.41 43.03 25.62
N ASP B 469 -5.97 43.90 24.77
CA ASP B 469 -5.41 45.22 24.48
C ASP B 469 -3.97 45.12 24.02
N ARG B 470 -3.75 44.19 23.09
CA ARG B 470 -2.45 43.98 22.48
C ARG B 470 -2.60 44.06 20.96
N PRO B 471 -1.66 44.70 20.28
CA PRO B 471 -1.78 44.90 18.84
C PRO B 471 -1.38 43.66 18.07
N CYS B 472 -1.84 43.60 16.82
CA CYS B 472 -1.50 42.51 15.92
C CYS B 472 -1.30 43.08 14.52
N ARG B 473 -0.16 42.77 13.90
CA ARG B 473 0.09 43.12 12.52
C ARG B 473 -0.28 41.94 11.62
N ILE B 474 -1.11 42.21 10.63
CA ILE B 474 -1.59 41.19 9.71
C ILE B 474 -0.63 41.12 8.52
N TYR B 475 -0.08 39.94 8.28
CA TYR B 475 0.76 39.67 7.11
C TYR B 475 -0.19 39.45 5.94
N ALA B 476 -0.18 40.37 4.99
CA ALA B 476 -1.23 40.43 3.96
C ALA B 476 -0.70 40.14 2.57
N PRO B 477 -0.93 38.95 2.02
CA PRO B 477 -0.49 38.68 0.64
C PRO B 477 -1.26 39.52 -0.35
N VAL B 478 -0.56 39.94 -1.40
CA VAL B 478 -1.13 40.78 -2.45
C VAL B 478 -0.65 40.21 -3.77
N GLY B 479 -1.58 39.85 -4.64
CA GLY B 479 -1.18 39.38 -5.94
C GLY B 479 -2.30 38.69 -6.69
N THR B 480 -1.99 38.37 -7.95
CA THR B 480 -2.88 37.69 -8.87
C THR B 480 -3.02 36.22 -8.49
N HIS B 481 -3.94 35.55 -9.17
CA HIS B 481 -4.14 34.12 -8.95
C HIS B 481 -2.85 33.35 -9.20
N GLU B 482 -2.14 33.65 -10.29
CA GLU B 482 -0.92 32.91 -10.61
C GLU B 482 0.10 33.01 -9.50
N THR B 483 0.31 34.23 -8.97
CA THR B 483 1.35 34.42 -7.96
C THR B 483 0.96 33.76 -6.64
N LEU B 484 -0.33 33.80 -6.28
CA LEU B 484 -0.71 33.20 -5.00
C LEU B 484 -0.67 31.68 -5.08
N LEU B 485 -0.99 31.11 -6.24
CA LEU B 485 -1.01 29.65 -6.37
C LEU B 485 0.39 29.05 -6.36
N ALA B 486 1.42 29.86 -6.60
CA ALA B 486 2.76 29.32 -6.82
C ALA B 486 3.30 28.61 -5.58
N TYR B 487 3.05 29.16 -4.38
CA TYR B 487 3.57 28.58 -3.15
C TYR B 487 2.47 28.45 -2.11
N LEU B 488 1.22 28.38 -2.56
CA LEU B 488 0.11 28.21 -1.63
C LEU B 488 0.22 26.91 -0.85
N VAL B 489 0.80 25.86 -1.44
CA VAL B 489 0.95 24.60 -0.71
C VAL B 489 1.78 24.80 0.55
N ARG B 490 2.92 25.48 0.43
CA ARG B 490 3.76 25.70 1.61
C ARG B 490 3.00 26.49 2.66
N ARG B 491 2.18 27.45 2.23
CA ARG B 491 1.40 28.26 3.17
C ARG B 491 0.31 27.44 3.84
N LEU B 492 -0.33 26.54 3.10
CA LEU B 492 -1.39 25.72 3.68
C LEU B 492 -0.84 24.71 4.67
N LEU B 493 0.36 24.18 4.42
CA LEU B 493 0.98 23.24 5.36
C LEU B 493 1.35 23.92 6.68
N GLU B 494 1.63 25.23 6.66
CA GLU B 494 2.00 25.94 7.89
C GLU B 494 0.98 25.71 8.99
N ASN B 495 -0.30 25.79 8.65
CA ASN B 495 -1.37 25.64 9.64
C ASN B 495 -2.26 24.43 9.37
N GLY B 496 -1.88 23.55 8.44
CA GLY B 496 -2.74 22.43 8.08
C GLY B 496 -2.18 21.04 8.34
N ALA B 497 -1.01 20.94 8.97
CA ALA B 497 -0.43 19.65 9.29
C ALA B 497 -1.00 19.11 10.60
N ASN B 498 -0.81 17.81 10.83
CA ASN B 498 -1.44 17.15 11.96
C ASN B 498 -1.02 17.74 13.31
N SER B 499 0.21 18.23 13.40
CA SER B 499 0.70 18.84 14.63
C SER B 499 0.46 20.35 14.67
N SER B 500 -0.13 20.93 13.63
CA SER B 500 -0.37 22.37 13.60
C SER B 500 -1.50 22.74 14.55
N PHE B 501 -1.33 23.87 15.24
CA PHE B 501 -2.38 24.33 16.15
C PHE B 501 -3.71 24.52 15.43
N VAL B 502 -3.70 25.11 14.24
CA VAL B 502 -4.96 25.42 13.56
C VAL B 502 -5.69 24.13 13.18
N HIS B 503 -4.95 23.09 12.79
CA HIS B 503 -5.59 21.82 12.46
C HIS B 503 -6.13 21.13 13.72
N ARG B 504 -5.36 21.17 14.82
CA ARG B 504 -5.80 20.50 16.04
C ARG B 504 -7.03 21.15 16.65
N ILE B 505 -7.17 22.47 16.52
CA ILE B 505 -8.32 23.11 17.12
C ILE B 505 -9.59 22.82 16.33
N ASN B 506 -9.47 22.46 15.05
CA ASN B 506 -10.60 22.00 14.26
C ASN B 506 -10.83 20.50 14.39
N ASP B 507 -10.07 19.82 15.25
CA ASP B 507 -10.24 18.40 15.49
C ASP B 507 -11.00 18.20 16.79
N PRO B 508 -12.24 17.71 16.75
CA PRO B 508 -13.00 17.53 18.01
C PRO B 508 -12.44 16.42 18.90
N LYS B 509 -11.56 15.58 18.38
CA LYS B 509 -10.92 14.54 19.20
C LYS B 509 -9.73 15.06 20.00
N VAL B 510 -9.48 16.37 19.97
CA VAL B 510 -8.42 16.99 20.75
C VAL B 510 -9.07 17.90 21.79
N SER B 511 -8.76 17.67 23.06
CA SER B 511 -9.39 18.43 24.13
C SER B 511 -8.72 19.79 24.30
N ILE B 512 -9.44 20.70 24.97
CA ILE B 512 -8.83 21.97 25.33
C ILE B 512 -7.67 21.75 26.29
N ASP B 513 -7.78 20.74 27.15
CA ASP B 513 -6.66 20.37 28.02
C ASP B 513 -5.40 20.07 27.21
N GLU B 514 -5.55 19.26 26.16
CA GLU B 514 -4.40 18.95 25.32
C GLU B 514 -3.85 20.20 24.63
N LEU B 515 -4.72 21.14 24.25
CA LEU B 515 -4.27 22.31 23.52
C LEU B 515 -3.56 23.32 24.40
N ILE B 516 -3.83 23.34 25.70
CA ILE B 516 -3.19 24.27 26.63
C ILE B 516 -2.02 23.60 27.37
N ALA B 517 -1.68 22.37 27.02
CA ALA B 517 -0.50 21.72 27.60
C ALA B 517 0.73 22.59 27.38
N ASP B 518 1.59 22.68 28.40
CA ASP B 518 2.75 23.54 28.36
C ASP B 518 3.91 22.78 27.73
N PRO B 519 4.35 23.15 26.52
CA PRO B 519 5.48 22.43 25.91
C PRO B 519 6.72 22.42 26.77
N VAL B 520 6.95 23.48 27.56
CA VAL B 520 8.17 23.58 28.36
C VAL B 520 8.21 22.49 29.42
N GLU B 521 7.08 22.26 30.08
CA GLU B 521 7.04 21.23 31.11
C GLU B 521 6.97 19.83 30.53
N VAL B 522 6.40 19.67 29.33
CA VAL B 522 6.42 18.36 28.69
C VAL B 522 7.83 17.96 28.33
N VAL B 523 8.58 18.87 27.70
CA VAL B 523 9.98 18.60 27.36
C VAL B 523 10.80 18.37 28.62
N ARG B 524 10.55 19.15 29.67
CA ARG B 524 11.35 19.03 30.89
C ARG B 524 11.26 17.64 31.50
N ALA B 525 10.10 17.00 31.37
CA ALA B 525 9.84 15.73 32.04
C ALA B 525 10.15 14.51 31.17
N MET B 526 10.68 14.70 29.97
CA MET B 526 11.03 13.58 29.12
CA MET B 526 11.01 13.57 29.13
C MET B 526 12.25 12.85 29.68
N PRO B 527 12.33 11.53 29.49
CA PRO B 527 13.49 10.79 30.04
C PRO B 527 14.82 11.26 29.47
N VAL B 528 14.85 11.65 28.21
CA VAL B 528 16.02 12.23 27.57
C VAL B 528 15.57 13.56 26.97
N VAL B 529 15.94 14.66 27.63
CA VAL B 529 15.51 15.97 27.16
C VAL B 529 16.12 16.25 25.79
N GLY B 530 15.26 16.62 24.85
CA GLY B 530 15.74 16.98 23.53
C GLY B 530 16.01 15.85 22.58
N ALA B 531 15.55 14.64 22.86
CA ALA B 531 15.83 13.52 21.96
C ALA B 531 15.20 13.77 20.60
N LYS B 532 15.90 13.35 19.56
CA LYS B 532 15.41 13.40 18.18
C LYS B 532 14.10 12.63 18.06
N HIS B 533 13.24 13.09 17.15
CA HIS B 533 12.04 12.33 16.82
C HIS B 533 12.42 10.90 16.46
N ASP B 534 11.69 9.93 17.02
CA ASP B 534 12.00 8.53 16.79
C ASP B 534 11.81 8.10 15.34
N ARG B 535 10.98 8.82 14.58
CA ARG B 535 10.61 8.41 13.23
C ARG B 535 11.33 9.21 12.15
N ILE B 536 12.31 10.05 12.51
CA ILE B 536 13.10 10.79 11.54
C ILE B 536 14.54 10.32 11.66
N ALA B 537 15.09 9.80 10.56
CA ALA B 537 16.45 9.28 10.61
C ALA B 537 17.47 10.41 10.44
N LEU B 538 18.49 10.42 11.30
CA LEU B 538 19.66 11.22 11.02
C LEU B 538 20.23 10.83 9.65
N PRO B 539 20.83 11.76 8.92
CA PRO B 539 21.37 11.41 7.60
C PRO B 539 22.31 10.20 7.66
N ALA B 540 23.14 10.10 8.70
CA ALA B 540 24.05 8.97 8.78
C ALA B 540 23.33 7.64 8.91
N GLU B 541 22.08 7.67 9.38
CA GLU B 541 21.34 6.45 9.72
C GLU B 541 20.22 6.15 8.73
N LEU B 542 20.27 6.73 7.52
CA LEU B 542 19.24 6.51 6.50
C LEU B 542 19.00 5.05 6.19
N PHE B 543 20.04 4.22 6.28
CA PHE B 543 19.97 2.82 5.88
C PHE B 543 19.93 1.90 7.09
N GLY B 544 19.76 2.47 8.29
CA GLY B 544 19.62 1.66 9.49
C GLY B 544 20.80 0.73 9.70
N ASP B 545 20.48 -0.52 10.07
CA ASP B 545 21.50 -1.48 10.46
C ASP B 545 22.32 -1.96 9.27
N ALA B 546 21.85 -1.72 8.04
CA ALA B 546 22.49 -2.31 6.87
C ALA B 546 23.88 -1.73 6.63
N ARG B 547 24.02 -0.41 6.73
CA ARG B 547 25.28 0.26 6.48
C ARG B 547 25.16 1.70 6.93
N THR B 548 26.31 2.32 7.10
CA THR B 548 26.41 3.71 7.50
C THR B 548 26.46 4.58 6.25
N ASN B 549 25.58 5.57 6.17
CA ASN B 549 25.57 6.47 5.03
C ASN B 549 26.86 7.29 5.03
N SER B 550 27.39 7.57 3.83
CA SER B 550 28.50 8.49 3.75
C SER B 550 28.08 9.87 4.21
N ALA B 551 29.06 10.64 4.69
CA ALA B 551 28.83 12.00 5.14
C ALA B 551 29.39 13.00 4.14
N GLY B 552 28.67 14.08 3.94
CA GLY B 552 29.10 15.16 3.09
C GLY B 552 29.71 16.29 3.91
N LEU B 553 29.73 17.48 3.30
CA LEU B 553 30.29 18.68 3.90
C LEU B 553 29.35 19.84 3.55
N ASP B 554 29.13 20.73 4.51
CA ASP B 554 28.16 21.83 4.34
C ASP B 554 28.91 23.05 3.83
N LEU B 555 28.77 23.34 2.54
CA LEU B 555 29.47 24.46 1.94
C LEU B 555 28.78 25.80 2.22
N SER B 556 27.78 25.82 3.10
CA SER B 556 27.25 27.08 3.64
C SER B 556 27.76 27.36 5.05
N ASN B 557 28.56 26.45 5.62
CA ASN B 557 29.06 26.59 6.98
C ASN B 557 30.44 27.25 6.94
N GLU B 558 30.57 28.43 7.56
CA GLU B 558 31.86 29.14 7.49
C GLU B 558 33.00 28.38 8.14
N GLU B 559 32.74 27.60 9.20
CA GLU B 559 33.82 26.80 9.78
C GLU B 559 34.31 25.78 8.76
N THR B 560 33.37 25.12 8.10
CA THR B 560 33.72 24.14 7.07
C THR B 560 34.47 24.79 5.91
N LEU B 561 34.01 25.97 5.45
CA LEU B 561 34.69 26.60 4.34
C LEU B 561 36.11 26.99 4.73
N ALA B 562 36.29 27.47 5.96
CA ALA B 562 37.63 27.89 6.38
C ALA B 562 38.57 26.70 6.50
N SER B 563 38.08 25.59 7.06
CA SER B 563 38.93 24.42 7.20
C SER B 563 39.17 23.76 5.84
N LEU B 564 38.17 23.75 4.97
CA LEU B 564 38.36 23.21 3.63
CA LEU B 564 38.36 23.22 3.62
C LEU B 564 39.40 24.03 2.86
N THR B 565 39.32 25.37 2.94
CA THR B 565 40.31 26.21 2.27
C THR B 565 41.73 25.76 2.63
N GLU B 566 41.97 25.50 3.92
CA GLU B 566 43.33 25.15 4.32
C GLU B 566 43.69 23.75 3.87
N ALA B 567 42.77 22.79 3.98
CA ALA B 567 43.06 21.44 3.54
C ALA B 567 43.29 21.39 2.03
N LEU B 568 42.52 22.19 1.27
CA LEU B 568 42.70 22.20 -0.19
C LEU B 568 44.04 22.82 -0.56
N ARG B 569 44.37 23.97 0.03
CA ARG B 569 45.69 24.56 -0.15
C ARG B 569 46.79 23.54 0.16
N GLU B 570 46.65 22.83 1.28
CA GLU B 570 47.68 21.89 1.68
C GLU B 570 47.79 20.73 0.70
N SER B 571 46.66 20.30 0.12
CA SER B 571 46.69 19.19 -0.83
C SER B 571 47.49 19.55 -2.07
N ALA B 572 47.47 20.82 -2.47
CA ALA B 572 48.20 21.24 -3.65
C ALA B 572 49.71 21.27 -3.43
N ALA B 573 50.16 21.29 -2.17
CA ALA B 573 51.59 21.28 -1.88
C ALA B 573 52.16 19.87 -1.82
N MET B 574 51.31 18.86 -1.85
CA MET B 574 51.76 17.47 -1.79
C MET B 574 52.31 17.03 -3.14
N LYS B 575 53.27 16.11 -3.10
CA LYS B 575 53.78 15.50 -4.34
C LYS B 575 52.89 14.31 -4.70
N TRP B 576 52.07 14.48 -5.72
CA TRP B 576 51.16 13.45 -6.21
C TRP B 576 51.80 12.69 -7.36
N THR B 577 51.84 11.36 -7.23
CA THR B 577 52.40 10.52 -8.27
C THR B 577 51.47 9.33 -8.53
N ALA B 578 51.63 8.73 -9.70
CA ALA B 578 50.96 7.48 -10.03
C ALA B 578 51.97 6.62 -10.77
N LEU B 579 52.15 5.40 -10.30
CA LEU B 579 53.17 4.49 -10.83
C LEU B 579 52.51 3.16 -11.18
N PRO B 580 53.14 2.36 -12.04
CA PRO B 580 52.70 0.97 -12.18
C PRO B 580 53.05 0.23 -10.90
N GLN B 581 52.04 -0.02 -10.07
CA GLN B 581 52.23 -0.65 -8.77
C GLN B 581 51.91 -2.12 -8.92
N LEU B 582 52.96 -2.91 -9.17
CA LEU B 582 52.78 -4.36 -9.26
C LEU B 582 52.95 -4.98 -7.89
N ALA B 583 52.66 -6.28 -7.80
CA ALA B 583 52.72 -6.98 -6.52
C ALA B 583 54.11 -6.89 -5.89
N THR B 584 55.14 -6.83 -6.71
CA THR B 584 56.53 -6.82 -6.29
C THR B 584 57.08 -5.41 -6.07
N GLY B 585 56.27 -4.39 -6.30
CA GLY B 585 56.75 -3.03 -6.16
C GLY B 585 56.46 -2.23 -7.41
N PRO B 586 56.78 -0.93 -7.37
CA PRO B 586 56.58 -0.08 -8.55
C PRO B 586 57.56 -0.41 -9.65
N ALA B 587 57.06 -0.39 -10.88
CA ALA B 587 57.85 -0.64 -12.07
C ALA B 587 58.28 0.67 -12.71
N ALA B 588 59.39 0.60 -13.43
CA ALA B 588 59.83 1.74 -14.22
C ALA B 588 58.95 1.92 -15.46
N GLY B 589 58.91 3.14 -15.96
CA GLY B 589 58.19 3.36 -17.20
C GLY B 589 58.36 4.78 -17.69
N GLU B 590 57.56 5.13 -18.70
CA GLU B 590 57.60 6.47 -19.27
C GLU B 590 56.82 7.43 -18.41
N THR B 591 57.44 8.54 -18.04
CA THR B 591 56.84 9.47 -17.08
C THR B 591 56.48 10.79 -17.76
N ARG B 592 55.32 11.33 -17.38
CA ARG B 592 54.87 12.61 -17.88
C ARG B 592 54.07 13.32 -16.80
N THR B 593 53.87 14.62 -16.99
CA THR B 593 53.13 15.40 -16.04
C THR B 593 51.63 15.27 -16.29
N VAL B 594 50.86 15.53 -15.22
CA VAL B 594 49.41 15.58 -15.25
C VAL B 594 49.02 17.04 -14.99
N LEU B 595 48.27 17.63 -15.93
CA LEU B 595 47.96 19.06 -15.88
C LEU B 595 46.49 19.28 -15.52
N ASN B 596 46.23 20.40 -14.85
CA ASN B 596 44.87 20.81 -14.50
C ASN B 596 44.10 21.17 -15.76
N PRO B 597 42.97 20.50 -16.07
CA PRO B 597 42.22 20.85 -17.28
C PRO B 597 41.71 22.27 -17.29
N GLY B 598 41.57 22.89 -16.12
CA GLY B 598 41.12 24.27 -16.03
C GLY B 598 42.22 25.30 -16.18
N ASP B 599 43.47 24.85 -16.19
CA ASP B 599 44.62 25.75 -16.28
C ASP B 599 45.86 24.88 -16.47
N HIS B 600 46.30 24.71 -17.72
CA HIS B 600 47.39 23.79 -17.98
C HIS B 600 48.72 24.25 -17.38
N ARG B 601 48.80 25.48 -16.87
CA ARG B 601 49.99 25.92 -16.15
C ARG B 601 50.11 25.28 -14.78
N ASP B 602 49.03 24.68 -14.26
CA ASP B 602 49.02 24.07 -12.94
C ASP B 602 49.35 22.60 -13.11
N VAL B 603 50.59 22.23 -12.77
CA VAL B 603 51.03 20.84 -12.81
C VAL B 603 50.53 20.15 -11.56
N VAL B 604 49.65 19.18 -11.72
CA VAL B 604 49.06 18.52 -10.56
C VAL B 604 49.95 17.40 -10.05
N GLY B 605 50.65 16.70 -10.93
CA GLY B 605 51.45 15.56 -10.49
C GLY B 605 52.14 14.94 -11.67
N SER B 606 52.63 13.72 -11.45
CA SER B 606 53.40 13.00 -12.44
CA SER B 606 53.41 12.99 -12.44
CA SER B 606 53.38 13.00 -12.46
C SER B 606 52.92 11.56 -12.50
N VAL B 607 52.80 11.02 -13.71
CA VAL B 607 52.37 9.64 -13.89
C VAL B 607 53.44 8.89 -14.66
N THR B 608 53.75 7.68 -14.18
CA THR B 608 54.64 6.76 -14.86
C THR B 608 53.75 5.66 -15.43
N GLU B 609 53.77 5.50 -16.75
CA GLU B 609 52.82 4.63 -17.39
C GLU B 609 53.41 3.24 -17.62
N THR B 610 52.52 2.26 -17.76
CA THR B 610 52.86 0.84 -17.70
C THR B 610 53.25 0.33 -19.08
N SER B 611 54.37 -0.39 -19.17
CA SER B 611 54.66 -1.07 -20.42
C SER B 611 53.71 -2.25 -20.60
N GLU B 612 53.50 -2.65 -21.87
CA GLU B 612 52.64 -3.80 -22.13
C GLU B 612 53.23 -5.06 -21.49
N GLU B 613 54.54 -5.21 -21.52
CA GLU B 613 55.20 -6.34 -20.86
C GLU B 613 54.85 -6.37 -19.37
N ASP B 614 54.91 -5.23 -18.69
CA ASP B 614 54.59 -5.20 -17.27
C ASP B 614 53.11 -5.41 -17.01
N ALA B 615 52.25 -4.98 -17.94
CA ALA B 615 50.83 -5.31 -17.82
C ALA B 615 50.64 -6.83 -17.80
N ARG B 616 51.28 -7.53 -18.73
CA ARG B 616 51.15 -8.99 -18.73
C ARG B 616 51.74 -9.59 -17.46
N ARG B 617 52.88 -9.06 -16.99
CA ARG B 617 53.47 -9.56 -15.75
C ARG B 617 52.50 -9.40 -14.59
N ALA B 618 51.83 -8.25 -14.51
CA ALA B 618 50.87 -8.02 -13.45
C ALA B 618 49.76 -9.07 -13.45
N VAL B 619 49.26 -9.46 -14.63
CA VAL B 619 48.20 -10.45 -14.64
C VAL B 619 48.71 -11.79 -14.12
N ARG B 620 49.94 -12.16 -14.50
CA ARG B 620 50.53 -13.39 -13.97
C ARG B 620 50.69 -13.31 -12.46
N LEU B 621 51.11 -12.15 -11.93
CA LEU B 621 51.23 -12.02 -10.49
C LEU B 621 49.87 -12.13 -9.81
N ALA B 622 48.83 -11.55 -10.42
CA ALA B 622 47.48 -11.68 -9.88
C ALA B 622 47.02 -13.12 -9.88
N ALA B 623 47.30 -13.86 -10.95
CA ALA B 623 46.92 -15.27 -10.99
C ALA B 623 47.62 -16.06 -9.89
N ASP B 624 48.92 -15.81 -9.68
CA ASP B 624 49.65 -16.55 -8.65
C ASP B 624 49.03 -16.34 -7.28
N ALA B 625 48.55 -15.13 -7.01
CA ALA B 625 48.00 -14.79 -5.71
C ALA B 625 46.50 -15.02 -5.60
N ALA B 626 45.83 -15.40 -6.68
CA ALA B 626 44.39 -15.55 -6.63
C ALA B 626 43.92 -16.51 -5.54
N PRO B 627 44.53 -17.68 -5.32
CA PRO B 627 44.02 -18.57 -4.26
C PRO B 627 44.13 -17.98 -2.87
N ASP B 628 45.19 -17.23 -2.56
CA ASP B 628 45.33 -16.68 -1.22
C ASP B 628 44.27 -15.62 -0.94
N TRP B 629 43.94 -14.82 -1.95
CA TRP B 629 42.91 -13.80 -1.74
C TRP B 629 41.52 -14.44 -1.65
N ALA B 630 41.25 -15.43 -2.50
CA ALA B 630 39.98 -16.15 -2.40
C ALA B 630 39.80 -16.77 -1.02
N ALA B 631 40.91 -17.17 -0.38
CA ALA B 631 40.82 -17.81 0.93
C ALA B 631 40.61 -16.83 2.09
N VAL B 632 40.71 -15.52 1.86
CA VAL B 632 40.32 -14.57 2.88
C VAL B 632 38.80 -14.63 3.01
N PRO B 633 38.24 -14.87 4.19
CA PRO B 633 36.80 -15.06 4.29
C PRO B 633 36.05 -13.83 3.80
N PRO B 634 34.89 -14.02 3.18
CA PRO B 634 34.11 -12.87 2.68
C PRO B 634 33.90 -11.77 3.70
N SER B 635 33.60 -12.10 4.95
CA SER B 635 33.40 -11.05 5.95
C SER B 635 34.68 -10.25 6.19
N GLU B 636 35.85 -10.89 6.07
CA GLU B 636 37.09 -10.15 6.25
C GLU B 636 37.43 -9.30 5.02
N ARG B 637 37.14 -9.82 3.82
CA ARG B 637 37.28 -8.97 2.64
C ARG B 637 36.36 -7.77 2.77
N ALA B 638 35.14 -7.99 3.25
CA ALA B 638 34.21 -6.89 3.45
C ALA B 638 34.73 -5.90 4.48
N ALA B 639 35.40 -6.40 5.52
CA ALA B 639 35.97 -5.51 6.53
C ALA B 639 37.05 -4.62 5.94
N CYS B 640 37.81 -5.12 4.95
CA CYS B 640 38.75 -4.26 4.25
C CYS B 640 38.06 -3.11 3.55
N LEU B 641 36.96 -3.41 2.84
CA LEU B 641 36.20 -2.34 2.18
C LEU B 641 35.70 -1.32 3.19
N ASP B 642 35.16 -1.78 4.32
CA ASP B 642 34.67 -0.85 5.33
C ASP B 642 35.80 -0.01 5.90
N ARG B 643 36.99 -0.59 6.10
CA ARG B 643 38.12 0.22 6.57
C ARG B 643 38.51 1.25 5.54
N ALA B 644 38.47 0.89 4.26
CA ALA B 644 38.81 1.86 3.21
C ALA B 644 37.80 3.00 3.18
N ALA B 645 36.52 2.69 3.42
CA ALA B 645 35.51 3.74 3.45
C ALA B 645 35.76 4.73 4.58
N GLU B 646 36.18 4.22 5.76
CA GLU B 646 36.51 5.11 6.87
C GLU B 646 37.65 6.03 6.50
N LEU B 647 38.67 5.49 5.82
CA LEU B 647 39.81 6.33 5.44
C LEU B 647 39.42 7.39 4.43
N MET B 648 38.60 7.03 3.44
CA MET B 648 38.16 8.01 2.47
C MET B 648 37.29 9.09 3.11
N GLN B 649 36.48 8.71 4.10
CA GLN B 649 35.68 9.71 4.80
C GLN B 649 36.57 10.68 5.56
N ALA B 650 37.59 10.16 6.25
CA ALA B 650 38.45 11.00 7.07
C ALA B 650 39.35 11.88 6.21
N ARG B 651 39.73 11.39 5.04
CA ARG B 651 40.61 12.12 4.16
C ARG B 651 39.87 12.85 3.05
N MET B 652 38.54 12.97 3.16
CA MET B 652 37.75 13.60 2.10
C MET B 652 38.29 14.96 1.67
N PRO B 653 38.64 15.89 2.56
CA PRO B 653 39.11 17.20 2.08
C PRO B 653 40.33 17.12 1.17
N THR B 654 41.29 16.26 1.50
CA THR B 654 42.46 16.11 0.65
C THR B 654 42.10 15.47 -0.69
N LEU B 655 41.23 14.45 -0.66
CA LEU B 655 40.77 13.83 -1.91
C LEU B 655 40.05 14.85 -2.80
N LEU B 656 39.28 15.76 -2.18
CA LEU B 656 38.62 16.82 -2.95
C LEU B 656 39.63 17.67 -3.71
N GLY B 657 40.70 18.10 -3.04
CA GLY B 657 41.69 18.93 -3.69
C GLY B 657 42.25 18.27 -4.93
N LEU B 658 42.46 16.96 -4.87
CA LEU B 658 43.04 16.26 -6.00
C LEU B 658 42.01 16.06 -7.11
N ILE B 659 40.76 15.74 -6.76
CA ILE B 659 39.72 15.59 -7.76
C ILE B 659 39.46 16.92 -8.47
N ILE B 660 39.41 18.01 -7.70
CA ILE B 660 39.20 19.33 -8.29
C ILE B 660 40.28 19.63 -9.33
N ARG B 661 41.54 19.41 -8.97
CA ARG B 661 42.63 19.89 -9.82
C ARG B 661 42.93 18.92 -10.96
N GLU B 662 42.88 17.61 -10.71
CA GLU B 662 43.21 16.67 -11.77
C GLU B 662 42.04 16.45 -12.73
N ALA B 663 40.82 16.35 -12.21
CA ALA B 663 39.69 16.00 -13.03
C ALA B 663 38.84 17.20 -13.44
N GLY B 664 39.15 18.38 -12.92
CA GLY B 664 38.45 19.58 -13.30
C GLY B 664 37.10 19.77 -12.67
N LYS B 665 36.85 19.15 -11.51
CA LYS B 665 35.53 19.18 -10.90
C LYS B 665 35.39 20.31 -9.89
N SER B 666 34.14 20.73 -9.69
CA SER B 666 33.84 21.65 -8.59
C SER B 666 33.94 20.92 -7.26
N ALA B 667 34.13 21.69 -6.18
CA ALA B 667 34.17 21.09 -4.85
C ALA B 667 32.86 20.38 -4.54
N LEU B 668 31.73 20.98 -4.93
CA LEU B 668 30.43 20.36 -4.74
C LEU B 668 30.37 18.97 -5.36
N ASN B 669 30.79 18.86 -6.63
CA ASN B 669 30.72 17.56 -7.29
C ASN B 669 31.80 16.63 -6.75
N ALA B 670 32.95 17.17 -6.33
CA ALA B 670 33.99 16.31 -5.78
C ALA B 670 33.53 15.69 -4.46
N ILE B 671 32.81 16.45 -3.63
CA ILE B 671 32.26 15.88 -2.40
C ILE B 671 31.33 14.72 -2.72
N ALA B 672 30.40 14.93 -3.65
CA ALA B 672 29.48 13.87 -4.02
C ALA B 672 30.22 12.65 -4.56
N GLU B 673 31.33 12.86 -5.26
CA GLU B 673 32.08 11.74 -5.81
C GLU B 673 32.75 10.93 -4.70
N VAL B 674 33.38 11.61 -3.73
CA VAL B 674 33.97 10.88 -2.61
C VAL B 674 32.89 10.15 -1.82
N ARG B 675 31.73 10.80 -1.62
CA ARG B 675 30.62 10.11 -0.97
C ARG B 675 30.23 8.83 -1.71
N GLU B 676 30.17 8.89 -3.03
CA GLU B 676 29.77 7.73 -3.82
C GLU B 676 30.80 6.60 -3.69
N ALA B 677 32.09 6.95 -3.67
CA ALA B 677 33.11 5.92 -3.46
C ALA B 677 32.94 5.25 -2.09
N ILE B 678 32.72 6.04 -1.05
CA ILE B 678 32.46 5.50 0.28
C ILE B 678 31.22 4.60 0.25
N ASP B 679 30.16 5.06 -0.44
CA ASP B 679 28.93 4.28 -0.48
C ASP B 679 29.14 2.95 -1.20
N PHE B 680 29.87 2.94 -2.33
CA PHE B 680 30.16 1.68 -3.00
C PHE B 680 30.87 0.72 -2.06
N LEU B 681 31.91 1.20 -1.37
CA LEU B 681 32.67 0.36 -0.46
C LEU B 681 31.75 -0.27 0.58
N ARG B 682 30.91 0.56 1.22
CA ARG B 682 30.07 0.05 2.30
C ARG B 682 28.92 -0.80 1.78
N TYR B 683 28.37 -0.46 0.61
CA TYR B 683 27.28 -1.23 0.05
C TYR B 683 27.76 -2.61 -0.40
N TYR B 684 28.88 -2.68 -1.14
CA TYR B 684 29.33 -4.00 -1.56
C TYR B 684 29.81 -4.83 -0.37
N ALA B 685 30.33 -4.17 0.68
CA ALA B 685 30.65 -4.89 1.91
C ALA B 685 29.40 -5.51 2.52
N GLU B 686 28.32 -4.73 2.65
CA GLU B 686 27.11 -5.28 3.25
C GLU B 686 26.49 -6.36 2.37
N GLN B 687 26.47 -6.14 1.05
CA GLN B 687 25.93 -7.18 0.18
C GLN B 687 26.73 -8.48 0.28
N THR B 688 28.06 -8.37 0.45
CA THR B 688 28.88 -9.56 0.68
C THR B 688 28.47 -10.27 1.97
N ARG B 689 28.33 -9.51 3.06
CA ARG B 689 27.94 -10.12 4.33
C ARG B 689 26.57 -10.78 4.26
N ARG B 690 25.69 -10.30 3.38
CA ARG B 690 24.36 -10.90 3.22
CA ARG B 690 24.37 -10.91 3.22
C ARG B 690 24.36 -12.16 2.35
N THR B 691 25.39 -12.37 1.50
CA THR B 691 25.25 -13.40 0.47
C THR B 691 26.39 -14.42 0.37
N LEU B 692 27.65 -14.00 0.42
CA LEU B 692 28.69 -14.88 -0.12
C LEU B 692 29.11 -15.99 0.86
N GLY B 693 29.12 -17.21 0.35
CA GLY B 693 29.51 -18.39 1.10
C GLY B 693 30.49 -19.23 0.32
N PRO B 694 30.82 -20.42 0.86
CA PRO B 694 31.93 -21.20 0.27
C PRO B 694 31.69 -21.61 -1.17
N GLY B 695 30.44 -21.83 -1.56
CA GLY B 695 30.13 -22.26 -2.90
C GLY B 695 30.05 -21.17 -3.95
N HIS B 696 30.30 -19.91 -3.59
CA HIS B 696 30.29 -18.82 -4.57
C HIS B 696 31.74 -18.47 -4.87
N GLY B 697 32.35 -19.28 -5.72
CA GLY B 697 33.77 -19.15 -5.99
C GLY B 697 34.09 -17.96 -6.87
N PRO B 698 35.27 -17.39 -6.71
CA PRO B 698 35.64 -16.23 -7.52
C PRO B 698 35.98 -16.62 -8.95
N LEU B 699 35.97 -15.60 -9.82
CA LEU B 699 36.36 -15.82 -11.21
C LEU B 699 37.88 -16.00 -11.33
N GLY B 700 38.64 -15.16 -10.65
CA GLY B 700 40.05 -15.03 -10.86
C GLY B 700 40.41 -13.59 -11.13
N PRO B 701 41.58 -13.35 -11.72
CA PRO B 701 42.02 -11.96 -11.97
C PRO B 701 41.00 -11.19 -12.79
N ILE B 702 40.58 -10.03 -12.29
CA ILE B 702 39.63 -9.18 -12.99
CA ILE B 702 39.62 -9.16 -12.96
C ILE B 702 40.32 -7.89 -13.38
N VAL B 703 40.15 -7.50 -14.64
CA VAL B 703 40.69 -6.25 -15.16
C VAL B 703 39.61 -5.18 -15.03
N CYS B 704 39.90 -4.11 -14.28
CA CYS B 704 38.94 -3.04 -14.06
C CYS B 704 39.43 -1.80 -14.79
N ILE B 705 38.66 -1.36 -15.79
CA ILE B 705 39.02 -0.22 -16.61
C ILE B 705 37.98 0.87 -16.33
N SER B 706 38.46 2.01 -15.86
CA SER B 706 37.60 3.04 -15.29
C SER B 706 37.72 4.34 -16.09
N PRO B 707 36.71 5.18 -16.02
CA PRO B 707 36.64 6.40 -16.83
C PRO B 707 37.26 7.60 -16.13
N TRP B 708 37.46 8.67 -16.89
CA TRP B 708 38.01 9.89 -16.34
C TRP B 708 36.95 10.79 -15.72
N ASN B 709 35.66 10.53 -15.97
CA ASN B 709 34.65 11.46 -15.48
C ASN B 709 34.20 11.16 -14.06
N PHE B 710 34.41 9.95 -13.57
CA PHE B 710 34.25 9.60 -12.15
C PHE B 710 35.48 8.84 -11.74
N PRO B 711 36.61 9.54 -11.68
CA PRO B 711 37.91 8.87 -11.56
C PRO B 711 38.19 8.31 -10.18
N LEU B 712 37.37 8.62 -9.18
CA LEU B 712 37.43 7.91 -7.91
C LEU B 712 36.23 7.01 -7.68
N ALA B 713 35.02 7.49 -7.99
CA ALA B 713 33.84 6.72 -7.60
C ALA B 713 33.68 5.46 -8.44
N ILE B 714 33.74 5.58 -9.76
CA ILE B 714 33.56 4.37 -10.58
C ILE B 714 34.81 3.51 -10.50
N PHE B 715 35.99 4.15 -10.43
CA PHE B 715 37.23 3.43 -10.15
C PHE B 715 37.07 2.54 -8.91
N THR B 716 36.60 3.13 -7.81
CA THR B 716 36.46 2.41 -6.55
C THR B 716 35.36 1.36 -6.61
N GLY B 717 34.21 1.69 -7.21
CA GLY B 717 33.09 0.76 -7.24
C GLY B 717 33.45 -0.54 -7.94
N GLN B 718 34.04 -0.45 -9.14
CA GLN B 718 34.36 -1.67 -9.87
C GLN B 718 35.38 -2.50 -9.10
N ILE B 719 36.42 -1.84 -8.61
CA ILE B 719 37.50 -2.54 -7.90
C ILE B 719 36.98 -3.18 -6.63
N ALA B 720 36.20 -2.42 -5.85
CA ALA B 720 35.71 -2.93 -4.58
C ALA B 720 34.83 -4.16 -4.77
N ALA B 721 33.95 -4.13 -5.77
CA ALA B 721 33.08 -5.28 -6.02
C ALA B 721 33.90 -6.50 -6.43
N ALA B 722 34.85 -6.32 -7.35
CA ALA B 722 35.68 -7.44 -7.76
C ALA B 722 36.47 -8.02 -6.59
N LEU B 723 37.08 -7.15 -5.78
CA LEU B 723 37.89 -7.61 -4.64
C LEU B 723 37.04 -8.37 -3.64
N VAL B 724 35.89 -7.80 -3.27
CA VAL B 724 35.15 -8.39 -2.18
C VAL B 724 34.50 -9.70 -2.62
N ALA B 725 34.26 -9.87 -3.91
CA ALA B 725 33.82 -11.16 -4.44
C ALA B 725 34.95 -12.18 -4.47
N GLY B 726 36.17 -11.81 -4.06
CA GLY B 726 37.26 -12.76 -3.93
C GLY B 726 38.23 -12.79 -5.10
N ASN B 727 38.21 -11.79 -5.97
CA ASN B 727 39.03 -11.72 -7.17
C ASN B 727 40.17 -10.73 -6.99
N PRO B 728 41.40 -11.08 -7.33
CA PRO B 728 42.46 -10.05 -7.40
C PRO B 728 42.22 -9.17 -8.61
N VAL B 729 42.66 -7.92 -8.54
CA VAL B 729 42.27 -6.88 -9.50
C VAL B 729 43.48 -6.24 -10.15
N LEU B 730 43.39 -6.04 -11.46
CA LEU B 730 44.32 -5.22 -12.22
C LEU B 730 43.57 -3.95 -12.56
N ALA B 731 43.95 -2.83 -11.94
CA ALA B 731 43.20 -1.58 -12.07
C ALA B 731 43.88 -0.70 -13.11
N LYS B 732 43.19 -0.46 -14.24
CA LYS B 732 43.71 0.38 -15.31
C LYS B 732 42.90 1.66 -15.36
N PRO B 733 43.38 2.74 -14.77
CA PRO B 733 42.61 3.99 -14.74
C PRO B 733 42.72 4.72 -16.06
N ALA B 734 41.77 5.64 -16.26
CA ALA B 734 41.82 6.48 -17.44
C ALA B 734 43.16 7.20 -17.55
N GLU B 735 43.64 7.34 -18.79
CA GLU B 735 44.90 8.04 -19.03
C GLU B 735 44.90 9.44 -18.44
N GLU B 736 43.73 10.10 -18.44
CA GLU B 736 43.64 11.49 -18.01
C GLU B 736 43.71 11.66 -16.49
N THR B 737 43.36 10.66 -15.71
CA THR B 737 43.14 10.82 -14.27
C THR B 737 43.83 9.73 -13.46
N PRO B 738 45.14 9.55 -13.61
CA PRO B 738 45.81 8.48 -12.86
C PRO B 738 46.08 8.81 -11.41
N LEU B 739 46.14 10.09 -11.03
CA LEU B 739 46.62 10.41 -9.69
C LEU B 739 45.59 10.04 -8.64
N ILE B 740 44.32 10.35 -8.89
CA ILE B 740 43.31 9.98 -7.90
C ILE B 740 43.17 8.47 -7.83
N ALA B 741 43.35 7.76 -8.96
CA ALA B 741 43.35 6.30 -8.93
C ALA B 741 44.47 5.77 -8.03
N ALA B 742 45.68 6.33 -8.20
CA ALA B 742 46.80 5.90 -7.35
C ALA B 742 46.47 6.11 -5.88
N GLU B 743 45.79 7.22 -5.56
CA GLU B 743 45.43 7.49 -4.16
C GLU B 743 44.38 6.49 -3.67
N GLY B 744 43.43 6.13 -4.53
CA GLY B 744 42.48 5.09 -4.18
C GLY B 744 43.16 3.76 -3.87
N VAL B 745 44.16 3.39 -4.68
CA VAL B 745 44.88 2.15 -4.40
C VAL B 745 45.66 2.25 -3.10
N ARG B 746 46.28 3.40 -2.83
CA ARG B 746 46.98 3.57 -1.55
C ARG B 746 46.02 3.31 -0.39
N ILE B 747 44.80 3.83 -0.48
CA ILE B 747 43.85 3.72 0.62
C ILE B 747 43.36 2.29 0.76
N LEU B 748 43.06 1.62 -0.36
CA LEU B 748 42.63 0.23 -0.27
C LEU B 748 43.74 -0.67 0.28
N ARG B 749 44.99 -0.42 -0.12
CA ARG B 749 46.08 -1.21 0.45
C ARG B 749 46.25 -0.93 1.93
N GLU B 750 46.15 0.34 2.34
CA GLU B 750 46.26 0.68 3.75
C GLU B 750 45.18 -0.02 4.57
N ALA B 751 44.01 -0.20 3.95
CA ALA B 751 42.85 -0.82 4.58
C ALA B 751 42.94 -2.34 4.67
N GLY B 752 43.96 -2.94 4.07
CA GLY B 752 44.14 -4.38 4.19
C GLY B 752 44.16 -5.14 2.88
N ILE B 753 43.90 -4.51 1.73
CA ILE B 753 43.98 -5.27 0.48
C ILE B 753 45.44 -5.54 0.15
N PRO B 754 45.85 -6.81 0.03
CA PRO B 754 47.26 -7.10 -0.26
C PRO B 754 47.71 -6.56 -1.60
N ALA B 755 49.00 -6.23 -1.68
CA ALA B 755 49.55 -5.69 -2.92
C ALA B 755 49.31 -6.64 -4.09
N SER B 756 49.41 -7.95 -3.85
CA SER B 756 49.17 -8.89 -4.93
C SER B 756 47.71 -8.96 -5.35
N ALA B 757 46.79 -8.50 -4.51
CA ALA B 757 45.38 -8.50 -4.85
C ALA B 757 44.94 -7.22 -5.54
N LEU B 758 45.75 -6.15 -5.53
CA LEU B 758 45.35 -4.89 -6.15
C LEU B 758 46.59 -4.23 -6.73
N GLN B 759 46.71 -4.29 -8.04
CA GLN B 759 47.81 -3.68 -8.77
C GLN B 759 47.27 -2.55 -9.64
N LEU B 760 48.01 -1.44 -9.69
CA LEU B 760 47.63 -0.28 -10.49
C LEU B 760 48.50 -0.20 -11.74
N LEU B 761 47.86 -0.07 -12.91
CA LEU B 761 48.57 -0.03 -14.20
C LEU B 761 48.15 1.22 -14.95
N PRO B 762 48.77 2.36 -14.67
CA PRO B 762 48.40 3.57 -15.42
C PRO B 762 48.82 3.45 -16.87
N GLY B 763 48.10 4.13 -17.74
CA GLY B 763 48.48 4.24 -19.13
C GLY B 763 47.28 4.35 -20.04
N ASP B 764 47.53 4.16 -21.33
CA ASP B 764 46.52 4.39 -22.36
C ASP B 764 45.77 3.10 -22.66
N GLY B 765 45.02 3.10 -23.77
CA GLY B 765 44.21 1.95 -24.11
C GLY B 765 45.00 0.72 -24.52
N ARG B 766 46.26 0.91 -24.94
CA ARG B 766 47.10 -0.26 -25.21
C ARG B 766 47.41 -1.03 -23.94
N VAL B 767 47.56 -0.33 -22.81
CA VAL B 767 47.71 -1.01 -21.53
C VAL B 767 46.44 -1.78 -21.21
N GLY B 768 45.28 -1.14 -21.37
CA GLY B 768 44.03 -1.84 -21.15
C GLY B 768 43.88 -3.07 -22.04
N ALA B 769 44.26 -2.95 -23.32
CA ALA B 769 44.12 -4.07 -24.23
C ALA B 769 45.04 -5.22 -23.86
N ALA B 770 46.26 -4.91 -23.41
CA ALA B 770 47.18 -5.97 -22.99
C ALA B 770 46.65 -6.70 -21.76
N LEU B 771 46.00 -5.97 -20.84
CA LEU B 771 45.42 -6.66 -19.70
C LEU B 771 44.27 -7.55 -20.12
N VAL B 772 43.39 -7.05 -21.00
CA VAL B 772 42.22 -7.82 -21.42
C VAL B 772 42.63 -9.10 -22.15
N ALA B 773 43.68 -9.02 -22.96
CA ALA B 773 44.11 -10.16 -23.76
C ALA B 773 44.93 -11.19 -22.98
N ALA B 774 45.39 -10.86 -21.78
CA ALA B 774 46.25 -11.77 -21.03
C ALA B 774 45.54 -13.08 -20.70
N ALA B 775 46.31 -14.18 -20.76
CA ALA B 775 45.73 -15.51 -20.67
C ALA B 775 44.99 -15.76 -19.36
N GLU B 776 45.46 -15.18 -18.26
CA GLU B 776 44.89 -15.47 -16.96
C GLU B 776 43.72 -14.54 -16.60
N THR B 777 43.40 -13.56 -17.43
CA THR B 777 42.29 -12.68 -17.14
C THR B 777 40.97 -13.44 -17.16
N ALA B 778 40.20 -13.31 -16.08
CA ALA B 778 38.99 -14.10 -15.85
C ALA B 778 37.73 -13.26 -15.87
N GLY B 779 37.86 -11.96 -16.06
CA GLY B 779 36.71 -11.08 -16.14
C GLY B 779 37.17 -9.66 -16.37
N VAL B 780 36.27 -8.86 -16.93
CA VAL B 780 36.56 -7.47 -17.25
C VAL B 780 35.39 -6.61 -16.82
N MET B 781 35.69 -5.53 -16.12
CA MET B 781 34.71 -4.51 -15.75
C MET B 781 35.15 -3.23 -16.43
N PHE B 782 34.30 -2.72 -17.33
CA PHE B 782 34.65 -1.61 -18.20
C PHE B 782 33.56 -0.55 -18.17
N THR B 783 33.95 0.69 -17.93
CA THR B 783 33.05 1.83 -18.09
C THR B 783 33.70 2.79 -19.07
N GLY B 784 33.03 3.02 -20.21
CA GLY B 784 33.62 3.85 -21.25
C GLY B 784 32.79 3.78 -22.53
N SER B 785 33.47 4.00 -23.65
CA SER B 785 32.75 4.12 -24.93
C SER B 785 32.26 2.77 -25.45
N THR B 786 31.19 2.82 -26.26
CA THR B 786 30.70 1.60 -26.89
CA THR B 786 30.70 1.60 -26.89
C THR B 786 31.74 0.99 -27.83
N GLU B 787 32.49 1.83 -28.54
CA GLU B 787 33.49 1.32 -29.48
C GLU B 787 34.53 0.48 -28.75
N VAL B 788 35.06 0.99 -27.62
CA VAL B 788 36.08 0.25 -26.91
C VAL B 788 35.47 -0.99 -26.26
N ALA B 789 34.26 -0.87 -25.72
CA ALA B 789 33.60 -2.04 -25.14
C ALA B 789 33.44 -3.16 -26.18
N ARG B 790 33.09 -2.79 -27.42
CA ARG B 790 32.98 -3.80 -28.47
C ARG B 790 34.32 -4.46 -28.76
N LEU B 791 35.41 -3.69 -28.75
CA LEU B 791 36.72 -4.28 -28.98
C LEU B 791 37.09 -5.25 -27.86
N ILE B 792 36.76 -4.89 -26.62
CA ILE B 792 37.03 -5.76 -25.48
C ILE B 792 36.22 -7.05 -25.61
N GLN B 793 34.93 -6.93 -25.93
CA GLN B 793 34.07 -8.09 -26.11
C GLN B 793 34.64 -9.05 -27.16
N ALA B 794 35.14 -8.53 -28.28
CA ALA B 794 35.70 -9.39 -29.31
C ALA B 794 36.96 -10.10 -28.83
N GLN B 795 37.80 -9.39 -28.07
CA GLN B 795 39.01 -10.03 -27.55
C GLN B 795 38.65 -11.16 -26.58
N LEU B 796 37.68 -10.91 -25.69
CA LEU B 796 37.32 -11.91 -24.70
C LEU B 796 36.70 -13.14 -25.33
N ALA B 797 35.96 -12.96 -26.42
CA ALA B 797 35.28 -14.08 -27.04
C ALA B 797 36.24 -15.06 -27.69
N ASP B 798 37.51 -14.69 -27.87
CA ASP B 798 38.46 -15.65 -28.40
C ASP B 798 38.91 -16.68 -27.37
N ARG B 799 38.62 -16.46 -26.09
CA ARG B 799 39.09 -17.29 -24.99
C ARG B 799 37.90 -17.84 -24.21
N LEU B 800 38.19 -18.82 -23.36
CA LEU B 800 37.24 -19.34 -22.38
C LEU B 800 37.89 -19.36 -21.00
N SER B 801 37.04 -19.35 -19.97
CA SER B 801 37.48 -19.44 -18.59
C SER B 801 38.09 -20.81 -18.33
N PRO B 802 38.78 -20.98 -17.19
CA PRO B 802 39.26 -22.32 -16.83
C PRO B 802 38.17 -23.38 -16.84
N ALA B 803 36.94 -23.00 -16.53
CA ALA B 803 35.81 -23.93 -16.54
C ALA B 803 35.20 -24.09 -17.93
N GLY B 804 35.79 -23.46 -18.96
CA GLY B 804 35.26 -23.59 -20.31
C GLY B 804 33.99 -22.80 -20.55
N ARG B 805 33.91 -21.61 -19.97
CA ARG B 805 32.72 -20.77 -20.05
C ARG B 805 33.12 -19.37 -20.50
N PRO B 806 32.19 -18.61 -21.06
CA PRO B 806 32.53 -17.25 -21.47
C PRO B 806 33.09 -16.43 -20.32
N ILE B 807 34.08 -15.60 -20.63
CA ILE B 807 34.67 -14.65 -19.69
CA ILE B 807 34.66 -14.67 -19.66
C ILE B 807 33.71 -13.49 -19.49
N PRO B 808 33.26 -13.20 -18.26
CA PRO B 808 32.28 -12.13 -18.06
C PRO B 808 32.82 -10.76 -18.38
N LEU B 809 31.97 -9.95 -19.02
CA LEU B 809 32.23 -8.54 -19.26
C LEU B 809 31.08 -7.76 -18.66
N ILE B 810 31.38 -6.85 -17.73
CA ILE B 810 30.40 -5.87 -17.29
C ILE B 810 30.78 -4.55 -17.93
N ALA B 811 29.94 -4.05 -18.83
CA ALA B 811 30.26 -2.86 -19.57
C ALA B 811 29.14 -1.84 -19.38
N GLU B 812 29.49 -0.64 -18.98
CA GLU B 812 28.55 0.48 -18.93
C GLU B 812 29.00 1.49 -19.95
N THR B 813 28.13 1.82 -20.93
CA THR B 813 28.55 2.53 -22.13
C THR B 813 27.66 3.73 -22.48
N GLY B 814 27.03 4.36 -21.51
CA GLY B 814 26.47 5.69 -21.76
C GLY B 814 25.03 5.71 -22.22
N GLY B 815 24.62 6.88 -22.69
CA GLY B 815 23.21 7.07 -23.01
C GLY B 815 22.98 8.34 -23.79
N GLN B 816 21.79 8.45 -24.35
CA GLN B 816 21.35 9.64 -25.09
C GLN B 816 20.08 10.11 -24.38
N ASN B 817 20.27 10.72 -23.21
CA ASN B 817 19.22 10.76 -22.20
C ASN B 817 18.27 11.92 -22.42
N ALA B 818 16.97 11.62 -22.37
CA ALA B 818 15.93 12.60 -22.61
C ALA B 818 15.20 12.95 -21.33
N MET B 819 14.61 14.14 -21.33
CA MET B 819 13.63 14.54 -20.34
C MET B 819 12.41 15.06 -21.07
N ILE B 820 11.23 14.54 -20.72
CA ILE B 820 9.96 14.98 -21.29
C ILE B 820 9.26 15.85 -20.27
N VAL B 821 8.77 17.02 -20.71
CA VAL B 821 8.12 18.01 -19.87
C VAL B 821 6.78 18.32 -20.51
N ASP B 822 5.70 18.21 -19.74
CA ASP B 822 4.40 18.59 -20.30
C ASP B 822 3.97 19.94 -19.72
N SER B 823 2.78 20.39 -20.12
CA SER B 823 2.33 21.72 -19.73
C SER B 823 1.88 21.80 -18.28
N SER B 824 1.80 20.68 -17.56
CA SER B 824 1.45 20.75 -16.14
C SER B 824 2.66 20.96 -15.25
N ALA B 825 3.86 20.81 -15.78
CA ALA B 825 5.06 20.92 -14.97
C ALA B 825 5.29 22.38 -14.55
N LEU B 826 5.91 22.56 -13.38
CA LEU B 826 6.24 23.89 -12.90
C LEU B 826 7.55 24.34 -13.55
N ALA B 827 7.50 25.44 -14.28
CA ALA B 827 8.64 25.83 -15.12
C ALA B 827 9.89 26.07 -14.30
N GLU B 828 9.77 26.73 -13.16
CA GLU B 828 10.94 27.00 -12.33
C GLU B 828 11.62 25.71 -11.88
N GLN B 829 10.82 24.70 -11.52
CA GLN B 829 11.37 23.40 -11.13
C GLN B 829 12.05 22.73 -12.31
N VAL B 830 11.38 22.72 -13.46
CA VAL B 830 11.98 22.18 -14.68
C VAL B 830 13.33 22.82 -14.95
N VAL B 831 13.37 24.16 -14.93
CA VAL B 831 14.60 24.84 -15.35
C VAL B 831 15.74 24.50 -14.40
N GLY B 832 15.48 24.50 -13.09
CA GLY B 832 16.53 24.12 -12.15
C GLY B 832 17.02 22.70 -12.41
N ASP B 833 16.10 21.78 -12.69
CA ASP B 833 16.53 20.40 -12.90
C ASP B 833 17.22 20.22 -14.24
N VAL B 834 16.88 21.05 -15.23
CA VAL B 834 17.54 20.97 -16.54
C VAL B 834 18.95 21.53 -16.45
N ILE B 835 19.09 22.69 -15.82
CA ILE B 835 20.41 23.32 -15.67
C ILE B 835 21.36 22.37 -14.98
N THR B 836 20.91 21.73 -13.90
CA THR B 836 21.73 20.74 -13.21
CA THR B 836 21.76 20.75 -13.22
C THR B 836 22.02 19.54 -14.11
N SER B 837 20.97 18.94 -14.69
CA SER B 837 21.14 17.69 -15.41
C SER B 837 22.00 17.85 -16.65
N ALA B 838 21.88 18.98 -17.34
CA ALA B 838 22.59 19.14 -18.60
C ALA B 838 24.01 19.67 -18.43
N PHE B 839 24.27 20.52 -17.43
CA PHE B 839 25.51 21.26 -17.39
C PHE B 839 26.36 20.99 -16.15
N ASP B 840 25.82 20.37 -15.11
CA ASP B 840 26.65 19.90 -14.01
C ASP B 840 27.80 19.07 -14.54
N SER B 841 28.98 19.26 -13.97
CA SER B 841 30.19 18.54 -14.39
C SER B 841 30.48 18.76 -15.87
N ALA B 842 30.10 19.93 -16.39
CA ALA B 842 30.24 20.29 -17.81
C ALA B 842 29.61 19.24 -18.71
N GLY B 843 28.51 18.64 -18.26
CA GLY B 843 27.83 17.63 -19.05
C GLY B 843 28.60 16.34 -19.23
N GLN B 844 29.66 16.13 -18.46
CA GLN B 844 30.50 14.94 -18.59
C GLN B 844 30.04 13.82 -17.68
N ARG B 845 28.74 13.59 -17.60
CA ARG B 845 28.14 12.45 -16.93
C ARG B 845 27.47 11.59 -17.99
N CYS B 846 27.60 10.27 -17.90
CA CYS B 846 26.85 9.43 -18.83
C CYS B 846 25.34 9.57 -18.62
N SER B 847 24.94 10.04 -17.43
CA SER B 847 23.55 10.29 -17.05
C SER B 847 23.05 11.65 -17.53
N ALA B 848 23.90 12.48 -18.11
CA ALA B 848 23.55 13.88 -18.34
C ALA B 848 22.38 14.00 -19.30
N LEU B 849 21.60 15.06 -19.09
CA LEU B 849 20.47 15.35 -19.97
C LEU B 849 20.96 15.84 -21.32
N ARG B 850 20.63 15.11 -22.38
CA ARG B 850 21.05 15.45 -23.73
C ARG B 850 19.96 16.04 -24.59
N VAL B 851 18.71 15.64 -24.37
CA VAL B 851 17.59 16.10 -25.20
C VAL B 851 16.44 16.44 -24.27
N LEU B 852 16.11 17.72 -24.20
CA LEU B 852 14.95 18.20 -23.48
C LEU B 852 13.76 18.28 -24.45
N CYS B 853 12.66 17.63 -24.09
CA CYS B 853 11.47 17.56 -24.94
C CYS B 853 10.35 18.35 -24.28
N LEU B 854 9.96 19.46 -24.92
CA LEU B 854 9.02 20.41 -24.33
C LEU B 854 7.70 20.38 -25.08
N GLN B 855 6.60 20.21 -24.34
CA GLN B 855 5.29 20.33 -24.97
C GLN B 855 5.14 21.70 -25.60
N GLU B 856 4.60 21.70 -26.83
CA GLU B 856 4.65 22.91 -27.68
C GLU B 856 4.09 24.13 -26.96
N ASP B 857 2.99 23.94 -26.22
CA ASP B 857 2.28 25.05 -25.58
C ASP B 857 3.11 25.79 -24.54
N VAL B 858 4.14 25.15 -23.97
CA VAL B 858 4.94 25.79 -22.93
C VAL B 858 6.38 25.96 -23.35
N ALA B 859 6.75 25.56 -24.57
CA ALA B 859 8.17 25.52 -24.94
C ALA B 859 8.82 26.90 -24.94
N ASP B 860 8.15 27.92 -25.48
CA ASP B 860 8.78 29.23 -25.55
C ASP B 860 9.01 29.82 -24.17
N ARG B 861 8.02 29.71 -23.27
CA ARG B 861 8.19 30.25 -21.92
CA ARG B 861 8.20 30.26 -21.93
C ARG B 861 9.30 29.52 -21.16
N ILE B 862 9.35 28.20 -21.26
CA ILE B 862 10.42 27.46 -20.59
C ILE B 862 11.78 27.80 -21.20
N LEU B 863 11.84 27.93 -22.53
CA LEU B 863 13.13 28.26 -23.17
C LEU B 863 13.63 29.63 -22.73
N THR B 864 12.75 30.61 -22.63
CA THR B 864 13.15 31.93 -22.13
C THR B 864 13.73 31.83 -20.73
N MET B 865 13.04 31.12 -19.85
CA MET B 865 13.53 30.98 -18.48
C MET B 865 14.84 30.21 -18.44
N LEU B 866 14.96 29.17 -19.27
CA LEU B 866 16.17 28.37 -19.31
C LEU B 866 17.37 29.20 -19.75
N LYS B 867 17.17 30.00 -20.81
CA LYS B 867 18.27 30.84 -21.28
C LYS B 867 18.64 31.89 -20.24
N GLY B 868 17.64 32.45 -19.54
CA GLY B 868 17.93 33.38 -18.46
C GLY B 868 18.75 32.75 -17.35
N ALA B 869 18.40 31.53 -16.96
CA ALA B 869 19.14 30.82 -15.92
C ALA B 869 20.56 30.49 -16.40
N LEU B 870 20.69 30.12 -17.67
CA LEU B 870 22.00 29.79 -18.24
C LEU B 870 22.97 30.94 -18.08
N HIS B 871 22.50 32.16 -18.31
CA HIS B 871 23.43 33.30 -18.28
C HIS B 871 23.86 33.70 -16.88
N GLU B 872 23.30 33.10 -15.85
CA GLU B 872 23.72 33.35 -14.48
C GLU B 872 24.77 32.36 -13.98
N LEU B 873 25.18 31.40 -14.83
CA LEU B 873 26.21 30.44 -14.43
C LEU B 873 27.59 31.05 -14.55
N HIS B 874 28.48 30.61 -13.66
CA HIS B 874 29.87 31.05 -13.64
C HIS B 874 30.75 29.89 -14.08
N ILE B 875 31.53 30.11 -15.14
CA ILE B 875 32.37 29.07 -15.72
C ILE B 875 33.83 29.46 -15.49
N GLY B 876 34.60 28.54 -14.92
CA GLY B 876 36.01 28.85 -14.71
C GLY B 876 36.75 27.71 -14.02
N ARG B 877 38.01 27.99 -13.69
CA ARG B 877 38.82 27.04 -12.95
C ARG B 877 38.14 26.75 -11.61
N THR B 878 38.07 25.47 -11.25
CA THR B 878 37.15 25.03 -10.21
C THR B 878 37.71 25.12 -8.79
N ASP B 879 38.76 25.89 -8.54
CA ASP B 879 39.19 26.07 -7.16
C ASP B 879 38.59 27.32 -6.52
N ARG B 880 37.42 27.75 -7.01
CA ARG B 880 36.63 28.78 -6.37
C ARG B 880 35.22 28.27 -6.19
N LEU B 881 34.68 28.45 -4.98
CA LEU B 881 33.33 28.00 -4.66
C LEU B 881 32.29 28.60 -5.61
N SER B 882 32.55 29.80 -6.14
CA SER B 882 31.60 30.48 -7.01
C SER B 882 31.50 29.86 -8.39
N VAL B 883 32.33 28.90 -8.74
CA VAL B 883 32.28 28.34 -10.09
C VAL B 883 31.19 27.27 -10.14
N ASP B 884 30.32 27.38 -11.14
CA ASP B 884 29.25 26.40 -11.36
C ASP B 884 29.64 25.32 -12.35
N VAL B 885 30.38 25.67 -13.39
CA VAL B 885 30.76 24.75 -14.45
C VAL B 885 32.24 24.92 -14.72
N GLY B 886 32.98 23.81 -14.64
CA GLY B 886 34.40 23.82 -14.91
C GLY B 886 34.71 23.41 -16.33
N PRO B 887 35.96 23.00 -16.55
CA PRO B 887 36.43 22.65 -17.90
C PRO B 887 35.99 21.26 -18.33
N VAL B 888 36.06 21.02 -19.65
CA VAL B 888 36.05 19.65 -20.15
C VAL B 888 37.46 19.06 -20.04
N ILE B 889 37.55 17.75 -20.16
CA ILE B 889 38.72 17.05 -19.62
C ILE B 889 39.99 17.30 -20.45
N THR B 890 39.86 17.41 -21.78
CA THR B 890 41.01 17.55 -22.67
C THR B 890 40.69 18.48 -23.82
N SER B 891 41.74 18.92 -24.52
CA SER B 891 41.54 19.66 -25.77
C SER B 891 40.87 18.80 -26.85
N GLU B 892 41.18 17.50 -26.88
CA GLU B 892 40.52 16.62 -27.85
C GLU B 892 39.02 16.54 -27.58
N ALA B 893 38.64 16.43 -26.31
CA ALA B 893 37.21 16.43 -25.98
C ALA B 893 36.58 17.74 -26.41
N LYS B 894 37.23 18.86 -26.11
CA LYS B 894 36.72 20.17 -26.50
C LYS B 894 36.54 20.26 -28.01
N ASP B 895 37.54 19.82 -28.78
CA ASP B 895 37.44 19.91 -30.24
C ASP B 895 36.27 19.06 -30.76
N ASN B 896 36.07 17.88 -30.20
CA ASN B 896 35.00 17.01 -30.66
C ASN B 896 33.62 17.61 -30.36
N ILE B 897 33.47 18.21 -29.17
CA ILE B 897 32.21 18.87 -28.81
C ILE B 897 31.98 20.08 -29.72
N GLU B 898 33.02 20.88 -29.94
CA GLU B 898 32.88 22.06 -30.78
C GLU B 898 32.62 21.70 -32.23
N LYS B 899 33.18 20.59 -32.73
CA LYS B 899 32.85 20.16 -34.08
C LYS B 899 31.35 19.91 -34.23
N HIS B 900 30.70 19.42 -33.17
CA HIS B 900 29.26 19.20 -33.22
C HIS B 900 28.51 20.52 -33.17
N ILE B 901 28.89 21.42 -32.27
CA ILE B 901 28.17 22.69 -32.10
C ILE B 901 28.22 23.50 -33.40
N GLU B 902 29.38 23.52 -34.05
CA GLU B 902 29.49 24.26 -35.30
C GLU B 902 28.73 23.58 -36.43
N ARG B 903 28.73 22.25 -36.46
CA ARG B 903 27.94 21.53 -37.45
C ARG B 903 26.46 21.84 -37.30
N MET B 904 25.98 21.94 -36.05
CA MET B 904 24.58 22.33 -35.81
C MET B 904 24.35 23.79 -36.18
N ARG B 905 25.27 24.66 -35.78
CA ARG B 905 25.14 26.08 -36.10
C ARG B 905 25.17 26.31 -37.60
N GLY B 906 25.98 25.54 -38.32
CA GLY B 906 26.02 25.64 -39.77
C GLY B 906 24.72 25.30 -40.44
N LEU B 907 23.88 24.48 -39.79
CA LEU B 907 22.58 24.11 -40.32
C LEU B 907 21.49 25.12 -39.97
N GLY B 908 21.85 26.23 -39.34
CA GLY B 908 20.91 27.28 -39.01
C GLY B 908 20.10 27.07 -37.75
N ARG B 909 20.49 26.12 -36.91
CA ARG B 909 19.75 25.86 -35.68
C ARG B 909 20.11 26.91 -34.63
N LYS B 910 19.13 27.29 -33.81
CA LYS B 910 19.37 28.32 -32.80
C LYS B 910 20.29 27.78 -31.72
N VAL B 911 21.38 28.51 -31.47
CA VAL B 911 22.42 28.12 -30.52
C VAL B 911 22.61 29.26 -29.53
N GLU B 912 22.37 28.99 -28.25
CA GLU B 912 22.61 29.93 -27.16
C GLU B 912 23.84 29.49 -26.37
N GLN B 913 24.75 30.42 -26.11
CA GLN B 913 25.96 30.10 -25.36
C GLN B 913 26.28 31.21 -24.37
N ILE B 914 26.75 30.84 -23.18
CA ILE B 914 27.31 31.83 -22.26
C ILE B 914 28.66 32.30 -22.79
N GLY B 915 28.93 33.59 -22.62
CA GLY B 915 30.27 34.09 -22.92
C GLY B 915 31.25 33.66 -21.84
N LEU B 916 32.41 33.19 -22.27
CA LEU B 916 33.46 32.74 -21.35
C LEU B 916 34.43 33.87 -21.05
N ALA B 917 34.86 33.96 -19.79
CA ALA B 917 35.85 34.93 -19.38
C ALA B 917 37.21 34.59 -19.98
N SER B 918 38.06 35.61 -20.11
CA SER B 918 39.36 35.39 -20.74
C SER B 918 40.25 34.48 -19.92
N GLU B 919 39.99 34.34 -18.61
CA GLU B 919 40.79 33.45 -17.78
C GLU B 919 40.64 31.98 -18.17
N THR B 920 39.62 31.64 -18.96
CA THR B 920 39.43 30.27 -19.37
C THR B 920 40.38 29.83 -20.48
N GLY B 921 41.05 30.78 -21.16
CA GLY B 921 41.93 30.42 -22.26
C GLY B 921 43.09 29.53 -21.86
N VAL B 922 43.48 29.51 -20.58
CA VAL B 922 44.60 28.67 -20.17
C VAL B 922 44.16 27.22 -19.92
N GLY B 923 42.86 26.95 -19.95
CA GLY B 923 42.35 25.59 -19.83
C GLY B 923 41.51 25.20 -21.03
N THR B 924 40.75 24.10 -20.93
CA THR B 924 39.94 23.59 -22.03
C THR B 924 38.46 23.68 -21.61
N PHE B 925 37.81 24.78 -21.98
CA PHE B 925 36.42 25.03 -21.60
C PHE B 925 35.50 25.05 -22.82
N VAL B 926 34.31 24.49 -22.66
CA VAL B 926 33.22 24.65 -23.61
C VAL B 926 32.09 25.35 -22.88
N PRO B 927 31.54 26.44 -23.41
CA PRO B 927 30.46 27.13 -22.70
C PRO B 927 29.20 26.28 -22.67
N PRO B 928 28.46 26.29 -21.57
CA PRO B 928 27.13 25.69 -21.59
C PRO B 928 26.34 26.23 -22.77
N THR B 929 25.77 25.30 -23.53
CA THR B 929 25.18 25.56 -24.84
C THR B 929 23.80 24.94 -24.91
N ILE B 930 22.85 25.68 -25.51
CA ILE B 930 21.50 25.19 -25.77
C ILE B 930 21.29 25.21 -27.28
N ILE B 931 20.93 24.05 -27.84
CA ILE B 931 20.73 23.91 -29.29
C ILE B 931 19.29 23.46 -29.52
N GLU B 932 18.53 24.26 -30.28
CA GLU B 932 17.15 23.91 -30.59
C GLU B 932 17.12 23.10 -31.89
N LEU B 933 16.56 21.90 -31.82
CA LEU B 933 16.43 20.96 -32.94
C LEU B 933 14.98 20.80 -33.35
N GLU B 934 14.80 20.29 -34.58
CA GLU B 934 13.46 19.99 -35.09
C GLU B 934 12.94 18.67 -34.54
N LYS B 935 13.70 17.58 -34.74
CA LYS B 935 13.30 16.26 -34.26
C LYS B 935 14.46 15.58 -33.57
N LEU B 936 14.13 14.58 -32.76
CA LEU B 936 15.16 13.88 -31.99
C LEU B 936 16.19 13.22 -32.89
N SER B 937 15.76 12.71 -34.05
CA SER B 937 16.70 12.04 -34.95
C SER B 937 17.72 13.00 -35.57
N ASP B 938 17.57 14.32 -35.38
CA ASP B 938 18.60 15.26 -35.79
C ASP B 938 19.86 15.10 -34.95
N LEU B 939 19.78 14.48 -33.78
CA LEU B 939 20.92 14.19 -32.93
C LEU B 939 21.39 12.78 -33.25
N GLN B 940 22.58 12.67 -33.85
CA GLN B 940 23.02 11.42 -34.46
C GLN B 940 24.21 10.79 -33.77
N ARG B 941 24.74 11.40 -32.71
CA ARG B 941 25.81 10.77 -31.95
C ARG B 941 25.86 11.39 -30.55
N GLU B 942 26.60 10.72 -29.67
CA GLU B 942 26.74 11.23 -28.31
C GLU B 942 27.70 12.41 -28.33
N VAL B 943 27.32 13.48 -27.64
CA VAL B 943 28.12 14.69 -27.53
C VAL B 943 28.37 14.88 -26.04
N PHE B 944 29.57 14.53 -25.60
CA PHE B 944 29.85 14.34 -24.17
C PHE B 944 30.39 15.65 -23.59
N GLY B 945 29.50 16.63 -23.52
CA GLY B 945 29.87 17.94 -23.03
C GLY B 945 28.63 18.71 -22.60
N PRO B 946 28.80 20.00 -22.30
CA PRO B 946 27.66 20.80 -21.76
C PRO B 946 26.77 21.33 -22.88
N VAL B 947 26.13 20.40 -23.59
CA VAL B 947 25.39 20.72 -24.80
C VAL B 947 24.00 20.11 -24.68
N LEU B 948 23.01 20.96 -24.44
CA LEU B 948 21.63 20.53 -24.34
C LEU B 948 20.91 20.76 -25.66
N HIS B 949 20.26 19.72 -26.16
CA HIS B 949 19.41 19.83 -27.33
C HIS B 949 17.96 19.92 -26.88
N VAL B 950 17.18 20.74 -27.56
CA VAL B 950 15.78 20.96 -27.18
C VAL B 950 14.91 20.68 -28.38
N ILE B 951 13.88 19.84 -28.19
CA ILE B 951 12.86 19.62 -29.22
C ILE B 951 11.49 19.93 -28.62
N ARG B 952 10.54 20.18 -29.52
CA ARG B 952 9.17 20.49 -29.14
C ARG B 952 8.25 19.37 -29.63
N TYR B 953 7.20 19.08 -28.86
CA TYR B 953 6.25 18.05 -29.29
C TYR B 953 4.82 18.47 -28.98
N ARG B 954 3.90 18.01 -29.82
CA ARG B 954 2.48 18.16 -29.55
C ARG B 954 2.01 17.05 -28.62
N ARG B 955 1.13 17.38 -27.66
CA ARG B 955 0.77 16.39 -26.64
C ARG B 955 0.17 15.14 -27.26
N ASP B 956 -0.57 15.26 -28.35
CA ASP B 956 -1.13 14.07 -29.00
C ASP B 956 -0.04 13.18 -29.59
N ASP B 957 1.19 13.65 -29.68
CA ASP B 957 2.29 12.86 -30.23
C ASP B 957 3.19 12.30 -29.15
N LEU B 958 2.75 12.34 -27.89
CA LEU B 958 3.60 11.89 -26.79
C LEU B 958 4.04 10.44 -26.96
N ASP B 959 3.12 9.55 -27.33
CA ASP B 959 3.50 8.15 -27.46
C ASP B 959 4.55 7.96 -28.54
N ARG B 960 4.40 8.68 -29.66
CA ARG B 960 5.39 8.62 -30.73
C ARG B 960 6.74 9.18 -30.26
N LEU B 961 6.71 10.23 -29.44
CA LEU B 961 7.95 10.78 -28.91
C LEU B 961 8.68 9.76 -28.03
N VAL B 962 7.94 9.04 -27.19
CA VAL B 962 8.56 7.97 -26.40
C VAL B 962 9.21 6.95 -27.32
N ASP B 963 8.54 6.60 -28.43
CA ASP B 963 9.17 5.74 -29.44
C ASP B 963 10.45 6.36 -29.95
N ASP B 964 10.43 7.66 -30.26
CA ASP B 964 11.62 8.33 -30.75
C ASP B 964 12.77 8.23 -29.76
N VAL B 965 12.47 8.37 -28.46
CA VAL B 965 13.52 8.26 -27.45
C VAL B 965 14.07 6.85 -27.40
N ASN B 966 13.20 5.84 -27.43
CA ASN B 966 13.65 4.45 -27.38
C ASN B 966 14.42 4.08 -28.63
N ALA B 967 14.16 4.78 -29.75
CA ALA B 967 14.70 4.39 -31.05
C ALA B 967 16.20 4.57 -31.14
N THR B 968 16.81 5.39 -30.28
CA THR B 968 18.25 5.53 -30.33
C THR B 968 18.95 4.22 -29.99
N GLY B 969 18.27 3.30 -29.30
CA GLY B 969 18.87 2.07 -28.84
C GLY B 969 19.50 2.17 -27.47
N TYR B 970 19.68 3.39 -26.95
CA TYR B 970 20.18 3.61 -25.60
C TYR B 970 19.03 3.53 -24.61
N GLY B 971 19.38 3.41 -23.34
CA GLY B 971 18.36 3.37 -22.31
C GLY B 971 18.98 3.50 -20.94
N LEU B 972 19.63 4.64 -20.68
CA LEU B 972 20.30 4.86 -19.40
C LEU B 972 19.42 5.67 -18.46
N THR B 973 19.47 7.00 -18.51
CA THR B 973 18.63 7.81 -17.64
C THR B 973 17.51 8.44 -18.46
N PHE B 974 16.43 8.79 -17.75
CA PHE B 974 15.27 9.39 -18.38
C PHE B 974 14.54 10.19 -17.32
N GLY B 975 14.11 11.41 -17.68
CA GLY B 975 13.35 12.24 -16.78
C GLY B 975 11.97 12.59 -17.34
N LEU B 976 11.01 12.73 -16.42
CA LEU B 976 9.66 13.15 -16.76
C LEU B 976 9.22 14.17 -15.74
N HIS B 977 8.78 15.34 -16.22
CA HIS B 977 8.21 16.38 -15.38
C HIS B 977 6.75 16.54 -15.77
N THR B 978 5.86 16.20 -14.86
CA THR B 978 4.42 16.29 -15.02
C THR B 978 3.78 16.13 -13.66
N ARG B 979 2.62 16.73 -13.50
CA ARG B 979 1.83 16.53 -12.29
C ARG B 979 0.77 15.47 -12.47
N LEU B 980 0.62 14.89 -13.65
CA LEU B 980 -0.57 14.11 -13.99
C LEU B 980 -0.27 12.62 -13.94
N ASP B 981 -1.03 11.90 -13.11
CA ASP B 981 -0.82 10.46 -12.95
C ASP B 981 -0.99 9.68 -14.26
N GLU B 982 -1.92 10.08 -15.13
CA GLU B 982 -2.09 9.33 -16.37
C GLU B 982 -0.84 9.46 -17.25
N THR B 983 -0.25 10.65 -17.30
CA THR B 983 0.97 10.83 -18.07
C THR B 983 2.14 10.06 -17.45
N ILE B 984 2.23 10.03 -16.12
CA ILE B 984 3.28 9.25 -15.47
C ILE B 984 3.13 7.76 -15.82
N ALA B 985 1.91 7.24 -15.74
CA ALA B 985 1.72 5.81 -16.01
C ALA B 985 2.01 5.49 -17.47
N HIS B 986 1.52 6.33 -18.38
CA HIS B 986 1.77 6.13 -19.81
C HIS B 986 3.27 6.14 -20.09
N VAL B 987 3.95 7.22 -19.73
CA VAL B 987 5.35 7.35 -20.10
C VAL B 987 6.22 6.30 -19.42
N THR B 988 6.02 6.06 -18.11
CA THR B 988 6.92 5.10 -17.48
C THR B 988 6.64 3.67 -17.95
N SER B 989 5.43 3.37 -18.41
CA SER B 989 5.17 2.03 -18.93
C SER B 989 5.77 1.81 -20.31
N ARG B 990 6.04 2.88 -21.07
CA ARG B 990 6.47 2.75 -22.46
C ARG B 990 7.94 3.07 -22.67
N ILE B 991 8.54 3.86 -21.79
CA ILE B 991 9.96 4.18 -21.93
C ILE B 991 10.79 2.95 -21.57
N LYS B 992 11.93 2.80 -22.24
CA LYS B 992 12.82 1.66 -22.00
C LYS B 992 14.17 2.20 -21.54
N ALA B 993 14.27 2.53 -20.26
CA ALA B 993 15.52 3.03 -19.70
C ALA B 993 15.71 2.48 -18.30
N GLY B 994 16.96 2.41 -17.87
CA GLY B 994 17.27 1.75 -16.61
C GLY B 994 17.08 2.60 -15.36
N ASN B 995 17.16 3.93 -15.49
CA ASN B 995 17.07 4.86 -14.36
C ASN B 995 16.09 5.95 -14.74
N LEU B 996 14.91 5.89 -14.14
CA LEU B 996 13.83 6.83 -14.40
C LEU B 996 13.77 7.82 -13.24
N TYR B 997 13.48 9.07 -13.56
CA TYR B 997 13.40 10.13 -12.57
C TYR B 997 12.15 10.96 -12.82
N ILE B 998 11.33 11.14 -11.80
CA ILE B 998 10.06 11.83 -11.94
C ILE B 998 10.10 13.11 -11.10
N ASN B 999 9.97 14.26 -11.78
CA ASN B 999 9.86 15.57 -11.13
C ASN B 999 11.11 15.91 -10.32
N ARG B 1000 12.27 15.52 -10.86
CA ARG B 1000 13.58 15.83 -10.27
C ARG B 1000 14.60 15.77 -11.38
N ASN B 1001 15.87 16.07 -11.02
CA ASN B 1001 16.92 15.95 -12.01
C ASN B 1001 17.24 14.47 -12.27
N ILE B 1002 18.06 14.22 -13.28
CA ILE B 1002 18.28 12.85 -13.73
C ILE B 1002 19.72 12.40 -13.45
N ILE B 1003 20.45 13.11 -12.57
CA ILE B 1003 21.85 12.81 -12.33
C ILE B 1003 22.09 12.45 -10.86
N GLY B 1004 23.29 11.97 -10.58
CA GLY B 1004 23.68 11.69 -9.21
C GLY B 1004 22.97 10.49 -8.59
N ALA B 1005 22.83 9.39 -9.33
CA ALA B 1005 22.26 8.18 -8.76
C ALA B 1005 23.01 7.78 -7.49
N VAL B 1006 22.24 7.38 -6.50
CA VAL B 1006 22.75 7.08 -5.16
C VAL B 1006 22.84 5.57 -5.00
N VAL B 1007 24.03 5.10 -4.61
CA VAL B 1007 24.29 3.68 -4.41
C VAL B 1007 23.23 3.06 -3.50
N GLY B 1008 22.65 1.93 -3.93
CA GLY B 1008 21.67 1.21 -3.14
C GLY B 1008 20.32 1.88 -3.02
N VAL B 1009 20.14 3.05 -3.64
CA VAL B 1009 18.88 3.78 -3.63
C VAL B 1009 18.35 3.96 -5.04
N GLN B 1010 19.20 4.43 -5.97
CA GLN B 1010 18.98 4.28 -7.41
C GLN B 1010 20.14 3.48 -7.99
N PRO B 1011 20.12 2.15 -7.83
CA PRO B 1011 21.10 1.31 -8.56
C PRO B 1011 21.17 1.72 -10.02
N PHE B 1012 22.39 1.85 -10.53
CA PHE B 1012 22.64 2.63 -11.74
C PHE B 1012 23.06 1.74 -12.90
N GLY B 1013 22.38 1.87 -14.01
CA GLY B 1013 22.76 1.20 -15.22
C GLY B 1013 21.56 0.99 -16.12
N GLY B 1014 21.83 0.86 -17.40
CA GLY B 1014 20.76 0.67 -18.36
C GLY B 1014 20.93 -0.54 -19.23
N ARG B 1015 20.24 -0.50 -20.36
CA ARG B 1015 20.04 -1.64 -21.25
C ARG B 1015 20.43 -1.23 -22.67
N GLY B 1016 20.33 -2.17 -23.60
CA GLY B 1016 20.64 -1.86 -24.99
C GLY B 1016 22.07 -1.36 -25.16
N LEU B 1017 22.23 -0.28 -25.91
CA LEU B 1017 23.54 0.30 -26.14
C LEU B 1017 24.13 0.94 -24.89
N SER B 1018 23.38 1.02 -23.79
CA SER B 1018 23.90 1.58 -22.56
C SER B 1018 24.69 0.60 -21.72
N GLY B 1019 24.60 -0.69 -22.00
CA GLY B 1019 25.50 -1.62 -21.34
C GLY B 1019 24.88 -2.99 -21.14
N THR B 1020 25.68 -3.84 -20.47
CA THR B 1020 25.32 -5.23 -20.23
C THR B 1020 24.52 -5.42 -18.95
N GLY B 1021 24.63 -4.50 -18.00
CA GLY B 1021 24.25 -4.79 -16.64
C GLY B 1021 25.19 -5.84 -16.05
N PRO B 1022 24.96 -6.23 -14.81
CA PRO B 1022 23.93 -5.73 -13.91
C PRO B 1022 24.23 -4.32 -13.41
N LYS B 1023 23.27 -3.69 -12.75
CA LYS B 1023 23.44 -2.33 -12.26
C LYS B 1023 24.51 -2.27 -11.17
N ALA B 1024 25.36 -1.26 -11.28
CA ALA B 1024 26.26 -0.89 -10.19
C ALA B 1024 25.47 -0.33 -9.02
N GLY B 1025 25.95 -0.63 -7.81
CA GLY B 1025 25.23 -0.16 -6.65
C GLY B 1025 23.90 -0.84 -6.46
N GLY B 1026 23.75 -2.04 -7.01
CA GLY B 1026 22.52 -2.79 -6.89
C GLY B 1026 22.83 -4.23 -6.50
N PRO B 1027 21.78 -5.00 -6.25
CA PRO B 1027 21.96 -6.29 -5.56
C PRO B 1027 22.36 -7.43 -6.47
N LEU B 1028 22.35 -7.26 -7.79
CA LEU B 1028 22.79 -8.32 -8.68
C LEU B 1028 24.26 -8.21 -9.06
N TYR B 1029 24.94 -7.14 -8.64
CA TYR B 1029 26.27 -6.82 -9.15
C TYR B 1029 27.28 -7.89 -8.76
N LEU B 1030 27.36 -8.21 -7.47
CA LEU B 1030 28.43 -9.11 -7.03
C LEU B 1030 28.25 -10.50 -7.63
N GLY B 1031 27.01 -10.89 -7.94
CA GLY B 1031 26.78 -12.22 -8.45
C GLY B 1031 27.40 -12.47 -9.81
N ARG B 1032 27.71 -11.41 -10.55
CA ARG B 1032 28.36 -11.53 -11.84
C ARG B 1032 29.85 -11.79 -11.70
N LEU B 1033 30.40 -11.63 -10.50
CA LEU B 1033 31.84 -11.66 -10.28
C LEU B 1033 32.27 -12.92 -9.54
N VAL B 1034 31.38 -13.92 -9.48
CA VAL B 1034 31.66 -15.24 -8.95
C VAL B 1034 31.15 -16.24 -9.98
N THR B 1035 31.61 -17.50 -9.86
CA THR B 1035 31.22 -18.48 -10.87
C THR B 1035 29.85 -19.09 -10.60
N THR B 1036 29.38 -19.02 -9.35
CA THR B 1036 28.03 -19.44 -8.98
C THR B 1036 27.41 -18.28 -8.22
N ALA B 1037 26.33 -17.70 -8.78
CA ALA B 1037 25.74 -16.50 -8.18
C ALA B 1037 24.92 -16.85 -6.95
N PRO B 1038 24.99 -16.03 -5.90
CA PRO B 1038 24.12 -16.22 -4.74
C PRO B 1038 22.72 -15.66 -5.00
N VAL B 1039 21.84 -15.92 -4.05
CA VAL B 1039 20.50 -15.33 -4.06
C VAL B 1039 20.60 -13.96 -3.40
N PRO B 1040 20.40 -12.86 -4.12
CA PRO B 1040 20.55 -11.55 -3.50
C PRO B 1040 19.48 -11.30 -2.44
N PRO B 1041 19.74 -10.39 -1.50
CA PRO B 1041 18.70 -9.99 -0.55
C PRO B 1041 17.46 -9.53 -1.30
N GLN B 1042 16.29 -9.92 -0.78
CA GLN B 1042 14.98 -9.50 -1.26
C GLN B 1042 14.66 -9.98 -2.66
N HIS B 1043 15.47 -10.88 -3.23
CA HIS B 1043 15.36 -11.24 -4.65
C HIS B 1043 14.45 -12.45 -4.81
N SER B 1044 13.16 -12.18 -5.03
CA SER B 1044 12.17 -13.21 -5.26
C SER B 1044 10.95 -12.55 -5.86
N SER B 1045 10.01 -13.38 -6.32
CA SER B 1045 8.73 -12.88 -6.83
C SER B 1045 7.66 -13.93 -6.62
N VAL B 1046 6.45 -13.51 -6.25
CA VAL B 1046 5.34 -14.45 -6.11
C VAL B 1046 4.66 -14.73 -7.43
N HIS B 1047 5.04 -14.02 -8.49
CA HIS B 1047 4.37 -14.15 -9.77
C HIS B 1047 5.02 -15.23 -10.63
N THR B 1048 4.19 -15.94 -11.39
CA THR B 1048 4.66 -16.97 -12.30
C THR B 1048 4.25 -16.60 -13.72
N ASP B 1049 5.21 -16.61 -14.63
CA ASP B 1049 4.91 -16.23 -16.00
C ASP B 1049 3.89 -17.21 -16.59
N PRO B 1050 2.81 -16.73 -17.20
CA PRO B 1050 1.75 -17.64 -17.66
C PRO B 1050 2.14 -18.44 -18.88
N VAL B 1051 3.04 -17.92 -19.71
CA VAL B 1051 3.52 -18.68 -20.86
C VAL B 1051 4.44 -19.80 -20.41
N LEU B 1052 5.28 -19.55 -19.39
CA LEU B 1052 6.04 -20.62 -18.76
C LEU B 1052 5.10 -21.73 -18.28
N LEU B 1053 4.01 -21.35 -17.62
CA LEU B 1053 3.07 -22.35 -17.13
C LEU B 1053 2.50 -23.19 -18.27
N ASP B 1054 2.13 -22.53 -19.38
CA ASP B 1054 1.60 -23.25 -20.53
C ASP B 1054 2.66 -24.19 -21.12
N PHE B 1055 3.92 -23.76 -21.10
CA PHE B 1055 5.00 -24.60 -21.60
C PHE B 1055 5.18 -25.85 -20.74
N ALA B 1056 5.06 -25.69 -19.41
CA ALA B 1056 5.22 -26.83 -18.52
C ALA B 1056 4.11 -27.86 -18.75
N LYS B 1057 2.88 -27.39 -18.97
CA LYS B 1057 1.78 -28.32 -19.25
C LYS B 1057 2.01 -29.06 -20.56
N TRP B 1058 2.49 -28.33 -21.57
CA TRP B 1058 2.80 -28.98 -22.86
C TRP B 1058 3.89 -30.04 -22.67
N LEU B 1059 4.92 -29.74 -21.89
CA LEU B 1059 5.93 -30.75 -21.59
C LEU B 1059 5.32 -31.94 -20.83
N ASP B 1060 4.39 -31.67 -19.88
CA ASP B 1060 3.69 -32.74 -19.20
C ASP B 1060 3.00 -33.66 -20.20
N GLY B 1061 2.31 -33.08 -21.18
CA GLY B 1061 1.56 -33.89 -22.13
C GLY B 1061 2.43 -34.78 -22.98
N LYS B 1062 3.69 -34.39 -23.18
CA LYS B 1062 4.63 -35.18 -23.96
C LYS B 1062 5.38 -36.20 -23.12
N GLY B 1063 5.14 -36.26 -21.81
CA GLY B 1063 5.90 -37.14 -20.95
C GLY B 1063 7.31 -36.71 -20.69
N ALA B 1064 7.63 -35.44 -20.94
CA ALA B 1064 8.98 -34.91 -20.71
C ALA B 1064 9.11 -34.49 -19.24
N ARG B 1065 9.17 -35.49 -18.37
CA ARG B 1065 8.96 -35.26 -16.94
C ARG B 1065 10.08 -34.43 -16.32
N ALA B 1066 11.34 -34.76 -16.63
CA ALA B 1066 12.45 -33.98 -16.10
C ALA B 1066 12.39 -32.53 -16.56
N GLU B 1067 12.01 -32.31 -17.83
CA GLU B 1067 11.96 -30.95 -18.36
C GLU B 1067 10.78 -30.18 -17.80
N ALA B 1068 9.62 -30.82 -17.65
CA ALA B 1068 8.47 -30.13 -17.07
C ALA B 1068 8.75 -29.72 -15.63
N GLU B 1069 9.41 -30.60 -14.87
CA GLU B 1069 9.84 -30.23 -13.52
C GLU B 1069 10.83 -29.08 -13.55
N ALA B 1070 11.78 -29.11 -14.49
CA ALA B 1070 12.73 -28.01 -14.62
C ALA B 1070 12.01 -26.71 -14.95
N ALA B 1071 10.97 -26.79 -15.79
CA ALA B 1071 10.22 -25.60 -16.16
C ALA B 1071 9.49 -25.03 -14.95
N ARG B 1072 8.83 -25.90 -14.17
CA ARG B 1072 8.13 -25.42 -12.99
CA ARG B 1072 8.13 -25.43 -12.98
C ARG B 1072 9.10 -24.80 -11.99
N ASN B 1073 10.27 -25.41 -11.82
CA ASN B 1073 11.26 -24.86 -10.90
C ASN B 1073 11.77 -23.51 -11.39
N ALA B 1074 11.96 -23.34 -12.70
CA ALA B 1074 12.33 -22.03 -13.24
C ALA B 1074 11.23 -21.01 -12.98
N GLY B 1075 9.97 -21.40 -13.18
CA GLY B 1075 8.88 -20.46 -12.93
C GLY B 1075 8.86 -19.94 -11.51
N SER B 1076 9.15 -20.82 -10.55
CA SER B 1076 9.17 -20.41 -9.16
C SER B 1076 10.42 -19.59 -8.85
N SER B 1077 11.58 -20.04 -9.37
CA SER B 1077 12.89 -19.42 -9.12
C SER B 1077 12.99 -18.01 -9.66
N SER B 1078 12.29 -17.73 -10.76
CA SER B 1078 12.39 -16.45 -11.42
C SER B 1078 11.96 -15.33 -10.49
N ALA B 1079 12.69 -14.21 -10.54
CA ALA B 1079 12.30 -13.03 -9.79
C ALA B 1079 11.57 -12.01 -10.66
N LEU B 1080 11.17 -12.39 -11.87
CA LEU B 1080 10.35 -11.52 -12.69
C LEU B 1080 9.15 -11.02 -11.90
N GLY B 1081 8.95 -9.71 -11.89
CA GLY B 1081 7.84 -9.14 -11.14
C GLY B 1081 8.18 -8.59 -9.78
N LEU B 1082 9.42 -8.76 -9.34
CA LEU B 1082 9.89 -8.12 -8.12
CA LEU B 1082 9.87 -8.12 -8.11
C LEU B 1082 9.60 -6.63 -8.18
N ASP B 1083 9.11 -6.07 -7.08
CA ASP B 1083 8.69 -4.67 -7.05
C ASP B 1083 8.90 -4.17 -5.62
N LEU B 1084 10.00 -3.45 -5.41
CA LEU B 1084 10.50 -3.08 -4.08
C LEU B 1084 10.59 -1.58 -3.95
N GLU B 1085 10.37 -1.07 -2.74
CA GLU B 1085 10.77 0.28 -2.39
C GLU B 1085 12.04 0.22 -1.54
N LEU B 1086 13.08 0.94 -1.98
CA LEU B 1086 14.38 0.97 -1.31
C LEU B 1086 14.44 2.10 -0.31
N PRO B 1087 15.05 1.86 0.86
CA PRO B 1087 15.18 2.93 1.86
C PRO B 1087 16.02 4.08 1.34
N GLY B 1088 15.57 5.29 1.63
CA GLY B 1088 16.25 6.49 1.18
C GLY B 1088 15.75 7.71 1.93
N PRO B 1089 15.96 8.89 1.35
CA PRO B 1089 15.55 10.13 2.02
C PRO B 1089 14.04 10.32 2.02
N VAL B 1090 13.57 11.09 3.00
CA VAL B 1090 12.18 11.53 2.96
C VAL B 1090 11.93 12.38 1.70
N GLY B 1091 10.66 12.45 1.31
CA GLY B 1091 10.31 13.27 0.17
C GLY B 1091 10.65 12.65 -1.17
N GLU B 1092 11.01 11.37 -1.17
CA GLU B 1092 11.34 10.63 -2.37
C GLU B 1092 10.84 9.21 -2.21
N ARG B 1093 10.41 8.63 -3.31
CA ARG B 1093 10.06 7.21 -3.37
C ARG B 1093 10.97 6.57 -4.39
N ASN B 1094 11.76 5.58 -3.96
CA ASN B 1094 12.79 5.00 -4.80
C ASN B 1094 12.46 3.53 -5.00
N LEU B 1095 12.13 3.17 -6.24
CA LEU B 1095 11.55 1.88 -6.55
C LEU B 1095 12.53 1.08 -7.40
N TYR B 1096 12.47 -0.25 -7.23
CA TYR B 1096 13.37 -1.17 -7.92
C TYR B 1096 12.54 -2.35 -8.38
N THR B 1097 12.56 -2.63 -9.68
CA THR B 1097 11.66 -3.62 -10.26
C THR B 1097 12.42 -4.49 -11.26
N LEU B 1098 11.96 -5.73 -11.41
CA LEU B 1098 12.55 -6.66 -12.37
C LEU B 1098 11.55 -7.01 -13.46
N HIS B 1099 11.95 -6.78 -14.70
CA HIS B 1099 11.14 -6.97 -15.89
C HIS B 1099 11.80 -7.98 -16.81
N ALA B 1100 11.04 -8.41 -17.82
CA ALA B 1100 11.65 -9.19 -18.88
C ALA B 1100 12.71 -8.39 -19.60
N ARG B 1101 13.73 -9.08 -20.13
CA ARG B 1101 14.78 -8.39 -20.90
C ARG B 1101 14.34 -8.08 -22.33
N GLY B 1102 13.62 -8.99 -22.98
CA GLY B 1102 13.33 -8.85 -24.39
C GLY B 1102 13.33 -10.19 -25.11
N ARG B 1103 14.01 -10.28 -26.24
CA ARG B 1103 14.09 -11.52 -26.99
C ARG B 1103 15.47 -12.15 -26.78
N ILE B 1104 15.49 -13.37 -26.27
CA ILE B 1104 16.73 -14.06 -25.94
C ILE B 1104 17.10 -14.96 -27.11
N LEU B 1105 18.36 -14.86 -27.56
CA LEU B 1105 18.87 -15.78 -28.57
C LEU B 1105 19.17 -17.13 -27.94
N LEU B 1106 18.56 -18.19 -28.45
CA LEU B 1106 18.76 -19.55 -27.96
C LEU B 1106 19.59 -20.32 -28.98
N VAL B 1107 20.69 -20.88 -28.51
CA VAL B 1107 21.58 -21.66 -29.38
C VAL B 1107 21.68 -23.05 -28.75
N PRO B 1108 20.68 -23.89 -28.94
CA PRO B 1108 20.71 -25.24 -28.35
C PRO B 1108 21.55 -26.18 -29.18
N ALA B 1109 21.90 -27.29 -28.53
CA ALA B 1109 22.51 -28.43 -29.21
C ALA B 1109 21.61 -29.66 -29.20
N THR B 1110 20.86 -29.87 -28.12
CA THR B 1110 20.00 -31.04 -27.96
C THR B 1110 18.58 -30.61 -27.64
N GLU B 1111 17.63 -31.52 -27.87
CA GLU B 1111 16.23 -31.23 -27.58
C GLU B 1111 16.04 -30.88 -26.11
N SER B 1112 16.55 -31.71 -25.19
CA SER B 1112 16.46 -31.38 -23.77
C SER B 1112 17.09 -30.03 -23.47
N GLY B 1113 18.24 -29.73 -24.08
CA GLY B 1113 18.87 -28.44 -23.89
C GLY B 1113 17.97 -27.30 -24.32
N LEU B 1114 17.31 -27.46 -25.47
CA LEU B 1114 16.36 -26.44 -25.93
C LEU B 1114 15.22 -26.26 -24.93
N TYR B 1115 14.66 -27.37 -24.43
CA TYR B 1115 13.57 -27.26 -23.47
C TYR B 1115 14.01 -26.51 -22.21
N HIS B 1116 15.21 -26.79 -21.72
CA HIS B 1116 15.71 -26.09 -20.54
C HIS B 1116 15.95 -24.61 -20.85
N GLN B 1117 16.52 -24.30 -22.02
CA GLN B 1117 16.73 -22.91 -22.40
C GLN B 1117 15.41 -22.16 -22.52
N LEU B 1118 14.41 -22.78 -23.16
CA LEU B 1118 13.09 -22.18 -23.26
C LEU B 1118 12.48 -21.94 -21.89
N ALA B 1119 12.60 -22.93 -20.99
CA ALA B 1119 12.06 -22.75 -19.66
C ALA B 1119 12.67 -21.54 -18.96
N ALA B 1120 13.99 -21.40 -19.03
CA ALA B 1120 14.67 -20.28 -18.38
C ALA B 1120 14.18 -18.95 -18.95
N ALA B 1121 14.10 -18.86 -20.28
CA ALA B 1121 13.74 -17.60 -20.92
C ALA B 1121 12.27 -17.26 -20.69
N LEU B 1122 11.38 -18.26 -20.78
CA LEU B 1122 9.97 -18.00 -20.59
C LEU B 1122 9.66 -17.65 -19.15
N ALA B 1123 10.34 -18.31 -18.21
CA ALA B 1123 10.09 -18.03 -16.79
C ALA B 1123 10.43 -16.60 -16.41
N THR B 1124 11.32 -15.96 -17.16
CA THR B 1124 11.72 -14.58 -16.93
C THR B 1124 11.03 -13.60 -17.88
N GLY B 1125 9.96 -14.05 -18.54
CA GLY B 1125 9.09 -13.16 -19.29
C GLY B 1125 9.51 -12.88 -20.72
N ASN B 1126 10.55 -13.54 -21.20
CA ASN B 1126 11.14 -13.20 -22.49
C ASN B 1126 10.51 -13.97 -23.63
N SER B 1127 10.69 -13.42 -24.83
CA SER B 1127 10.52 -14.18 -26.06
C SER B 1127 11.87 -14.76 -26.45
N VAL B 1128 11.88 -15.61 -27.47
CA VAL B 1128 13.12 -16.24 -27.89
C VAL B 1128 13.25 -16.21 -29.40
N ALA B 1129 14.50 -16.21 -29.86
CA ALA B 1129 14.84 -16.55 -31.24
C ALA B 1129 15.77 -17.76 -31.17
N ILE B 1130 15.33 -18.88 -31.76
CA ILE B 1130 16.06 -20.14 -31.69
C ILE B 1130 16.88 -20.30 -32.95
N ASP B 1131 18.15 -20.63 -32.78
CA ASP B 1131 19.05 -20.88 -33.90
C ASP B 1131 18.52 -22.00 -34.79
N ALA B 1132 18.15 -21.66 -36.04
CA ALA B 1132 17.61 -22.67 -36.95
C ALA B 1132 18.64 -23.71 -37.35
N ALA B 1133 19.93 -23.37 -37.29
CA ALA B 1133 20.97 -24.33 -37.64
C ALA B 1133 21.04 -25.48 -36.65
N SER B 1134 20.38 -25.37 -35.50
CA SER B 1134 20.35 -26.48 -34.56
C SER B 1134 19.59 -27.68 -35.12
N GLY B 1135 18.71 -27.46 -36.09
CA GLY B 1135 17.94 -28.55 -36.66
C GLY B 1135 16.89 -29.15 -35.73
N LEU B 1136 16.49 -28.41 -34.69
CA LEU B 1136 15.61 -28.96 -33.66
C LEU B 1136 14.15 -28.56 -33.85
N GLN B 1137 13.77 -28.11 -35.05
CA GLN B 1137 12.43 -27.58 -35.28
C GLN B 1137 11.34 -28.60 -34.94
N ALA B 1138 11.59 -29.88 -35.21
CA ALA B 1138 10.59 -30.91 -34.91
C ALA B 1138 10.34 -31.07 -33.42
N SER B 1139 11.22 -30.53 -32.57
CA SER B 1139 11.05 -30.69 -31.12
C SER B 1139 9.95 -29.80 -30.57
N LEU B 1140 9.49 -28.80 -31.34
CA LEU B 1140 8.44 -27.90 -30.91
C LEU B 1140 7.15 -28.13 -31.69
N LYS B 1141 6.85 -29.39 -31.99
CA LYS B 1141 5.62 -29.72 -32.68
C LYS B 1141 4.43 -29.55 -31.73
N ASN B 1142 3.38 -28.88 -32.23
CA ASN B 1142 2.11 -28.73 -31.51
C ASN B 1142 2.28 -27.92 -30.23
N LEU B 1143 3.15 -26.90 -30.27
CA LEU B 1143 3.26 -25.98 -29.15
C LEU B 1143 1.92 -25.30 -28.91
N PRO B 1144 1.59 -24.99 -27.65
CA PRO B 1144 0.45 -24.10 -27.42
C PRO B 1144 0.66 -22.76 -28.10
N GLN B 1145 -0.43 -22.20 -28.63
CA GLN B 1145 -0.35 -20.91 -29.30
C GLN B 1145 0.27 -19.85 -28.39
N THR B 1146 -0.03 -19.91 -27.09
CA THR B 1146 0.55 -18.93 -26.17
C THR B 1146 2.07 -19.00 -26.19
N VAL B 1147 2.62 -20.21 -26.23
CA VAL B 1147 4.07 -20.34 -26.28
C VAL B 1147 4.59 -20.02 -27.68
N GLY B 1148 3.86 -20.45 -28.70
CA GLY B 1148 4.31 -20.20 -30.07
C GLY B 1148 4.48 -18.73 -30.37
N LEU B 1149 3.60 -17.88 -29.82
CA LEU B 1149 3.69 -16.44 -30.07
C LEU B 1149 4.99 -15.85 -29.56
N ARG B 1150 5.67 -16.52 -28.61
CA ARG B 1150 6.94 -16.03 -28.07
C ARG B 1150 8.14 -16.65 -28.74
N VAL B 1151 7.95 -17.55 -29.69
CA VAL B 1151 9.03 -18.32 -30.30
C VAL B 1151 9.18 -17.89 -31.74
N SER B 1152 10.43 -17.60 -32.14
CA SER B 1152 10.78 -17.47 -33.54
C SER B 1152 12.03 -18.29 -33.77
N TRP B 1153 12.25 -18.65 -35.03
CA TRP B 1153 13.44 -19.36 -35.45
C TRP B 1153 14.26 -18.42 -36.33
N SER B 1154 15.56 -18.38 -36.09
CA SER B 1154 16.42 -17.44 -36.80
C SER B 1154 17.46 -18.16 -37.65
N LYS B 1155 17.47 -17.85 -38.95
CA LYS B 1155 18.52 -18.27 -39.87
C LYS B 1155 19.56 -17.17 -40.08
N ASP B 1156 19.47 -16.08 -39.33
CA ASP B 1156 20.31 -14.90 -39.58
C ASP B 1156 20.29 -14.07 -38.30
N TRP B 1157 21.25 -14.35 -37.41
CA TRP B 1157 21.17 -13.75 -36.08
C TRP B 1157 21.31 -12.24 -36.16
N ALA B 1158 22.18 -11.74 -37.03
CA ALA B 1158 22.43 -10.31 -37.06
C ALA B 1158 21.26 -9.55 -37.65
N ALA B 1159 20.52 -10.18 -38.58
CA ALA B 1159 19.35 -9.53 -39.17
C ALA B 1159 18.15 -9.54 -38.24
N ASP B 1160 18.05 -10.55 -37.37
CA ASP B 1160 16.87 -10.78 -36.54
C ASP B 1160 16.98 -10.15 -35.16
N GLY B 1161 18.13 -9.60 -34.81
CA GLY B 1161 18.29 -8.88 -33.57
C GLY B 1161 17.72 -7.48 -33.65
N PRO B 1162 17.97 -6.66 -32.63
CA PRO B 1162 18.82 -6.92 -31.46
C PRO B 1162 18.17 -7.87 -30.48
N PHE B 1163 19.00 -8.69 -29.86
CA PHE B 1163 18.57 -9.57 -28.79
C PHE B 1163 18.94 -8.94 -27.46
N ALA B 1164 18.42 -9.54 -26.38
CA ALA B 1164 18.65 -9.01 -25.05
C ALA B 1164 19.50 -9.92 -24.19
N GLY B 1165 20.01 -11.01 -24.76
CA GLY B 1165 20.78 -11.99 -24.03
C GLY B 1165 20.86 -13.24 -24.87
N ALA B 1166 21.64 -14.22 -24.39
CA ALA B 1166 21.80 -15.44 -25.15
C ALA B 1166 22.06 -16.61 -24.22
N LEU B 1167 21.51 -17.77 -24.59
CA LEU B 1167 21.76 -19.03 -23.91
C LEU B 1167 22.36 -20.00 -24.92
N VAL B 1168 23.47 -20.65 -24.56
CA VAL B 1168 24.24 -21.48 -25.48
C VAL B 1168 24.47 -22.84 -24.84
N GLU B 1169 24.31 -23.91 -25.61
CA GLU B 1169 24.57 -25.27 -25.19
C GLU B 1169 25.63 -25.86 -26.10
N GLY B 1170 26.67 -26.47 -25.51
CA GLY B 1170 27.62 -27.21 -26.32
C GLY B 1170 28.91 -27.45 -25.58
N ASP B 1171 29.85 -28.08 -26.29
CA ASP B 1171 31.17 -28.32 -25.72
C ASP B 1171 32.03 -27.06 -25.86
N ALA B 1172 33.28 -27.16 -25.41
CA ALA B 1172 34.15 -25.99 -25.35
C ALA B 1172 34.34 -25.37 -26.72
N GLU B 1173 34.61 -26.19 -27.75
CA GLU B 1173 34.79 -25.64 -29.09
C GLU B 1173 33.52 -24.95 -29.58
N ARG B 1174 32.36 -25.54 -29.30
CA ARG B 1174 31.10 -24.94 -29.75
C ARG B 1174 30.83 -23.64 -29.03
N ILE B 1175 31.06 -23.61 -27.73
CA ILE B 1175 30.81 -22.40 -26.95
C ILE B 1175 31.67 -21.26 -27.45
N ARG B 1176 32.95 -21.53 -27.70
CA ARG B 1176 33.85 -20.49 -28.18
CA ARG B 1176 33.86 -20.51 -28.20
C ARG B 1176 33.41 -19.98 -29.55
N ALA B 1177 33.04 -20.88 -30.46
CA ALA B 1177 32.59 -20.45 -31.79
C ALA B 1177 31.34 -19.58 -31.70
N VAL B 1178 30.37 -20.00 -30.89
CA VAL B 1178 29.14 -19.22 -30.77
C VAL B 1178 29.42 -17.89 -30.09
N ASN B 1179 30.25 -17.91 -29.05
CA ASN B 1179 30.57 -16.68 -28.35
C ASN B 1179 31.20 -15.67 -29.29
N LYS B 1180 32.11 -16.14 -30.17
CA LYS B 1180 32.71 -15.25 -31.16
C LYS B 1180 31.68 -14.69 -32.13
N ALA B 1181 30.76 -15.54 -32.60
CA ALA B 1181 29.71 -15.07 -33.49
C ALA B 1181 28.81 -14.05 -32.80
N ILE B 1182 28.50 -14.28 -31.52
CA ILE B 1182 27.67 -13.33 -30.80
C ILE B 1182 28.40 -12.02 -30.61
N ALA B 1183 29.70 -12.07 -30.31
CA ALA B 1183 30.46 -10.84 -30.14
C ALA B 1183 30.48 -10.02 -31.41
N ALA B 1184 30.36 -10.67 -32.57
CA ALA B 1184 30.35 -9.97 -33.85
C ALA B 1184 28.99 -9.40 -34.25
N LEU B 1185 27.93 -9.64 -33.47
CA LEU B 1185 26.62 -9.10 -33.86
C LEU B 1185 26.61 -7.59 -33.65
N PRO B 1186 25.93 -6.83 -34.50
CA PRO B 1186 25.83 -5.38 -34.30
C PRO B 1186 24.90 -5.06 -33.14
N GLY B 1187 25.03 -3.83 -32.64
CA GLY B 1187 24.15 -3.34 -31.61
C GLY B 1187 24.63 -3.66 -30.21
N PRO B 1188 23.70 -4.02 -29.33
CA PRO B 1188 24.07 -4.16 -27.91
C PRO B 1188 24.98 -5.34 -27.65
N LEU B 1189 25.75 -5.21 -26.58
CA LEU B 1189 26.64 -6.29 -26.13
C LEU B 1189 25.83 -7.30 -25.33
N LEU B 1190 25.70 -8.52 -25.86
CA LEU B 1190 24.83 -9.49 -25.22
C LEU B 1190 25.51 -10.15 -24.03
N LEU B 1191 24.74 -10.29 -22.95
CA LEU B 1191 25.15 -11.12 -21.82
C LEU B 1191 24.88 -12.57 -22.19
N VAL B 1192 25.95 -13.34 -22.38
CA VAL B 1192 25.90 -14.72 -22.87
C VAL B 1192 26.10 -15.68 -21.69
N GLN B 1193 25.25 -16.69 -21.60
CA GLN B 1193 25.42 -17.80 -20.66
C GLN B 1193 25.56 -19.10 -21.42
N ALA B 1194 26.53 -19.92 -21.03
CA ALA B 1194 26.78 -21.18 -21.71
C ALA B 1194 26.78 -22.33 -20.73
N ALA B 1195 26.46 -23.51 -21.26
CA ALA B 1195 26.52 -24.74 -20.48
C ALA B 1195 26.69 -25.92 -21.41
N SER B 1196 27.34 -26.96 -20.91
CA SER B 1196 27.38 -28.21 -21.66
C SER B 1196 26.05 -28.94 -21.47
N SER B 1197 25.80 -29.89 -22.37
CA SER B 1197 24.63 -30.76 -22.21
C SER B 1197 24.66 -31.46 -20.87
N GLY B 1198 25.86 -31.86 -20.43
CA GLY B 1198 25.99 -32.52 -19.15
C GLY B 1198 25.65 -31.61 -17.98
N GLU B 1199 26.11 -30.35 -18.02
CA GLU B 1199 25.77 -29.43 -16.94
C GLU B 1199 24.26 -29.17 -16.88
N ILE B 1200 23.62 -29.07 -18.04
CA ILE B 1200 22.17 -28.88 -18.06
C ILE B 1200 21.47 -30.03 -17.36
N ALA B 1201 21.97 -31.26 -17.57
CA ALA B 1201 21.36 -32.44 -16.96
C ALA B 1201 21.59 -32.46 -15.45
N ARG B 1202 22.76 -32.00 -15.00
CA ARG B 1202 23.13 -32.17 -13.60
C ARG B 1202 22.92 -30.94 -12.73
N ASN B 1203 22.85 -29.75 -13.32
CA ASN B 1203 22.79 -28.51 -12.54
C ASN B 1203 21.52 -27.75 -12.85
N PRO B 1204 20.53 -27.73 -11.94
CA PRO B 1204 19.31 -26.95 -12.20
C PRO B 1204 19.56 -25.47 -12.42
N ASP B 1205 20.69 -24.94 -11.95
CA ASP B 1205 21.03 -23.53 -12.16
C ASP B 1205 22.08 -23.37 -13.27
N ALA B 1206 22.14 -24.30 -14.22
CA ALA B 1206 23.10 -24.19 -15.32
C ALA B 1206 22.96 -22.86 -16.03
N TYR B 1207 21.72 -22.40 -16.22
CA TYR B 1207 21.44 -21.06 -16.70
C TYR B 1207 20.86 -20.25 -15.54
N CYS B 1208 21.55 -19.18 -15.19
CA CYS B 1208 21.17 -18.36 -14.05
C CYS B 1208 20.08 -17.39 -14.46
N LEU B 1209 18.95 -17.43 -13.75
CA LEU B 1209 17.85 -16.52 -14.10
C LEU B 1209 18.12 -15.08 -13.71
N ASN B 1210 19.14 -14.82 -12.89
CA ASN B 1210 19.50 -13.46 -12.52
C ASN B 1210 19.75 -12.61 -13.77
N TRP B 1211 20.33 -13.21 -14.82
CA TRP B 1211 20.78 -12.45 -15.97
C TRP B 1211 19.75 -12.41 -17.08
N LEU B 1212 18.55 -12.95 -16.85
CA LEU B 1212 17.50 -12.98 -17.85
C LEU B 1212 16.37 -12.02 -17.53
N VAL B 1213 16.54 -11.18 -16.52
CA VAL B 1213 15.59 -10.11 -16.20
C VAL B 1213 16.32 -8.79 -16.35
N GLU B 1214 15.55 -7.72 -16.49
CA GLU B 1214 16.08 -6.37 -16.60
C GLU B 1214 15.71 -5.58 -15.35
N GLU B 1215 16.72 -4.95 -14.74
CA GLU B 1215 16.49 -4.09 -13.60
C GLU B 1215 16.05 -2.70 -14.04
N VAL B 1216 15.05 -2.14 -13.35
CA VAL B 1216 14.65 -0.76 -13.56
C VAL B 1216 14.57 -0.06 -12.22
N SER B 1217 15.21 1.11 -12.12
CA SER B 1217 15.15 1.98 -10.96
C SER B 1217 14.29 3.19 -11.31
N ALA B 1218 13.40 3.58 -10.41
CA ALA B 1218 12.61 4.79 -10.58
C ALA B 1218 12.66 5.62 -9.31
N SER B 1219 12.99 6.90 -9.44
CA SER B 1219 13.07 7.81 -8.31
C SER B 1219 12.04 8.91 -8.52
N ILE B 1220 11.08 9.00 -7.59
CA ILE B 1220 9.96 9.92 -7.70
C ILE B 1220 10.11 10.97 -6.60
N ASN B 1221 10.17 12.24 -6.98
CA ASN B 1221 10.21 13.34 -6.01
C ASN B 1221 8.79 13.57 -5.50
N THR B 1222 8.48 13.08 -4.30
CA THR B 1222 7.13 13.20 -3.74
C THR B 1222 6.92 14.50 -3.01
N ALA B 1223 7.93 15.36 -2.95
CA ALA B 1223 7.81 16.70 -2.42
C ALA B 1223 7.56 17.74 -3.50
N ALA B 1224 7.40 17.30 -4.76
CA ALA B 1224 7.42 18.23 -5.89
C ALA B 1224 6.26 19.22 -5.84
N ALA B 1225 5.13 18.86 -5.21
CA ALA B 1225 4.01 19.78 -5.16
C ALA B 1225 4.22 20.94 -4.20
N GLY B 1226 5.27 20.89 -3.38
CA GLY B 1226 5.57 21.97 -2.45
C GLY B 1226 5.69 21.56 -1.00
N GLY B 1227 5.41 20.30 -0.68
CA GLY B 1227 5.55 19.82 0.69
C GLY B 1227 5.52 18.30 0.68
N ASN B 1228 5.65 17.73 1.88
CA ASN B 1228 5.81 16.28 2.08
C ASN B 1228 4.62 15.75 2.88
N ALA B 1229 3.72 15.02 2.21
CA ALA B 1229 2.51 14.52 2.86
C ALA B 1229 2.85 13.62 4.05
N SER B 1230 3.84 12.73 3.90
CA SER B 1230 4.18 11.81 4.98
C SER B 1230 4.64 12.57 6.22
N LEU B 1231 5.45 13.61 6.04
CA LEU B 1231 5.94 14.36 7.19
C LEU B 1231 4.90 15.26 7.81
N MET B 1232 3.74 15.47 7.15
CA MET B 1232 2.66 16.17 7.83
C MET B 1232 2.15 15.41 9.05
N ALA B 1233 2.40 14.09 9.11
CA ALA B 1233 1.99 13.27 10.24
C ALA B 1233 3.05 13.16 11.33
N ILE B 1234 4.23 13.74 11.12
CA ILE B 1234 5.37 13.58 12.04
C ILE B 1234 5.53 14.87 12.84
N GLY B 1235 5.22 14.81 14.13
CA GLY B 1235 5.39 15.94 15.03
C GLY B 1235 6.03 15.53 16.35
N GGL C . -25.88 -13.65 -3.85
CA GGL C . -26.09 -15.00 -3.36
C GGL C . -24.88 -15.48 -2.64
O GGL C . -24.96 -16.50 -1.91
CB GGL C . -26.44 -15.94 -4.47
CG GGL C . -27.59 -15.37 -5.28
CD GGL C . -28.20 -16.43 -6.16
OE1 GGL C . -28.34 -17.61 -5.73
OE2 GGL C . -28.58 -16.15 -7.33
OXT GGL C . -23.77 -14.87 -2.78
S SO4 D . -15.47 9.75 -6.47
O1 SO4 D . -14.43 9.11 -7.34
O2 SO4 D . -15.04 9.73 -5.05
O3 SO4 D . -15.73 11.16 -6.90
O4 SO4 D . -16.71 8.92 -6.64
S SO4 E . 0.71 -34.30 -3.97
O1 SO4 E . 1.98 -33.70 -3.45
O2 SO4 E . 0.79 -35.80 -3.91
O3 SO4 E . -0.39 -33.86 -3.08
O4 SO4 E . 0.53 -33.86 -5.38
S SO4 F . -2.30 -8.86 6.66
O1 SO4 F . -0.95 -8.29 6.38
O2 SO4 F . -2.18 -9.84 7.80
O3 SO4 F . -3.25 -7.78 7.05
O4 SO4 F . -2.81 -9.56 5.44
S SO4 G . -28.25 7.43 -38.85
O1 SO4 G . -27.28 6.44 -39.44
O2 SO4 G . -28.43 7.20 -37.38
O3 SO4 G . -27.69 8.81 -39.07
O4 SO4 G . -29.59 7.30 -39.51
S SO4 H . -3.35 0.66 -47.34
O1 SO4 H . -1.91 0.76 -47.75
O2 SO4 H . -3.48 -0.30 -46.21
O3 SO4 H . -3.83 2.02 -46.93
O4 SO4 H . -4.16 0.16 -48.50
C1 PGE I . -6.38 -4.62 -11.72
O1 PGE I . -5.04 -4.85 -11.36
C2 PGE I . -6.71 -5.32 -13.04
O2 PGE I . -6.12 -4.64 -14.10
C3 PGE I . -6.43 -5.16 -15.36
C4 PGE I . -5.55 -4.51 -16.43
O4 PGE I . -1.89 -2.38 -15.22
C6 PGE I . -2.02 -3.46 -16.11
C5 PGE I . -3.45 -3.52 -16.66
O3 PGE I . -4.19 -4.54 -16.06
PA FAD J . -3.03 -7.50 29.40
O1A FAD J . -3.18 -6.50 30.58
O2A FAD J . -2.01 -7.26 28.39
O5B FAD J . -4.28 -7.62 28.62
C5B FAD J . -4.45 -8.06 27.27
C4B FAD J . -5.94 -8.24 27.03
O4B FAD J . -6.64 -7.03 26.94
C3B FAD J . -6.35 -8.94 25.77
O3B FAD J . -6.04 -10.28 25.81
C2B FAD J . -7.78 -8.59 25.66
O2B FAD J . -8.60 -9.37 26.49
C1B FAD J . -7.79 -7.18 26.16
N9A FAD J . -7.79 -6.20 25.09
C8A FAD J . -6.79 -5.91 24.18
N7A FAD J . -7.20 -4.94 23.36
C5A FAD J . -8.49 -4.55 23.72
C6A FAD J . -9.39 -3.62 23.25
N6A FAD J . -9.07 -2.76 22.16
N1A FAD J . -10.60 -3.51 23.83
C2A FAD J . -10.94 -4.28 24.89
N3A FAD J . -10.09 -5.21 25.39
C4A FAD J . -8.88 -5.36 24.83
N1 FAD J . -8.85 -16.24 27.81
C2 FAD J . -10.13 -16.71 27.46
O2 FAD J . -10.91 -16.03 26.63
N3 FAD J . -10.61 -17.93 27.97
C4 FAD J . -9.84 -18.67 28.84
O4 FAD J . -10.32 -19.85 29.33
C4X FAD J . -8.49 -18.21 29.23
N5 FAD J . -7.69 -18.96 30.17
C5X FAD J . -6.51 -18.31 30.64
C6 FAD J . -5.80 -18.89 31.79
C7 FAD J . -4.66 -18.24 32.28
C7M FAD J . -3.95 -18.86 33.45
C8 FAD J . -4.18 -17.02 31.70
C8M FAD J . -2.95 -16.37 32.25
C9 FAD J . -4.86 -16.46 30.61
C9A FAD J . -6.05 -17.14 30.09
N10 FAD J . -6.74 -16.58 28.97
C10 FAD J . -8.05 -17.02 28.72
C1' FAD J . -6.14 -15.51 28.15
C2' FAD J . -6.46 -14.18 28.80
O2' FAD J . -7.80 -13.95 28.72
C3' FAD J . -5.73 -12.99 28.17
O3' FAD J . -6.00 -12.96 26.81
C4' FAD J . -4.23 -12.93 28.37
O4' FAD J . -3.79 -13.58 29.52
C5' FAD J . -3.76 -11.47 28.37
O5' FAD J . -4.34 -10.68 29.40
P FAD J . -3.31 -10.17 30.50
O1P FAD J . -2.32 -11.27 30.98
O2P FAD J . -4.28 -9.53 31.58
O3P FAD J . -2.59 -8.87 29.79
N GGL K . 26.21 7.61 -11.72
CA GGL K . 26.44 8.87 -12.39
C GGL K . 25.20 9.68 -12.28
O GGL K . 24.10 9.15 -11.98
CB GGL K . 26.81 8.67 -13.84
CG GGL K . 28.05 7.84 -13.98
CD GGL K . 28.67 7.97 -15.35
OE1 GGL K . 29.04 6.94 -15.98
OE2 GGL K . 28.84 9.11 -15.87
OXT GGL K . 25.24 10.93 -12.49
S SO4 L . 15.68 -10.89 2.77
O1 SO4 L . 16.95 -10.42 2.13
O2 SO4 L . 15.93 -12.17 3.49
O3 SO4 L . 15.20 -9.90 3.75
O4 SO4 L . 14.71 -11.10 1.67
S SO4 M . 2.10 11.18 -1.97
O1 SO4 M . 2.59 10.77 -3.32
O2 SO4 M . 3.08 10.73 -0.94
O3 SO4 M . 1.98 12.68 -1.91
O4 SO4 M . 0.76 10.56 -1.70
S SO4 N . -0.04 21.42 -27.46
O1 SO4 N . 0.98 21.79 -26.43
O2 SO4 N . 0.18 20.04 -28.00
O3 SO4 N . 0.02 22.42 -28.57
O4 SO4 N . -1.41 21.48 -26.84
S SO4 O . 31.62 -29.53 -18.50
O1 SO4 O . 32.30 -30.61 -19.28
O2 SO4 O . 32.39 -29.22 -17.25
O3 SO4 O . 31.52 -28.29 -19.33
O4 SO4 O . 30.24 -30.01 -18.13
C1 PEG P . 25.26 0.23 10.75
O1 PEG P . 24.76 0.29 12.07
C2 PEG P . 26.61 -0.49 10.76
O2 PEG P . 26.77 -1.21 9.58
C3 PEG P . 27.97 -1.93 9.48
C4 PEG P . 27.78 -3.29 10.15
O4 PEG P . 28.97 -4.04 10.04
C1 PGE Q . 7.03 -4.91 -11.72
O1 PGE Q . 5.66 -4.61 -11.79
C2 PGE Q . 7.48 -5.63 -13.00
O2 PGE Q . 6.68 -6.76 -13.24
C3 PGE Q . 6.98 -7.37 -14.47
C4 PGE Q . 6.17 -8.65 -14.63
O4 PGE Q . 2.47 -9.27 -12.48
C6 PGE Q . 2.62 -9.28 -13.87
C5 PGE Q . 4.07 -9.61 -14.24
O3 PGE Q . 4.84 -8.44 -14.29
PA FAD R . 2.05 26.03 15.34
O1A FAD R . 2.07 26.12 16.89
O2A FAD R . 1.19 25.04 14.75
O5B FAD R . 3.38 25.63 14.77
C5B FAD R . 3.60 24.96 13.52
C4B FAD R . 5.10 24.96 13.25
O4B FAD R . 5.81 24.02 14.01
C3B FAD R . 5.50 24.62 11.85
O3B FAD R . 5.24 25.61 10.92
C2B FAD R . 6.96 24.34 12.01
O2B FAD R . 7.71 25.51 12.08
C1B FAD R . 6.97 23.64 13.31
N9A FAD R . 6.99 22.18 13.22
C8A FAD R . 6.02 21.33 12.74
N7A FAD R . 6.43 20.06 12.87
C5A FAD R . 7.69 20.06 13.47
C6A FAD R . 8.57 19.06 13.87
N6A FAD R . 8.23 17.69 13.66
N1A FAD R . 9.74 19.40 14.45
C2A FAD R . 10.08 20.69 14.67
N3A FAD R . 9.23 21.70 14.30
C4A FAD R . 8.05 21.41 13.72
N1 FAD R . 8.03 31.35 8.35
C2 FAD R . 9.33 31.52 7.80
O2 FAD R . 10.15 30.45 7.73
N3 FAD R . 9.80 32.75 7.35
C4 FAD R . 9.01 33.88 7.41
O4 FAD R . 9.52 35.06 6.96
C4X FAD R . 7.65 33.74 7.96
N5 FAD R . 6.84 34.91 8.12
C5X FAD R . 5.62 34.74 8.85
C6 FAD R . 4.86 35.95 9.21
C7 FAD R . 3.67 35.79 9.93
C7M FAD R . 2.88 37.00 10.32
C8 FAD R . 3.19 34.51 10.32
C8M FAD R . 1.92 34.33 11.10
C9 FAD R . 3.91 33.35 9.98
C9A FAD R . 5.15 33.53 9.22
N10 FAD R . 5.87 32.34 8.90
C10 FAD R . 7.20 32.51 8.41
C1' FAD R . 5.27 31.00 9.00
C2' FAD R . 5.60 30.55 10.39
O2' FAD R . 6.97 30.39 10.52
C3' FAD R . 4.92 29.24 10.77
O3' FAD R . 5.22 28.33 9.77
C4' FAD R . 3.41 29.23 10.96
O4' FAD R . 2.92 30.49 11.30
C5' FAD R . 2.99 28.16 11.97
O5' FAD R . 3.45 28.34 13.29
P FAD R . 2.30 28.68 14.36
O1P FAD R . 1.28 29.75 13.81
O2P FAD R . 3.05 28.97 15.73
O3P FAD R . 1.64 27.23 14.56
#